data_9LXG
# 
_entry.id   9LXG 
# 
_audit_conform.dict_name       mmcif_pdbx.dic 
_audit_conform.dict_version    5.404 
_audit_conform.dict_location   http://mmcif.pdb.org/dictionaries/ascii/mmcif_pdbx.dic 
# 
loop_
_database_2.database_id 
_database_2.database_code 
_database_2.pdbx_database_accession 
_database_2.pdbx_DOI 
PDB   9LXG         pdb_00009lxg 10.2210/pdb9lxg/pdb 
WWPDB D_1300056736 ?            ?                   
# 
loop_
_pdbx_audit_revision_history.ordinal 
_pdbx_audit_revision_history.data_content_type 
_pdbx_audit_revision_history.major_revision 
_pdbx_audit_revision_history.minor_revision 
_pdbx_audit_revision_history.revision_date 
_pdbx_audit_revision_history.part_number 
1 'Structure model' 1 0 2025-03-05 ? 
2 'Structure model' 1 1 2025-09-24 ? 
# 
_pdbx_audit_revision_details.ordinal             1 
_pdbx_audit_revision_details.revision_ordinal    1 
_pdbx_audit_revision_details.data_content_type   'Structure model' 
_pdbx_audit_revision_details.provider            repository 
_pdbx_audit_revision_details.type                'Initial release' 
_pdbx_audit_revision_details.description         ? 
_pdbx_audit_revision_details.details             ? 
# 
_pdbx_audit_revision_group.ordinal             1 
_pdbx_audit_revision_group.revision_ordinal    2 
_pdbx_audit_revision_group.data_content_type   'Structure model' 
_pdbx_audit_revision_group.group               'Database references' 
# 
loop_
_pdbx_audit_revision_category.ordinal 
_pdbx_audit_revision_category.revision_ordinal 
_pdbx_audit_revision_category.data_content_type 
_pdbx_audit_revision_category.category 
1 2 'Structure model' citation        
2 2 'Structure model' citation_author 
# 
loop_
_pdbx_audit_revision_item.ordinal 
_pdbx_audit_revision_item.revision_ordinal 
_pdbx_audit_revision_item.data_content_type 
_pdbx_audit_revision_item.item 
1  2 'Structure model' '_citation.country'                 
2  2 'Structure model' '_citation.journal_abbrev'          
3  2 'Structure model' '_citation.journal_id_ASTM'         
4  2 'Structure model' '_citation.journal_id_CSD'          
5  2 'Structure model' '_citation.journal_id_ISSN'         
6  2 'Structure model' '_citation.journal_volume'          
7  2 'Structure model' '_citation.page_first'              
8  2 'Structure model' '_citation.page_last'               
9  2 'Structure model' '_citation.pdbx_database_id_DOI'    
10 2 'Structure model' '_citation.pdbx_database_id_PubMed' 
11 2 'Structure model' '_citation.title'                   
12 2 'Structure model' '_citation.year'                    
# 
_pdbx_database_status.status_code                     REL 
_pdbx_database_status.status_code_sf                  REL 
_pdbx_database_status.status_code_mr                  ? 
_pdbx_database_status.entry_id                        9LXG 
_pdbx_database_status.recvd_initial_deposition_date   2025-02-18 
_pdbx_database_status.SG_entry                        N 
_pdbx_database_status.deposit_site                    PDBJ 
_pdbx_database_status.process_site                    PDBJ 
_pdbx_database_status.status_code_cs                  ? 
_pdbx_database_status.status_code_nmr_data            ? 
_pdbx_database_status.methods_development_category    ? 
_pdbx_database_status.pdb_format_compatible           Y 
# 
loop_
_pdbx_contact_author.id 
_pdbx_contact_author.email 
_pdbx_contact_author.name_first 
_pdbx_contact_author.name_last 
_pdbx_contact_author.name_mi 
_pdbx_contact_author.role 
_pdbx_contact_author.identifier_ORCID 
2 fnakamura@tju.edu.cn Fumihiko NAKAMURA ? 'principal investigator/group leader' 0000-0002-6872-4246 
3 kmei@tju.edu.cn      Kunrong  MEI      ? 'principal investigator/group leader' 0000-0001-7827-2944 
# 
loop_
_audit_author.name 
_audit_author.pdbx_ordinal 
_audit_author.identifier_ORCID 
'Mao, Z.F.'    1 ? 
'Yuanyuan, D.' 2 ? 
# 
_citation.abstract                  ? 
_citation.abstract_id_CAS           ? 
_citation.book_id_ISBN              ? 
_citation.book_publisher            ? 
_citation.book_publisher_city       ? 
_citation.book_title                ? 
_citation.coordinate_linkage        ? 
_citation.country                   UK 
_citation.database_id_Medline       ? 
_citation.details                   ? 
_citation.id                        primary 
_citation.journal_abbrev            J.Mol.Biol. 
_citation.journal_id_ASTM           JMOBAK 
_citation.journal_id_CSD            0070 
_citation.journal_id_ISSN           1089-8638 
_citation.journal_full              ? 
_citation.journal_issue             ? 
_citation.journal_volume            437 
_citation.language                  ? 
_citation.page_first                169262 
_citation.page_last                 169262 
_citation.title                     
'Structural Basis of the LARP4-Filamin A Interaction and Competition with Integrin beta 7 Tails.' 
_citation.year                      2025 
_citation.database_id_CSD           ? 
_citation.pdbx_database_id_DOI      10.1016/j.jmb.2025.169262 
_citation.pdbx_database_id_PubMed   40466905 
_citation.pdbx_database_id_patent   ? 
_citation.unpublished_flag          ? 
# 
loop_
_citation_author.citation_id 
_citation_author.name 
_citation_author.ordinal 
_citation_author.identifier_ORCID 
primary 'Mao, Z.'      1 ? 
primary 'Ding, Y.'     2 ? 
primary 'Liu, Y.'      3 ? 
primary 'Mei, K.'      4 ? 
primary 'Nakamura, F.' 5 ? 
# 
loop_
_entity.id 
_entity.type 
_entity.src_method 
_entity.pdbx_description 
_entity.formula_weight 
_entity.pdbx_number_of_molecules 
_entity.pdbx_ec 
_entity.pdbx_mutation 
_entity.pdbx_fragment 
_entity.details 
1 polymer man Filamin-A              10179.178 1  ? ? ? ? 
2 polymer man 'La-related protein 4' 1496.775  1  ? ? ? ? 
3 water   nat water                  18.015    11 ? ? ? ? 
# 
loop_
_entity_name_com.entity_id 
_entity_name_com.name 
1 'FLN-A,Actin-binding protein 280,ABP-280,Alpha-filamin,Endothelial actin-binding protein,Filamin-1,Non-muscle filamin' 
2 'La ribonucleoprotein domain family member 4'                                                                          
# 
loop_
_entity_poly.entity_id 
_entity_poly.type 
_entity_poly.nstd_linkage 
_entity_poly.nstd_monomer 
_entity_poly.pdbx_seq_one_letter_code 
_entity_poly.pdbx_seq_one_letter_code_can 
_entity_poly.pdbx_strand_id 
_entity_poly.pdbx_target_identifier 
1 'polypeptide(L)' no no 
;MGGAHKVRAGGPGLERAEAGVPAEFSIWTREAGAGGLAIAVEGPSKAEISFEDRKDGSCGVAYVVQEPGDYEVSVKFNEE
HIPDSPFVVPVASPSGGGGGG
;
;MGGAHKVRAGGPGLERAEAGVPAEFSIWTREAGAGGLAIAVEGPSKAEISFEDRKDGSCGVAYVVQEPGDYEVSVKFNEE
HIPDSPFVVPVASPSGGGGGG
;
A ? 
2 'polypeptide(L)' no no ARIKAINTFFAKN                                                                                            
ARIKAINTFFAKN                                                                                            B ? 
# 
_pdbx_entity_nonpoly.entity_id   3 
_pdbx_entity_nonpoly.name        water 
_pdbx_entity_nonpoly.comp_id     HOH 
# 
loop_
_entity_poly_seq.entity_id 
_entity_poly_seq.num 
_entity_poly_seq.mon_id 
_entity_poly_seq.hetero 
1 1   MET n 
1 2   GLY n 
1 3   GLY n 
1 4   ALA n 
1 5   HIS n 
1 6   LYS n 
1 7   VAL n 
1 8   ARG n 
1 9   ALA n 
1 10  GLY n 
1 11  GLY n 
1 12  PRO n 
1 13  GLY n 
1 14  LEU n 
1 15  GLU n 
1 16  ARG n 
1 17  ALA n 
1 18  GLU n 
1 19  ALA n 
1 20  GLY n 
1 21  VAL n 
1 22  PRO n 
1 23  ALA n 
1 24  GLU n 
1 25  PHE n 
1 26  SER n 
1 27  ILE n 
1 28  TRP n 
1 29  THR n 
1 30  ARG n 
1 31  GLU n 
1 32  ALA n 
1 33  GLY n 
1 34  ALA n 
1 35  GLY n 
1 36  GLY n 
1 37  LEU n 
1 38  ALA n 
1 39  ILE n 
1 40  ALA n 
1 41  VAL n 
1 42  GLU n 
1 43  GLY n 
1 44  PRO n 
1 45  SER n 
1 46  LYS n 
1 47  ALA n 
1 48  GLU n 
1 49  ILE n 
1 50  SER n 
1 51  PHE n 
1 52  GLU n 
1 53  ASP n 
1 54  ARG n 
1 55  LYS n 
1 56  ASP n 
1 57  GLY n 
1 58  SER n 
1 59  CYS n 
1 60  GLY n 
1 61  VAL n 
1 62  ALA n 
1 63  TYR n 
1 64  VAL n 
1 65  VAL n 
1 66  GLN n 
1 67  GLU n 
1 68  PRO n 
1 69  GLY n 
1 70  ASP n 
1 71  TYR n 
1 72  GLU n 
1 73  VAL n 
1 74  SER n 
1 75  VAL n 
1 76  LYS n 
1 77  PHE n 
1 78  ASN n 
1 79  GLU n 
1 80  GLU n 
1 81  HIS n 
1 82  ILE n 
1 83  PRO n 
1 84  ASP n 
1 85  SER n 
1 86  PRO n 
1 87  PHE n 
1 88  VAL n 
1 89  VAL n 
1 90  PRO n 
1 91  VAL n 
1 92  ALA n 
1 93  SER n 
1 94  PRO n 
1 95  SER n 
1 96  GLY n 
1 97  GLY n 
1 98  GLY n 
1 99  GLY n 
1 100 GLY n 
1 101 GLY n 
2 1   ALA n 
2 2   ARG n 
2 3   ILE n 
2 4   LYS n 
2 5   ALA n 
2 6   ILE n 
2 7   ASN n 
2 8   THR n 
2 9   PHE n 
2 10  PHE n 
2 11  ALA n 
2 12  LYS n 
2 13  ASN n 
# 
loop_
_entity_src_gen.entity_id 
_entity_src_gen.pdbx_src_id 
_entity_src_gen.pdbx_alt_source_flag 
_entity_src_gen.pdbx_seq_type 
_entity_src_gen.pdbx_beg_seq_num 
_entity_src_gen.pdbx_end_seq_num 
_entity_src_gen.gene_src_common_name 
_entity_src_gen.gene_src_genus 
_entity_src_gen.pdbx_gene_src_gene 
_entity_src_gen.gene_src_species 
_entity_src_gen.gene_src_strain 
_entity_src_gen.gene_src_tissue 
_entity_src_gen.gene_src_tissue_fraction 
_entity_src_gen.gene_src_details 
_entity_src_gen.pdbx_gene_src_fragment 
_entity_src_gen.pdbx_gene_src_scientific_name 
_entity_src_gen.pdbx_gene_src_ncbi_taxonomy_id 
_entity_src_gen.pdbx_gene_src_variant 
_entity_src_gen.pdbx_gene_src_cell_line 
_entity_src_gen.pdbx_gene_src_atcc 
_entity_src_gen.pdbx_gene_src_organ 
_entity_src_gen.pdbx_gene_src_organelle 
_entity_src_gen.pdbx_gene_src_cell 
_entity_src_gen.pdbx_gene_src_cellular_location 
_entity_src_gen.host_org_common_name 
_entity_src_gen.pdbx_host_org_scientific_name 
_entity_src_gen.pdbx_host_org_ncbi_taxonomy_id 
_entity_src_gen.host_org_genus 
_entity_src_gen.pdbx_host_org_gene 
_entity_src_gen.pdbx_host_org_organ 
_entity_src_gen.host_org_species 
_entity_src_gen.pdbx_host_org_tissue 
_entity_src_gen.pdbx_host_org_tissue_fraction 
_entity_src_gen.pdbx_host_org_strain 
_entity_src_gen.pdbx_host_org_variant 
_entity_src_gen.pdbx_host_org_cell_line 
_entity_src_gen.pdbx_host_org_atcc 
_entity_src_gen.pdbx_host_org_culture_collection 
_entity_src_gen.pdbx_host_org_cell 
_entity_src_gen.pdbx_host_org_organelle 
_entity_src_gen.pdbx_host_org_cellular_location 
_entity_src_gen.pdbx_host_org_vector_type 
_entity_src_gen.pdbx_host_org_vector 
_entity_src_gen.host_org_details 
_entity_src_gen.expression_system_id 
_entity_src_gen.plasmid_name 
_entity_src_gen.plasmid_details 
_entity_src_gen.pdbx_description 
1 1 sample 'Biological sequence' 1 101 ? ? 'FLNA, FLN, FLN1' ? ? ? ? ? ? 'Esselenichthys carli' 320406 ? ? ? ? ? ? ? ? 
'Esselenichthys carli' 320406 ? ? ? ? ? ? ? ? ? ? ? ? ? ? ? ? ? ? ? ? ? 
2 1 sample 'Biological sequence' 1 13  ? ? Larp4             ? ? ? ? ? ? 'Esselenichthys carli' 320406 ? ? ? ? ? ? ? ? 
'Esselenichthys carli' 320406 ? ? ? ? ? ? ? ? ? ? ? ? ? ? ? ? ? ? ? ? ? 
# 
loop_
_chem_comp.id 
_chem_comp.type 
_chem_comp.mon_nstd_flag 
_chem_comp.name 
_chem_comp.pdbx_synonyms 
_chem_comp.formula 
_chem_comp.formula_weight 
ALA 'L-peptide linking' y ALANINE         ? 'C3 H7 N O2'     89.093  
ARG 'L-peptide linking' y ARGININE        ? 'C6 H15 N4 O2 1' 175.209 
ASN 'L-peptide linking' y ASPARAGINE      ? 'C4 H8 N2 O3'    132.118 
ASP 'L-peptide linking' y 'ASPARTIC ACID' ? 'C4 H7 N O4'     133.103 
CYS 'L-peptide linking' y CYSTEINE        ? 'C3 H7 N O2 S'   121.158 
GLN 'L-peptide linking' y GLUTAMINE       ? 'C5 H10 N2 O3'   146.144 
GLU 'L-peptide linking' y 'GLUTAMIC ACID' ? 'C5 H9 N O4'     147.129 
GLY 'peptide linking'   y GLYCINE         ? 'C2 H5 N O2'     75.067  
HIS 'L-peptide linking' y HISTIDINE       ? 'C6 H10 N3 O2 1' 156.162 
HOH non-polymer         . WATER           ? 'H2 O'           18.015  
ILE 'L-peptide linking' y ISOLEUCINE      ? 'C6 H13 N O2'    131.173 
LEU 'L-peptide linking' y LEUCINE         ? 'C6 H13 N O2'    131.173 
LYS 'L-peptide linking' y LYSINE          ? 'C6 H15 N2 O2 1' 147.195 
MET 'L-peptide linking' y METHIONINE      ? 'C5 H11 N O2 S'  149.211 
PHE 'L-peptide linking' y PHENYLALANINE   ? 'C9 H11 N O2'    165.189 
PRO 'L-peptide linking' y PROLINE         ? 'C5 H9 N O2'     115.130 
SER 'L-peptide linking' y SERINE          ? 'C3 H7 N O3'     105.093 
THR 'L-peptide linking' y THREONINE       ? 'C4 H9 N O3'     119.119 
TRP 'L-peptide linking' y TRYPTOPHAN      ? 'C11 H12 N2 O2'  204.225 
TYR 'L-peptide linking' y TYROSINE        ? 'C9 H11 N O3'    181.189 
VAL 'L-peptide linking' y VALINE          ? 'C5 H11 N O2'    117.146 
# 
loop_
_pdbx_poly_seq_scheme.asym_id 
_pdbx_poly_seq_scheme.entity_id 
_pdbx_poly_seq_scheme.seq_id 
_pdbx_poly_seq_scheme.mon_id 
_pdbx_poly_seq_scheme.ndb_seq_num 
_pdbx_poly_seq_scheme.pdb_seq_num 
_pdbx_poly_seq_scheme.auth_seq_num 
_pdbx_poly_seq_scheme.pdb_mon_id 
_pdbx_poly_seq_scheme.auth_mon_id 
_pdbx_poly_seq_scheme.pdb_strand_id 
_pdbx_poly_seq_scheme.pdb_ins_code 
_pdbx_poly_seq_scheme.hetero 
A 1 1   MET 1   0   0   MET MET A . n 
A 1 2   GLY 2   1   1   GLY GLY A . n 
A 1 3   GLY 3   2   2   GLY GLY A . n 
A 1 4   ALA 4   3   3   ALA ALA A . n 
A 1 5   HIS 5   4   4   HIS HIS A . n 
A 1 6   LYS 6   5   5   LYS LYS A . n 
A 1 7   VAL 7   6   6   VAL VAL A . n 
A 1 8   ARG 8   7   7   ARG ARG A . n 
A 1 9   ALA 9   8   8   ALA ALA A . n 
A 1 10  GLY 10  9   9   GLY GLY A . n 
A 1 11  GLY 11  10  10  GLY GLY A . n 
A 1 12  PRO 12  11  11  PRO PRO A . n 
A 1 13  GLY 13  12  12  GLY GLY A . n 
A 1 14  LEU 14  13  13  LEU LEU A . n 
A 1 15  GLU 15  14  14  GLU GLU A . n 
A 1 16  ARG 16  15  15  ARG ARG A . n 
A 1 17  ALA 17  16  16  ALA ALA A . n 
A 1 18  GLU 18  17  17  GLU GLU A . n 
A 1 19  ALA 19  18  18  ALA ALA A . n 
A 1 20  GLY 20  19  19  GLY GLY A . n 
A 1 21  VAL 21  20  20  VAL VAL A . n 
A 1 22  PRO 22  21  21  PRO PRO A . n 
A 1 23  ALA 23  22  22  ALA ALA A . n 
A 1 24  GLU 24  23  23  GLU GLU A . n 
A 1 25  PHE 25  24  24  PHE PHE A . n 
A 1 26  SER 26  25  25  SER SER A . n 
A 1 27  ILE 27  26  26  ILE ILE A . n 
A 1 28  TRP 28  27  27  TRP TRP A . n 
A 1 29  THR 29  28  28  THR THR A . n 
A 1 30  ARG 30  29  29  ARG ARG A . n 
A 1 31  GLU 31  30  30  GLU GLU A . n 
A 1 32  ALA 32  31  31  ALA ALA A . n 
A 1 33  GLY 33  32  32  GLY GLY A . n 
A 1 34  ALA 34  33  33  ALA ALA A . n 
A 1 35  GLY 35  34  34  GLY GLY A . n 
A 1 36  GLY 36  35  35  GLY GLY A . n 
A 1 37  LEU 37  36  36  LEU LEU A . n 
A 1 38  ALA 38  37  37  ALA ALA A . n 
A 1 39  ILE 39  38  38  ILE ILE A . n 
A 1 40  ALA 40  39  39  ALA ALA A . n 
A 1 41  VAL 41  40  40  VAL VAL A . n 
A 1 42  GLU 42  41  41  GLU GLU A . n 
A 1 43  GLY 43  42  42  GLY GLY A . n 
A 1 44  PRO 44  43  43  PRO PRO A . n 
A 1 45  SER 45  44  44  SER SER A . n 
A 1 46  LYS 46  45  45  LYS LYS A . n 
A 1 47  ALA 47  46  46  ALA ALA A . n 
A 1 48  GLU 48  47  47  GLU GLU A . n 
A 1 49  ILE 49  48  48  ILE ILE A . n 
A 1 50  SER 50  49  49  SER SER A . n 
A 1 51  PHE 51  50  50  PHE PHE A . n 
A 1 52  GLU 52  51  51  GLU GLU A . n 
A 1 53  ASP 53  52  52  ASP ASP A . n 
A 1 54  ARG 54  53  53  ARG ARG A . n 
A 1 55  LYS 55  54  54  LYS LYS A . n 
A 1 56  ASP 56  55  55  ASP ASP A . n 
A 1 57  GLY 57  56  56  GLY GLY A . n 
A 1 58  SER 58  57  57  SER SER A . n 
A 1 59  CYS 59  58  58  CYS CYS A . n 
A 1 60  GLY 60  59  59  GLY GLY A . n 
A 1 61  VAL 61  60  60  VAL VAL A . n 
A 1 62  ALA 62  61  61  ALA ALA A . n 
A 1 63  TYR 63  62  62  TYR TYR A . n 
A 1 64  VAL 64  63  63  VAL VAL A . n 
A 1 65  VAL 65  64  64  VAL VAL A . n 
A 1 66  GLN 66  65  65  GLN GLN A . n 
A 1 67  GLU 67  66  66  GLU GLU A . n 
A 1 68  PRO 68  67  67  PRO PRO A . n 
A 1 69  GLY 69  68  68  GLY GLY A . n 
A 1 70  ASP 70  69  69  ASP ASP A . n 
A 1 71  TYR 71  70  70  TYR TYR A . n 
A 1 72  GLU 72  71  71  GLU GLU A . n 
A 1 73  VAL 73  72  72  VAL VAL A . n 
A 1 74  SER 74  73  73  SER SER A . n 
A 1 75  VAL 75  74  74  VAL VAL A . n 
A 1 76  LYS 76  75  75  LYS LYS A . n 
A 1 77  PHE 77  76  76  PHE PHE A . n 
A 1 78  ASN 78  77  77  ASN ASN A . n 
A 1 79  GLU 79  78  78  GLU GLU A . n 
A 1 80  GLU 80  79  79  GLU GLU A . n 
A 1 81  HIS 81  80  80  HIS HIS A . n 
A 1 82  ILE 82  81  81  ILE ILE A . n 
A 1 83  PRO 83  82  82  PRO PRO A . n 
A 1 84  ASP 84  83  83  ASP ASP A . n 
A 1 85  SER 85  84  84  SER SER A . n 
A 1 86  PRO 86  85  85  PRO PRO A . n 
A 1 87  PHE 87  86  86  PHE PHE A . n 
A 1 88  VAL 88  87  87  VAL VAL A . n 
A 1 89  VAL 89  88  88  VAL VAL A . n 
A 1 90  PRO 90  89  89  PRO PRO A . n 
A 1 91  VAL 91  90  90  VAL VAL A . n 
A 1 92  ALA 92  91  91  ALA ALA A . n 
A 1 93  SER 93  92  92  SER SER A . n 
A 1 94  PRO 94  93  93  PRO PRO A . n 
A 1 95  SER 95  94  94  SER SER A . n 
A 1 96  GLY 96  95  95  GLY GLY A . n 
A 1 97  GLY 97  96  ?   ?   ?   A . n 
A 1 98  GLY 98  97  ?   ?   ?   A . n 
A 1 99  GLY 99  98  ?   ?   ?   A . n 
A 1 100 GLY 100 99  ?   ?   ?   A . n 
A 1 101 GLY 101 100 ?   ?   ?   A . n 
B 2 1   ALA 1   101 101 ALA ALA B . n 
B 2 2   ARG 2   102 102 ARG ARG B . n 
B 2 3   ILE 3   103 103 ILE ILE B . n 
B 2 4   LYS 4   104 104 LYS LYS B . n 
B 2 5   ALA 5   105 105 ALA ALA B . n 
B 2 6   ILE 6   106 106 ILE ILE B . n 
B 2 7   ASN 7   107 107 ASN ASN B . n 
B 2 8   THR 8   108 108 THR THR B . n 
B 2 9   PHE 9   109 109 PHE PHE B . n 
B 2 10  PHE 10  110 110 PHE PHE B . n 
B 2 11  ALA 11  111 111 ALA ALA B . n 
B 2 12  LYS 12  112 112 LYS LYS B . n 
B 2 13  ASN 13  113 113 ASN ASN B . n 
# 
loop_
_pdbx_nonpoly_scheme.asym_id 
_pdbx_nonpoly_scheme.entity_id 
_pdbx_nonpoly_scheme.mon_id 
_pdbx_nonpoly_scheme.ndb_seq_num 
_pdbx_nonpoly_scheme.pdb_seq_num 
_pdbx_nonpoly_scheme.auth_seq_num 
_pdbx_nonpoly_scheme.pdb_mon_id 
_pdbx_nonpoly_scheme.auth_mon_id 
_pdbx_nonpoly_scheme.pdb_strand_id 
_pdbx_nonpoly_scheme.pdb_ins_code 
C 3 HOH 1  201 8  HOH HOH A . 
C 3 HOH 2  202 9  HOH HOH A . 
C 3 HOH 3  203 6  HOH HOH A . 
C 3 HOH 4  204 2  HOH HOH A . 
C 3 HOH 5  205 10 HOH HOH A . 
C 3 HOH 6  206 1  HOH HOH A . 
C 3 HOH 7  207 4  HOH HOH A . 
C 3 HOH 8  208 3  HOH HOH A . 
C 3 HOH 9  209 7  HOH HOH A . 
C 3 HOH 10 210 5  HOH HOH A . 
D 3 HOH 1  201 11 HOH HOH B . 
# 
loop_
_software.citation_id 
_software.classification 
_software.compiler_name 
_software.compiler_version 
_software.contact_author 
_software.contact_author_email 
_software.date 
_software.description 
_software.dependencies 
_software.hardware 
_software.language 
_software.location 
_software.mods 
_software.name 
_software.os 
_software.os_version 
_software.type 
_software.version 
_software.pdbx_ordinal 
? refinement       ? ? ? ? ? ? ? ? ? ? ? PHENIX ? ? ? 1.19_4092 1 
? 'data reduction' ? ? ? ? ? ? ? ? ? ? ? xia2   ? ? ? .         2 
? 'data scaling'   ? ? ? ? ? ? ? ? ? ? ? xia2   ? ? ? .         3 
? phasing          ? ? ? ? ? ? ? ? ? ? ? PHENIX ? ? ? .         4 
# 
_cell.angle_alpha                  90.000 
_cell.angle_alpha_esd              ? 
_cell.angle_beta                   90.000 
_cell.angle_beta_esd               ? 
_cell.angle_gamma                  120.000 
_cell.angle_gamma_esd              ? 
_cell.entry_id                     9LXG 
_cell.details                      ? 
_cell.formula_units_Z              ? 
_cell.length_a                     78.040 
_cell.length_a_esd                 ? 
_cell.length_b                     78.040 
_cell.length_b_esd                 ? 
_cell.length_c                     32.360 
_cell.length_c_esd                 ? 
_cell.volume                       170676.476 
_cell.volume_esd                   ? 
_cell.Z_PDB                        6 
_cell.reciprocal_angle_alpha       ? 
_cell.reciprocal_angle_beta        ? 
_cell.reciprocal_angle_gamma       ? 
_cell.reciprocal_angle_alpha_esd   ? 
_cell.reciprocal_angle_beta_esd    ? 
_cell.reciprocal_angle_gamma_esd   ? 
_cell.reciprocal_length_a          ? 
_cell.reciprocal_length_b          ? 
_cell.reciprocal_length_c          ? 
_cell.reciprocal_length_a_esd      ? 
_cell.reciprocal_length_b_esd      ? 
_cell.reciprocal_length_c_esd      ? 
_cell.pdbx_unique_axis             ? 
_cell.pdbx_esd_method              ? 
# 
_symmetry.entry_id                         9LXG 
_symmetry.cell_setting                     ? 
_symmetry.Int_Tables_number                151 
_symmetry.space_group_name_Hall            'P 31 2 (x,y,z+1/3)' 
_symmetry.space_group_name_H-M             'P 31 1 2' 
_symmetry.pdbx_full_space_group_name_H-M   ? 
# 
_exptl.absorpt_coefficient_mu     ? 
_exptl.absorpt_correction_T_max   ? 
_exptl.absorpt_correction_T_min   ? 
_exptl.absorpt_correction_type    ? 
_exptl.absorpt_process_details    ? 
_exptl.entry_id                   9LXG 
_exptl.crystals_number            1 
_exptl.details                    ? 
_exptl.method                     'X-RAY DIFFRACTION' 
_exptl.method_details             ? 
# 
_exptl_crystal.colour                       ? 
_exptl_crystal.density_diffrn               ? 
_exptl_crystal.density_Matthews             2.44 
_exptl_crystal.density_method               ? 
_exptl_crystal.density_percent_sol          49.51 
_exptl_crystal.description                  ? 
_exptl_crystal.F_000                        ? 
_exptl_crystal.id                           1 
_exptl_crystal.preparation                  ? 
_exptl_crystal.size_max                     ? 
_exptl_crystal.size_mid                     ? 
_exptl_crystal.size_min                     ? 
_exptl_crystal.size_rad                     ? 
_exptl_crystal.colour_lustre                ? 
_exptl_crystal.colour_modifier              ? 
_exptl_crystal.colour_primary               ? 
_exptl_crystal.density_meas                 ? 
_exptl_crystal.density_meas_esd             ? 
_exptl_crystal.density_meas_gt              ? 
_exptl_crystal.density_meas_lt              ? 
_exptl_crystal.density_meas_temp            ? 
_exptl_crystal.density_meas_temp_esd        ? 
_exptl_crystal.density_meas_temp_gt         ? 
_exptl_crystal.density_meas_temp_lt         ? 
_exptl_crystal.pdbx_crystal_image_url       ? 
_exptl_crystal.pdbx_crystal_image_format    ? 
_exptl_crystal.pdbx_mosaicity               ? 
_exptl_crystal.pdbx_mosaicity_esd           ? 
_exptl_crystal.pdbx_mosaic_method           ? 
_exptl_crystal.pdbx_mosaic_block_size       ? 
_exptl_crystal.pdbx_mosaic_block_size_esd   ? 
# 
_exptl_crystal_grow.apparatus       ? 
_exptl_crystal_grow.atmosphere      ? 
_exptl_crystal_grow.crystal_id      1 
_exptl_crystal_grow.details         ? 
_exptl_crystal_grow.method          'VAPOR DIFFUSION, SITTING DROP' 
_exptl_crystal_grow.method_ref      ? 
_exptl_crystal_grow.pH              ? 
_exptl_crystal_grow.pressure        ? 
_exptl_crystal_grow.pressure_esd    ? 
_exptl_crystal_grow.seeding         ? 
_exptl_crystal_grow.seeding_ref     ? 
_exptl_crystal_grow.temp_details    ? 
_exptl_crystal_grow.temp_esd        ? 
_exptl_crystal_grow.time            ? 
_exptl_crystal_grow.pdbx_details    '1.0 M Lithium sulfate, 0.1 M Sodium citrate pH 5.6, 0.5 M Ammonium sulfate' 
_exptl_crystal_grow.pdbx_pH_range   ? 
_exptl_crystal_grow.temp            293 
# 
_diffrn.ambient_environment              ? 
_diffrn.ambient_temp                     80 
_diffrn.ambient_temp_details             ? 
_diffrn.ambient_temp_esd                 ? 
_diffrn.crystal_id                       1 
_diffrn.crystal_support                  ? 
_diffrn.crystal_treatment                ? 
_diffrn.details                          ? 
_diffrn.id                               1 
_diffrn.ambient_pressure                 ? 
_diffrn.ambient_pressure_esd             ? 
_diffrn.ambient_pressure_gt              ? 
_diffrn.ambient_pressure_lt              ? 
_diffrn.ambient_temp_gt                  ? 
_diffrn.ambient_temp_lt                  ? 
_diffrn.pdbx_serial_crystal_experiment   N 
# 
_diffrn_detector.details                      ? 
_diffrn_detector.detector                     PIXEL 
_diffrn_detector.diffrn_id                    1 
_diffrn_detector.type                         'DECTRIS EIGER X 16M' 
_diffrn_detector.area_resol_mean              ? 
_diffrn_detector.dtime                        ? 
_diffrn_detector.pdbx_frames_total            ? 
_diffrn_detector.pdbx_collection_time_total   ? 
_diffrn_detector.pdbx_collection_date         2025-01-18 
_diffrn_detector.pdbx_frequency               ? 
_diffrn_detector.id                           ? 
_diffrn_detector.number_of_axes               ? 
# 
_diffrn_radiation.collimation                      ? 
_diffrn_radiation.diffrn_id                        1 
_diffrn_radiation.filter_edge                      ? 
_diffrn_radiation.inhomogeneity                    ? 
_diffrn_radiation.monochromator                    ? 
_diffrn_radiation.polarisn_norm                    ? 
_diffrn_radiation.polarisn_ratio                   ? 
_diffrn_radiation.probe                            ? 
_diffrn_radiation.type                             ? 
_diffrn_radiation.xray_symbol                      ? 
_diffrn_radiation.wavelength_id                    1 
_diffrn_radiation.pdbx_monochromatic_or_laue_m_l   M 
_diffrn_radiation.pdbx_wavelength_list             ? 
_diffrn_radiation.pdbx_wavelength                  ? 
_diffrn_radiation.pdbx_diffrn_protocol             'SINGLE WAVELENGTH' 
_diffrn_radiation.pdbx_analyzer                    ? 
_diffrn_radiation.pdbx_scattering_type             x-ray 
# 
_diffrn_radiation_wavelength.id           1 
_diffrn_radiation_wavelength.wavelength   0.979 
_diffrn_radiation_wavelength.wt           1.0 
# 
_diffrn_source.current                     ? 
_diffrn_source.details                     ? 
_diffrn_source.diffrn_id                   1 
_diffrn_source.power                       ? 
_diffrn_source.size                        ? 
_diffrn_source.source                      SYNCHROTRON 
_diffrn_source.target                      ? 
_diffrn_source.type                        'SSRF BEAMLINE BL10U2' 
_diffrn_source.voltage                     ? 
_diffrn_source.take-off_angle              ? 
_diffrn_source.pdbx_wavelength_list        0.979 
_diffrn_source.pdbx_wavelength             ? 
_diffrn_source.pdbx_synchrotron_beamline   BL10U2 
_diffrn_source.pdbx_synchrotron_site       SSRF 
# 
_reflns.B_iso_Wilson_estimate                          33.36 
_reflns.entry_id                                       9LXG 
_reflns.data_reduction_details                         ? 
_reflns.data_reduction_method                          ? 
_reflns.d_resolution_high                              2.46 
_reflns.d_resolution_low                               24.91 
_reflns.details                                        ? 
_reflns.limit_h_max                                    ? 
_reflns.limit_h_min                                    ? 
_reflns.limit_k_max                                    ? 
_reflns.limit_k_min                                    ? 
_reflns.limit_l_max                                    ? 
_reflns.limit_l_min                                    ? 
_reflns.number_all                                     ? 
_reflns.number_obs                                     4156 
_reflns.observed_criterion                             ? 
_reflns.observed_criterion_F_max                       ? 
_reflns.observed_criterion_F_min                       ? 
_reflns.observed_criterion_I_max                       ? 
_reflns.observed_criterion_I_min                       ? 
_reflns.observed_criterion_sigma_F                     ? 
_reflns.observed_criterion_sigma_I                     ? 
_reflns.percent_possible_obs                           99.54 
_reflns.R_free_details                                 ? 
_reflns.Rmerge_F_all                                   ? 
_reflns.Rmerge_F_obs                                   ? 
_reflns.Friedel_coverage                               ? 
_reflns.number_gt                                      ? 
_reflns.threshold_expression                           ? 
_reflns.pdbx_redundancy                                17.5 
_reflns.pdbx_netI_over_av_sigmaI                       ? 
_reflns.pdbx_netI_over_sigmaI                          21.47 
_reflns.pdbx_res_netI_over_av_sigmaI_2                 ? 
_reflns.pdbx_res_netI_over_sigmaI_2                    ? 
_reflns.pdbx_chi_squared                               ? 
_reflns.pdbx_scaling_rejects                           ? 
_reflns.pdbx_d_res_high_opt                            ? 
_reflns.pdbx_d_res_low_opt                             ? 
_reflns.pdbx_d_res_opt_method                          ? 
_reflns.phase_calculation_details                      ? 
_reflns.pdbx_Rrim_I_all                                ? 
_reflns.pdbx_Rpim_I_all                                ? 
_reflns.pdbx_d_opt                                     ? 
_reflns.pdbx_number_measured_all                       ? 
_reflns.pdbx_diffrn_id                                 1 
_reflns.pdbx_ordinal                                   1 
_reflns.pdbx_CC_half                                   0.997 
_reflns.pdbx_CC_star                                   ? 
_reflns.pdbx_R_split                                   ? 
_reflns.pdbx_Rmerge_I_obs                              ? 
_reflns.pdbx_Rmerge_I_all                              ? 
_reflns.pdbx_Rsym_value                                ? 
_reflns.pdbx_CC_split_method                           ? 
_reflns.pdbx_aniso_diffraction_limit_axis_1_ortho[1]   ? 
_reflns.pdbx_aniso_diffraction_limit_axis_1_ortho[2]   ? 
_reflns.pdbx_aniso_diffraction_limit_axis_1_ortho[3]   ? 
_reflns.pdbx_aniso_diffraction_limit_axis_2_ortho[1]   ? 
_reflns.pdbx_aniso_diffraction_limit_axis_2_ortho[2]   ? 
_reflns.pdbx_aniso_diffraction_limit_axis_2_ortho[3]   ? 
_reflns.pdbx_aniso_diffraction_limit_axis_3_ortho[1]   ? 
_reflns.pdbx_aniso_diffraction_limit_axis_3_ortho[2]   ? 
_reflns.pdbx_aniso_diffraction_limit_axis_3_ortho[3]   ? 
_reflns.pdbx_aniso_diffraction_limit_1                 ? 
_reflns.pdbx_aniso_diffraction_limit_2                 ? 
_reflns.pdbx_aniso_diffraction_limit_3                 ? 
_reflns.pdbx_aniso_B_tensor_eigenvector_1_ortho[1]     ? 
_reflns.pdbx_aniso_B_tensor_eigenvector_1_ortho[2]     ? 
_reflns.pdbx_aniso_B_tensor_eigenvector_1_ortho[3]     ? 
_reflns.pdbx_aniso_B_tensor_eigenvector_2_ortho[1]     ? 
_reflns.pdbx_aniso_B_tensor_eigenvector_2_ortho[2]     ? 
_reflns.pdbx_aniso_B_tensor_eigenvector_2_ortho[3]     ? 
_reflns.pdbx_aniso_B_tensor_eigenvector_3_ortho[1]     ? 
_reflns.pdbx_aniso_B_tensor_eigenvector_3_ortho[2]     ? 
_reflns.pdbx_aniso_B_tensor_eigenvector_3_ortho[3]     ? 
_reflns.pdbx_aniso_B_tensor_eigenvalue_1               ? 
_reflns.pdbx_aniso_B_tensor_eigenvalue_2               ? 
_reflns.pdbx_aniso_B_tensor_eigenvalue_3               ? 
_reflns.pdbx_orthogonalization_convention              ? 
_reflns.pdbx_percent_possible_ellipsoidal              ? 
_reflns.pdbx_percent_possible_spherical                ? 
_reflns.pdbx_percent_possible_ellipsoidal_anomalous    ? 
_reflns.pdbx_percent_possible_spherical_anomalous      ? 
_reflns.pdbx_redundancy_anomalous                      ? 
_reflns.pdbx_CC_half_anomalous                         ? 
_reflns.pdbx_absDiff_over_sigma_anomalous              ? 
_reflns.pdbx_percent_possible_anomalous                ? 
_reflns.pdbx_observed_signal_threshold                 ? 
_reflns.pdbx_signal_type                               ? 
_reflns.pdbx_signal_details                            ? 
_reflns.pdbx_signal_software_id                        ? 
# 
_reflns_shell.d_res_high                                    2.46 
_reflns_shell.d_res_low                                     2.54 
_reflns_shell.meanI_over_sigI_all                           ? 
_reflns_shell.meanI_over_sigI_obs                           13.0 
_reflns_shell.number_measured_all                           ? 
_reflns_shell.number_measured_obs                           ? 
_reflns_shell.number_possible                               ? 
_reflns_shell.number_unique_all                             ? 
_reflns_shell.number_unique_obs                             405 
_reflns_shell.percent_possible_obs                          ? 
_reflns_shell.Rmerge_F_all                                  ? 
_reflns_shell.Rmerge_F_obs                                  ? 
_reflns_shell.meanI_over_sigI_gt                            ? 
_reflns_shell.meanI_over_uI_all                             ? 
_reflns_shell.meanI_over_uI_gt                              ? 
_reflns_shell.number_measured_gt                            ? 
_reflns_shell.number_unique_gt                              ? 
_reflns_shell.percent_possible_gt                           ? 
_reflns_shell.Rmerge_F_gt                                   ? 
_reflns_shell.Rmerge_I_gt                                   ? 
_reflns_shell.pdbx_redundancy                               ? 
_reflns_shell.pdbx_chi_squared                              ? 
_reflns_shell.pdbx_netI_over_sigmaI_all                     ? 
_reflns_shell.pdbx_netI_over_sigmaI_obs                     ? 
_reflns_shell.pdbx_Rrim_I_all                               ? 
_reflns_shell.pdbx_Rpim_I_all                               ? 
_reflns_shell.pdbx_rejects                                  ? 
_reflns_shell.pdbx_ordinal                                  1 
_reflns_shell.pdbx_diffrn_id                                1 
_reflns_shell.pdbx_CC_half                                  0.825 
_reflns_shell.pdbx_CC_star                                  ? 
_reflns_shell.pdbx_R_split                                  ? 
_reflns_shell.percent_possible_all                          ? 
_reflns_shell.Rmerge_I_all                                  ? 
_reflns_shell.Rmerge_I_obs                                  ? 
_reflns_shell.pdbx_Rsym_value                               ? 
_reflns_shell.pdbx_percent_possible_ellipsoidal             ? 
_reflns_shell.pdbx_percent_possible_spherical               ? 
_reflns_shell.pdbx_percent_possible_ellipsoidal_anomalous   ? 
_reflns_shell.pdbx_percent_possible_spherical_anomalous     ? 
_reflns_shell.pdbx_redundancy_anomalous                     ? 
_reflns_shell.pdbx_CC_half_anomalous                        ? 
_reflns_shell.pdbx_absDiff_over_sigma_anomalous             ? 
_reflns_shell.pdbx_percent_possible_anomalous               ? 
# 
_refine.aniso_B[1][1]                            ? 
_refine.aniso_B[1][2]                            ? 
_refine.aniso_B[1][3]                            ? 
_refine.aniso_B[2][2]                            ? 
_refine.aniso_B[2][3]                            ? 
_refine.aniso_B[3][3]                            ? 
_refine.B_iso_max                                ? 
_refine.B_iso_mean                               38.53 
_refine.B_iso_min                                ? 
_refine.correlation_coeff_Fo_to_Fc               ? 
_refine.correlation_coeff_Fo_to_Fc_free          ? 
_refine.details                                  ? 
_refine.diff_density_max                         ? 
_refine.diff_density_max_esd                     ? 
_refine.diff_density_min                         ? 
_refine.diff_density_min_esd                     ? 
_refine.diff_density_rms                         ? 
_refine.diff_density_rms_esd                     ? 
_refine.entry_id                                 9LXG 
_refine.pdbx_refine_id                           'X-RAY DIFFRACTION' 
_refine.ls_abs_structure_details                 ? 
_refine.ls_abs_structure_Flack                   ? 
_refine.ls_abs_structure_Flack_esd               ? 
_refine.ls_abs_structure_Rogers                  ? 
_refine.ls_abs_structure_Rogers_esd              ? 
_refine.ls_d_res_high                            2.46 
_refine.ls_d_res_low                             24.91 
_refine.ls_extinction_coef                       ? 
_refine.ls_extinction_coef_esd                   ? 
_refine.ls_extinction_expression                 ? 
_refine.ls_extinction_method                     ? 
_refine.ls_goodness_of_fit_all                   ? 
_refine.ls_goodness_of_fit_all_esd               ? 
_refine.ls_goodness_of_fit_obs                   ? 
_refine.ls_goodness_of_fit_obs_esd               ? 
_refine.ls_hydrogen_treatment                    ? 
_refine.ls_matrix_type                           ? 
_refine.ls_number_constraints                    ? 
_refine.ls_number_parameters                     ? 
_refine.ls_number_reflns_all                     ? 
_refine.ls_number_reflns_obs                     4151 
_refine.ls_number_reflns_R_free                  204 
_refine.ls_number_reflns_R_work                  3947 
_refine.ls_number_restraints                     ? 
_refine.ls_percent_reflns_obs                    99.66 
_refine.ls_percent_reflns_R_free                 4.91 
_refine.ls_R_factor_all                          ? 
_refine.ls_R_factor_obs                          0.2069 
_refine.ls_R_factor_R_free                       0.2593 
_refine.ls_R_factor_R_free_error                 ? 
_refine.ls_R_factor_R_free_error_details         ? 
_refine.ls_R_factor_R_work                       0.2040 
_refine.ls_R_Fsqd_factor_obs                     ? 
_refine.ls_R_I_factor_obs                        ? 
_refine.ls_redundancy_reflns_all                 ? 
_refine.ls_redundancy_reflns_obs                 ? 
_refine.ls_restrained_S_all                      ? 
_refine.ls_restrained_S_obs                      ? 
_refine.ls_shift_over_esd_max                    ? 
_refine.ls_shift_over_esd_mean                   ? 
_refine.ls_structure_factor_coef                 ? 
_refine.ls_weighting_details                     ? 
_refine.ls_weighting_scheme                      ? 
_refine.ls_wR_factor_all                         ? 
_refine.ls_wR_factor_obs                         ? 
_refine.ls_wR_factor_R_free                      ? 
_refine.ls_wR_factor_R_work                      ? 
_refine.occupancy_max                            ? 
_refine.occupancy_min                            ? 
_refine.solvent_model_details                    'FLAT BULK SOLVENT MODEL' 
_refine.solvent_model_param_bsol                 ? 
_refine.solvent_model_param_ksol                 ? 
_refine.correlation_coeff_I_to_Fcsqd_work        ? 
_refine.correlation_coeff_I_to_Fcsqd_free        ? 
_refine.pdbx_R_complete                          ? 
_refine.ls_R_factor_gt                           ? 
_refine.ls_goodness_of_fit_gt                    ? 
_refine.ls_goodness_of_fit_ref                   ? 
_refine.ls_shift_over_su_max                     ? 
_refine.ls_shift_over_su_max_lt                  ? 
_refine.ls_shift_over_su_mean                    ? 
_refine.ls_shift_over_su_mean_lt                 ? 
_refine.pdbx_ls_sigma_I                          ? 
_refine.pdbx_ls_sigma_F                          1.48 
_refine.pdbx_ls_sigma_Fsqd                       ? 
_refine.pdbx_data_cutoff_high_absF               ? 
_refine.pdbx_data_cutoff_high_rms_absF           ? 
_refine.pdbx_data_cutoff_low_absF                ? 
_refine.pdbx_isotropic_thermal_model             ? 
_refine.pdbx_ls_cross_valid_method               'FREE R-VALUE' 
_refine.pdbx_method_to_determine_struct          'MOLECULAR REPLACEMENT' 
_refine.pdbx_starting_model                      ? 
_refine.pdbx_stereochemistry_target_values       'GeoStd + Monomer Library + CDL v1.2' 
_refine.pdbx_R_Free_selection_details            ? 
_refine.pdbx_stereochem_target_val_spec_case     ? 
_refine.pdbx_overall_ESU_R                       ? 
_refine.pdbx_overall_ESU_R_Free                  ? 
_refine.pdbx_solvent_vdw_probe_radii             1.1100 
_refine.pdbx_solvent_ion_probe_radii             ? 
_refine.pdbx_solvent_shrinkage_radii             0.9000 
_refine.pdbx_real_space_R                        ? 
_refine.pdbx_density_correlation                 ? 
_refine.pdbx_pd_number_of_powder_patterns        ? 
_refine.pdbx_pd_number_of_points                 ? 
_refine.pdbx_pd_meas_number_of_points            ? 
_refine.pdbx_pd_proc_ls_prof_R_factor            ? 
_refine.pdbx_pd_proc_ls_prof_wR_factor           ? 
_refine.pdbx_pd_Marquardt_correlation_coeff      ? 
_refine.pdbx_pd_Fsqrd_R_factor                   ? 
_refine.pdbx_pd_ls_matrix_band_width             ? 
_refine.pdbx_overall_phase_error                 17.1650 
_refine.pdbx_overall_SU_R_free_Cruickshank_DPI   ? 
_refine.pdbx_overall_SU_R_free_Blow_DPI          ? 
_refine.pdbx_overall_SU_R_Blow_DPI               ? 
_refine.pdbx_TLS_residual_ADP_flag               ? 
_refine.pdbx_diffrn_id                           1 
_refine.overall_SU_B                             ? 
_refine.overall_SU_ML                            0.2085 
_refine.overall_SU_R_Cruickshank_DPI             ? 
_refine.overall_SU_R_free                        ? 
_refine.overall_FOM_free_R_set                   ? 
_refine.overall_FOM_work_R_set                   ? 
_refine.pdbx_average_fsc_overall                 ? 
_refine.pdbx_average_fsc_work                    ? 
_refine.pdbx_average_fsc_free                    ? 
# 
_refine_hist.pdbx_refine_id                   'X-RAY DIFFRACTION' 
_refine_hist.cycle_id                         LAST 
_refine_hist.details                          ? 
_refine_hist.d_res_high                       2.46 
_refine_hist.d_res_low                        24.91 
_refine_hist.number_atoms_solvent             11 
_refine_hist.number_atoms_total               812 
_refine_hist.number_reflns_all                ? 
_refine_hist.number_reflns_obs                ? 
_refine_hist.number_reflns_R_free             ? 
_refine_hist.number_reflns_R_work             ? 
_refine_hist.R_factor_all                     ? 
_refine_hist.R_factor_obs                     ? 
_refine_hist.R_factor_R_free                  ? 
_refine_hist.R_factor_R_work                  ? 
_refine_hist.pdbx_number_residues_total       ? 
_refine_hist.pdbx_B_iso_mean_ligand           ? 
_refine_hist.pdbx_B_iso_mean_solvent          ? 
_refine_hist.pdbx_number_atoms_protein        801 
_refine_hist.pdbx_number_atoms_nucleic_acid   0 
_refine_hist.pdbx_number_atoms_ligand         0 
_refine_hist.pdbx_number_atoms_lipid          ? 
_refine_hist.pdbx_number_atoms_carb           ? 
_refine_hist.pdbx_pseudo_atom_details         ? 
# 
loop_
_refine_ls_restr.pdbx_refine_id 
_refine_ls_restr.criterion 
_refine_ls_restr.dev_ideal 
_refine_ls_restr.dev_ideal_target 
_refine_ls_restr.number 
_refine_ls_restr.rejects 
_refine_ls_restr.type 
_refine_ls_restr.weight 
_refine_ls_restr.pdbx_restraint_function 
'X-RAY DIFFRACTION' ? 0.0093  ? 819  ? f_bond_d           ? ? 
'X-RAY DIFFRACTION' ? 1.0136  ? 1107 ? f_angle_d          ? ? 
'X-RAY DIFFRACTION' ? 0.0560  ? 116  ? f_chiral_restr     ? ? 
'X-RAY DIFFRACTION' ? 0.0115  ? 150  ? f_plane_restr      ? ? 
'X-RAY DIFFRACTION' ? 16.7716 ? 295  ? f_dihedral_angle_d ? ? 
# 
_refine_ls_shell.pdbx_refine_id                      'X-RAY DIFFRACTION' 
_refine_ls_shell.d_res_high                          2.46 
_refine_ls_shell.d_res_low                           24.91 
_refine_ls_shell.number_reflns_all                   ? 
_refine_ls_shell.number_reflns_obs                   ? 
_refine_ls_shell.number_reflns_R_free                204 
_refine_ls_shell.number_reflns_R_work                3947 
_refine_ls_shell.percent_reflns_obs                  99.66 
_refine_ls_shell.percent_reflns_R_free               ? 
_refine_ls_shell.R_factor_all                        ? 
_refine_ls_shell.R_factor_obs                        ? 
_refine_ls_shell.R_factor_R_free_error               ? 
_refine_ls_shell.R_factor_R_work                     0.2040 
_refine_ls_shell.redundancy_reflns_all               ? 
_refine_ls_shell.redundancy_reflns_obs               ? 
_refine_ls_shell.wR_factor_all                       ? 
_refine_ls_shell.wR_factor_obs                       ? 
_refine_ls_shell.wR_factor_R_free                    ? 
_refine_ls_shell.wR_factor_R_work                    ? 
_refine_ls_shell.pdbx_R_complete                     ? 
_refine_ls_shell.correlation_coeff_Fo_to_Fc          ? 
_refine_ls_shell.correlation_coeff_Fo_to_Fc_free     ? 
_refine_ls_shell.correlation_coeff_I_to_Fcsqd_work   ? 
_refine_ls_shell.correlation_coeff_I_to_Fcsqd_free   ? 
_refine_ls_shell.pdbx_total_number_of_bins_used      ? 
_refine_ls_shell.pdbx_phase_error                    ? 
_refine_ls_shell.pdbx_fsc_work                       ? 
_refine_ls_shell.pdbx_fsc_free                       ? 
_refine_ls_shell.R_factor_R_free                     0.2593 
# 
_struct.entry_id                     9LXG 
_struct.title                        'Filamin A repeat 21 in complex with LARP4 Ala269-Asn281 peptide' 
_struct.pdbx_model_details           ? 
_struct.pdbx_formula_weight          ? 
_struct.pdbx_formula_weight_method   ? 
_struct.pdbx_model_type_details      ? 
_struct.pdbx_CASP_flag               N 
# 
_struct_keywords.entry_id        9LXG 
_struct_keywords.text            'FLNA, LARP4, mechanosensing, PROTEIN BINDING' 
_struct_keywords.pdbx_keywords   'PROTEIN BINDING' 
# 
loop_
_struct_asym.id 
_struct_asym.pdbx_blank_PDB_chainid_flag 
_struct_asym.pdbx_modified 
_struct_asym.entity_id 
_struct_asym.details 
A N N 1 ? 
B N N 2 ? 
C N N 3 ? 
D N N 3 ? 
# 
loop_
_struct_ref.id 
_struct_ref.db_name 
_struct_ref.db_code 
_struct_ref.pdbx_db_accession 
_struct_ref.pdbx_db_isoform 
_struct_ref.entity_id 
_struct_ref.pdbx_seq_one_letter_code 
_struct_ref.pdbx_align_begin 
1 UNP FLNA_HUMAN  P21333 ? 1 
;GGAHKVRAGGPGLERAEAGVPAEFSIWTREAGAGGLAIAVEGPSKAEISFEDRKDGSCGVAYVVQEPGDYEVSVKFNEEH
IPDSPFVVPVASPSG
;
2236 
2 UNP LARP4_MOUSE Q8BWW4 ? 2 ARIKAINTFFAKN                                                                                      
265  
# 
loop_
_struct_ref_seq.align_id 
_struct_ref_seq.ref_id 
_struct_ref_seq.pdbx_PDB_id_code 
_struct_ref_seq.pdbx_strand_id 
_struct_ref_seq.seq_align_beg 
_struct_ref_seq.pdbx_seq_align_beg_ins_code 
_struct_ref_seq.seq_align_end 
_struct_ref_seq.pdbx_seq_align_end_ins_code 
_struct_ref_seq.pdbx_db_accession 
_struct_ref_seq.db_align_beg 
_struct_ref_seq.pdbx_db_align_beg_ins_code 
_struct_ref_seq.db_align_end 
_struct_ref_seq.pdbx_db_align_end_ins_code 
_struct_ref_seq.pdbx_auth_seq_align_beg 
_struct_ref_seq.pdbx_auth_seq_align_end 
1 1 9LXG A 2 ? 96 ? P21333 2236 ? 2330 ? 1   95  
2 2 9LXG B 1 ? 13 ? Q8BWW4 265  ? 277  ? 101 113 
# 
loop_
_struct_ref_seq_dif.align_id 
_struct_ref_seq_dif.pdbx_pdb_id_code 
_struct_ref_seq_dif.mon_id 
_struct_ref_seq_dif.pdbx_pdb_strand_id 
_struct_ref_seq_dif.seq_num 
_struct_ref_seq_dif.pdbx_pdb_ins_code 
_struct_ref_seq_dif.pdbx_seq_db_name 
_struct_ref_seq_dif.pdbx_seq_db_accession_code 
_struct_ref_seq_dif.db_mon_id 
_struct_ref_seq_dif.pdbx_seq_db_seq_num 
_struct_ref_seq_dif.details 
_struct_ref_seq_dif.pdbx_auth_seq_num 
_struct_ref_seq_dif.pdbx_ordinal 
1 9LXG MET A 1   ? UNP P21333 ? ? 'initiating methionine' 0   1 
1 9LXG GLY A 97  ? UNP P21333 ? ? 'expression tag'        96  2 
1 9LXG GLY A 98  ? UNP P21333 ? ? 'expression tag'        97  3 
1 9LXG GLY A 99  ? UNP P21333 ? ? 'expression tag'        98  4 
1 9LXG GLY A 100 ? UNP P21333 ? ? 'expression tag'        99  5 
1 9LXG GLY A 101 ? UNP P21333 ? ? 'expression tag'        100 6 
# 
_pdbx_struct_assembly.id                   1 
_pdbx_struct_assembly.details              author_and_software_defined_assembly 
_pdbx_struct_assembly.method_details       PISA 
_pdbx_struct_assembly.oligomeric_details   dimeric 
_pdbx_struct_assembly.oligomeric_count     2 
# 
loop_
_pdbx_struct_assembly_prop.biol_id 
_pdbx_struct_assembly_prop.type 
_pdbx_struct_assembly_prop.value 
_pdbx_struct_assembly_prop.details 
1 'ABSA (A^2)' 1490 ? 
1 MORE         -8   ? 
1 'SSA (A^2)'  6080 ? 
# 
_pdbx_struct_assembly_gen.assembly_id       1 
_pdbx_struct_assembly_gen.oper_expression   1 
_pdbx_struct_assembly_gen.asym_id_list      A,B,C,D 
# 
_pdbx_struct_assembly_auth_evidence.id                     1 
_pdbx_struct_assembly_auth_evidence.assembly_id            1 
_pdbx_struct_assembly_auth_evidence.experimental_support   none 
_pdbx_struct_assembly_auth_evidence.details                ? 
# 
_pdbx_struct_oper_list.id                   1 
_pdbx_struct_oper_list.type                 'identity operation' 
_pdbx_struct_oper_list.name                 1_555 
_pdbx_struct_oper_list.symmetry_operation   x,y,z 
_pdbx_struct_oper_list.matrix[1][1]         1.0 
_pdbx_struct_oper_list.matrix[1][2]         0.0 
_pdbx_struct_oper_list.matrix[1][3]         0.0 
_pdbx_struct_oper_list.vector[1]            0.0 
_pdbx_struct_oper_list.matrix[2][1]         0.0 
_pdbx_struct_oper_list.matrix[2][2]         1.0 
_pdbx_struct_oper_list.matrix[2][3]         0.0 
_pdbx_struct_oper_list.vector[2]            0.0 
_pdbx_struct_oper_list.matrix[3][1]         0.0 
_pdbx_struct_oper_list.matrix[3][2]         0.0 
_pdbx_struct_oper_list.matrix[3][3]         1.0 
_pdbx_struct_oper_list.vector[3]            0.0 
# 
loop_
_struct_conf.conf_type_id 
_struct_conf.id 
_struct_conf.pdbx_PDB_helix_id 
_struct_conf.beg_label_comp_id 
_struct_conf.beg_label_asym_id 
_struct_conf.beg_label_seq_id 
_struct_conf.pdbx_beg_PDB_ins_code 
_struct_conf.end_label_comp_id 
_struct_conf.end_label_asym_id 
_struct_conf.end_label_seq_id 
_struct_conf.pdbx_end_PDB_ins_code 
_struct_conf.beg_auth_comp_id 
_struct_conf.beg_auth_asym_id 
_struct_conf.beg_auth_seq_id 
_struct_conf.end_auth_comp_id 
_struct_conf.end_auth_asym_id 
_struct_conf.end_auth_seq_id 
_struct_conf.pdbx_PDB_helix_class 
_struct_conf.details 
_struct_conf.pdbx_PDB_helix_length 
HELX_P HELX_P1 AA1 GLY A 2  ? VAL A 7  ? GLY A 1  VAL A 6  5 ? 6 
HELX_P HELX_P2 AA2 GLY A 11 ? GLU A 15 ? GLY A 10 GLU A 14 5 ? 5 
# 
_struct_conf_type.id          HELX_P 
_struct_conf_type.criteria    ? 
_struct_conf_type.reference   ? 
# 
_struct_mon_prot_cis.pdbx_id                1 
_struct_mon_prot_cis.label_comp_id          SER 
_struct_mon_prot_cis.label_seq_id           85 
_struct_mon_prot_cis.label_asym_id          A 
_struct_mon_prot_cis.label_alt_id           . 
_struct_mon_prot_cis.pdbx_PDB_ins_code      ? 
_struct_mon_prot_cis.auth_comp_id           SER 
_struct_mon_prot_cis.auth_seq_id            84 
_struct_mon_prot_cis.auth_asym_id           A 
_struct_mon_prot_cis.pdbx_label_comp_id_2   PRO 
_struct_mon_prot_cis.pdbx_label_seq_id_2    86 
_struct_mon_prot_cis.pdbx_label_asym_id_2   A 
_struct_mon_prot_cis.pdbx_PDB_ins_code_2    ? 
_struct_mon_prot_cis.pdbx_auth_comp_id_2    PRO 
_struct_mon_prot_cis.pdbx_auth_seq_id_2     85 
_struct_mon_prot_cis.pdbx_auth_asym_id_2    A 
_struct_mon_prot_cis.pdbx_PDB_model_num     1 
_struct_mon_prot_cis.pdbx_omega_angle       8.18 
# 
loop_
_struct_sheet.id 
_struct_sheet.type 
_struct_sheet.number_strands 
_struct_sheet.details 
AA1 ? 4 ? 
AA2 ? 4 ? 
AA3 ? 5 ? 
# 
loop_
_struct_sheet_order.sheet_id 
_struct_sheet_order.range_id_1 
_struct_sheet_order.range_id_2 
_struct_sheet_order.offset 
_struct_sheet_order.sense 
AA1 1 2 ? anti-parallel 
AA1 2 3 ? anti-parallel 
AA1 3 4 ? anti-parallel 
AA2 1 2 ? parallel      
AA2 2 3 ? anti-parallel 
AA2 3 4 ? anti-parallel 
AA3 1 2 ? parallel      
AA3 2 3 ? anti-parallel 
AA3 3 4 ? anti-parallel 
AA3 4 5 ? anti-parallel 
# 
loop_
_struct_sheet_range.sheet_id 
_struct_sheet_range.id 
_struct_sheet_range.beg_label_comp_id 
_struct_sheet_range.beg_label_asym_id 
_struct_sheet_range.beg_label_seq_id 
_struct_sheet_range.pdbx_beg_PDB_ins_code 
_struct_sheet_range.end_label_comp_id 
_struct_sheet_range.end_label_asym_id 
_struct_sheet_range.end_label_seq_id 
_struct_sheet_range.pdbx_end_PDB_ins_code 
_struct_sheet_range.beg_auth_comp_id 
_struct_sheet_range.beg_auth_asym_id 
_struct_sheet_range.beg_auth_seq_id 
_struct_sheet_range.end_auth_comp_id 
_struct_sheet_range.end_auth_asym_id 
_struct_sheet_range.end_auth_seq_id 
AA1 1 ARG A 8  ? GLY A 10 ? ARG A 7   GLY A 9   
AA1 2 ALA A 23 ? TRP A 28 ? ALA A 22  TRP A 27  
AA1 3 SER A 58 ? VAL A 64 ? SER A 57  VAL A 63  
AA1 4 GLU A 48 ? ASP A 53 ? GLU A 47  ASP A 52  
AA2 1 ALA A 17 ? GLU A 18 ? ALA A 16  GLU A 17  
AA2 2 PHE A 87 ? ALA A 92 ? PHE A 86  ALA A 91  
AA2 3 GLY A 69 ? PHE A 77 ? GLY A 68  PHE A 76  
AA2 4 GLU A 80 ? HIS A 81 ? GLU A 79  HIS A 80  
AA3 1 ALA A 17 ? GLU A 18 ? ALA A 16  GLU A 17  
AA3 2 PHE A 87 ? ALA A 92 ? PHE A 86  ALA A 91  
AA3 3 GLY A 69 ? PHE A 77 ? GLY A 68  PHE A 76  
AA3 4 GLY A 35 ? GLY A 43 ? GLY A 34  GLY A 42  
AA3 5 ILE B 3  ? ALA B 11 ? ILE B 103 ALA B 111 
# 
loop_
_pdbx_struct_sheet_hbond.sheet_id 
_pdbx_struct_sheet_hbond.range_id_1 
_pdbx_struct_sheet_hbond.range_id_2 
_pdbx_struct_sheet_hbond.range_1_label_atom_id 
_pdbx_struct_sheet_hbond.range_1_label_comp_id 
_pdbx_struct_sheet_hbond.range_1_label_asym_id 
_pdbx_struct_sheet_hbond.range_1_label_seq_id 
_pdbx_struct_sheet_hbond.range_1_PDB_ins_code 
_pdbx_struct_sheet_hbond.range_1_auth_atom_id 
_pdbx_struct_sheet_hbond.range_1_auth_comp_id 
_pdbx_struct_sheet_hbond.range_1_auth_asym_id 
_pdbx_struct_sheet_hbond.range_1_auth_seq_id 
_pdbx_struct_sheet_hbond.range_2_label_atom_id 
_pdbx_struct_sheet_hbond.range_2_label_comp_id 
_pdbx_struct_sheet_hbond.range_2_label_asym_id 
_pdbx_struct_sheet_hbond.range_2_label_seq_id 
_pdbx_struct_sheet_hbond.range_2_PDB_ins_code 
_pdbx_struct_sheet_hbond.range_2_auth_atom_id 
_pdbx_struct_sheet_hbond.range_2_auth_comp_id 
_pdbx_struct_sheet_hbond.range_2_auth_asym_id 
_pdbx_struct_sheet_hbond.range_2_auth_seq_id 
AA1 1 2 N GLY A 10 ? N GLY A 9  O SER A 26 ? O SER A 25  
AA1 2 3 N ILE A 27 ? N ILE A 26 O CYS A 59 ? O CYS A 58  
AA1 3 4 O GLY A 60 ? O GLY A 59 N GLU A 52 ? N GLU A 51  
AA2 1 2 N ALA A 17 ? N ALA A 16 O ALA A 92 ? O ALA A 91  
AA2 2 3 O VAL A 89 ? O VAL A 88 N TYR A 71 ? N TYR A 70  
AA2 3 4 N PHE A 77 ? N PHE A 76 O GLU A 80 ? O GLU A 79  
AA3 1 2 N ALA A 17 ? N ALA A 16 O ALA A 92 ? O ALA A 91  
AA3 2 3 O VAL A 89 ? O VAL A 88 N TYR A 71 ? N TYR A 70  
AA3 3 4 O GLU A 72 ? O GLU A 71 N GLU A 42 ? N GLU A 41  
AA3 4 5 N LEU A 37 ? N LEU A 36 O PHE B 9  ? O PHE B 109 
# 
_pdbx_entry_details.entry_id                   9LXG 
_pdbx_entry_details.compound_details           ? 
_pdbx_entry_details.source_details             ? 
_pdbx_entry_details.nonpolymer_details         ? 
_pdbx_entry_details.sequence_details           ? 
_pdbx_entry_details.has_ligand_of_interest     ? 
_pdbx_entry_details.has_protein_modification   N 
# 
_pdbx_validate_close_contact.id               1 
_pdbx_validate_close_contact.PDB_model_num    1 
_pdbx_validate_close_contact.auth_atom_id_1   NH1 
_pdbx_validate_close_contact.auth_asym_id_1   A 
_pdbx_validate_close_contact.auth_comp_id_1   ARG 
_pdbx_validate_close_contact.auth_seq_id_1    53 
_pdbx_validate_close_contact.PDB_ins_code_1   ? 
_pdbx_validate_close_contact.label_alt_id_1   ? 
_pdbx_validate_close_contact.auth_atom_id_2   OG 
_pdbx_validate_close_contact.auth_asym_id_2   A 
_pdbx_validate_close_contact.auth_comp_id_2   SER 
_pdbx_validate_close_contact.auth_seq_id_2    57 
_pdbx_validate_close_contact.PDB_ins_code_2   ? 
_pdbx_validate_close_contact.label_alt_id_2   ? 
_pdbx_validate_close_contact.dist             2.18 
# 
loop_
_pdbx_validate_torsion.id 
_pdbx_validate_torsion.PDB_model_num 
_pdbx_validate_torsion.auth_comp_id 
_pdbx_validate_torsion.auth_asym_id 
_pdbx_validate_torsion.auth_seq_id 
_pdbx_validate_torsion.PDB_ins_code 
_pdbx_validate_torsion.label_alt_id 
_pdbx_validate_torsion.phi 
_pdbx_validate_torsion.psi 
1 1 GLU A 14 ? ? -126.11 -58.92 
2 1 ASP A 55 ? ? -64.49  0.05   
# 
loop_
_space_group_symop.id 
_space_group_symop.operation_xyz 
1 x,y,z         
2 -y,x-y,z+1/3  
3 -x+y,-x,z+2/3 
4 -y,-x,-z+2/3  
5 -x+y,y,-z+1/3 
6 x,x-y,-z      
# 
_pdbx_refine_tls.id               1 
_pdbx_refine_tls.pdbx_refine_id   'X-RAY DIFFRACTION' 
_pdbx_refine_tls.details          ? 
_pdbx_refine_tls.method           refined 
_pdbx_refine_tls.origin_x         -0.2324049890 
_pdbx_refine_tls.origin_y         -0.1614319015 
_pdbx_refine_tls.origin_z         -0.06659100713 
_pdbx_refine_tls.T[1][1]          0.184398225869 
_pdbx_refine_tls.T[1][1]_esd      ? 
_pdbx_refine_tls.T[1][2]          0.018434802093 
_pdbx_refine_tls.T[1][2]_esd      ? 
_pdbx_refine_tls.T[1][3]          -0.017553510753 
_pdbx_refine_tls.T[1][3]_esd      ? 
_pdbx_refine_tls.T[2][2]          0.224715232849 
_pdbx_refine_tls.T[2][2]_esd      ? 
_pdbx_refine_tls.T[2][3]          -0.014166964088 
_pdbx_refine_tls.T[2][3]_esd      ? 
_pdbx_refine_tls.T[3][3]          0.172099512924 
_pdbx_refine_tls.T[3][3]_esd      ? 
_pdbx_refine_tls.L[1][1]          1.32769617986 
_pdbx_refine_tls.L[1][1]_esd      ? 
_pdbx_refine_tls.L[1][2]          -0.092349482932 
_pdbx_refine_tls.L[1][2]_esd      ? 
_pdbx_refine_tls.L[1][3]          0.777526466102 
_pdbx_refine_tls.L[1][3]_esd      ? 
_pdbx_refine_tls.L[2][2]          2.80211343506 
_pdbx_refine_tls.L[2][2]_esd      ? 
_pdbx_refine_tls.L[2][3]          0.150700579260 
_pdbx_refine_tls.L[2][3]_esd      ? 
_pdbx_refine_tls.L[3][3]          2.98620436130 
_pdbx_refine_tls.L[3][3]_esd      ? 
_pdbx_refine_tls.S[1][1]          0.109344527959 
_pdbx_refine_tls.S[1][1]_esd      ? 
_pdbx_refine_tls.S[1][2]          0.071713724151 
_pdbx_refine_tls.S[1][2]_esd      ? 
_pdbx_refine_tls.S[1][3]          -0.017007633745 
_pdbx_refine_tls.S[1][3]_esd      ? 
_pdbx_refine_tls.S[2][1]          -0.214216141914 
_pdbx_refine_tls.S[2][1]_esd      ? 
_pdbx_refine_tls.S[2][2]          -0.120145745003 
_pdbx_refine_tls.S[2][2]_esd      ? 
_pdbx_refine_tls.S[2][3]          0.233068039356 
_pdbx_refine_tls.S[2][3]_esd      ? 
_pdbx_refine_tls.S[3][1]          0.160851338521 
_pdbx_refine_tls.S[3][1]_esd      ? 
_pdbx_refine_tls.S[3][2]          -0.198387074582 
_pdbx_refine_tls.S[3][2]_esd      ? 
_pdbx_refine_tls.S[3][3]          -0.013940445299 
_pdbx_refine_tls.S[3][3]_esd      ? 
# 
_pdbx_refine_tls_group.id                  1 
_pdbx_refine_tls_group.pdbx_refine_id      'X-RAY DIFFRACTION' 
_pdbx_refine_tls_group.refine_tls_id       1 
_pdbx_refine_tls_group.beg_label_asym_id   A 
_pdbx_refine_tls_group.beg_label_seq_id    1 
_pdbx_refine_tls_group.beg_auth_asym_id    A 
_pdbx_refine_tls_group.beg_auth_seq_id     0 
_pdbx_refine_tls_group.beg_PDB_ins_code    ? 
_pdbx_refine_tls_group.end_label_asym_id   C 
_pdbx_refine_tls_group.end_label_seq_id    ? 
_pdbx_refine_tls_group.end_auth_asym_id    S 
_pdbx_refine_tls_group.end_auth_seq_id     11 
_pdbx_refine_tls_group.end_PDB_ins_code    ? 
_pdbx_refine_tls_group.selection           ? 
_pdbx_refine_tls_group.selection_details   all 
# 
loop_
_pdbx_unobs_or_zero_occ_residues.id 
_pdbx_unobs_or_zero_occ_residues.PDB_model_num 
_pdbx_unobs_or_zero_occ_residues.polymer_flag 
_pdbx_unobs_or_zero_occ_residues.occupancy_flag 
_pdbx_unobs_or_zero_occ_residues.auth_asym_id 
_pdbx_unobs_or_zero_occ_residues.auth_comp_id 
_pdbx_unobs_or_zero_occ_residues.auth_seq_id 
_pdbx_unobs_or_zero_occ_residues.PDB_ins_code 
_pdbx_unobs_or_zero_occ_residues.label_asym_id 
_pdbx_unobs_or_zero_occ_residues.label_comp_id 
_pdbx_unobs_or_zero_occ_residues.label_seq_id 
1 1 Y 1 A GLY 96  ? A GLY 97  
2 1 Y 1 A GLY 97  ? A GLY 98  
3 1 Y 1 A GLY 98  ? A GLY 99  
4 1 Y 1 A GLY 99  ? A GLY 100 
5 1 Y 1 A GLY 100 ? A GLY 101 
# 
loop_
_chem_comp_atom.comp_id 
_chem_comp_atom.atom_id 
_chem_comp_atom.type_symbol 
_chem_comp_atom.pdbx_aromatic_flag 
_chem_comp_atom.pdbx_stereo_config 
_chem_comp_atom.pdbx_ordinal 
ALA N    N N N 1   
ALA CA   C N S 2   
ALA C    C N N 3   
ALA O    O N N 4   
ALA CB   C N N 5   
ALA OXT  O N N 6   
ALA H    H N N 7   
ALA H2   H N N 8   
ALA HA   H N N 9   
ALA HB1  H N N 10  
ALA HB2  H N N 11  
ALA HB3  H N N 12  
ALA HXT  H N N 13  
ARG N    N N N 14  
ARG CA   C N S 15  
ARG C    C N N 16  
ARG O    O N N 17  
ARG CB   C N N 18  
ARG CG   C N N 19  
ARG CD   C N N 20  
ARG NE   N N N 21  
ARG CZ   C N N 22  
ARG NH1  N N N 23  
ARG NH2  N N N 24  
ARG OXT  O N N 25  
ARG H    H N N 26  
ARG H2   H N N 27  
ARG HA   H N N 28  
ARG HB2  H N N 29  
ARG HB3  H N N 30  
ARG HG2  H N N 31  
ARG HG3  H N N 32  
ARG HD2  H N N 33  
ARG HD3  H N N 34  
ARG HE   H N N 35  
ARG HH11 H N N 36  
ARG HH12 H N N 37  
ARG HH21 H N N 38  
ARG HH22 H N N 39  
ARG HXT  H N N 40  
ASN N    N N N 41  
ASN CA   C N S 42  
ASN C    C N N 43  
ASN O    O N N 44  
ASN CB   C N N 45  
ASN CG   C N N 46  
ASN OD1  O N N 47  
ASN ND2  N N N 48  
ASN OXT  O N N 49  
ASN H    H N N 50  
ASN H2   H N N 51  
ASN HA   H N N 52  
ASN HB2  H N N 53  
ASN HB3  H N N 54  
ASN HD21 H N N 55  
ASN HD22 H N N 56  
ASN HXT  H N N 57  
ASP N    N N N 58  
ASP CA   C N S 59  
ASP C    C N N 60  
ASP O    O N N 61  
ASP CB   C N N 62  
ASP CG   C N N 63  
ASP OD1  O N N 64  
ASP OD2  O N N 65  
ASP OXT  O N N 66  
ASP H    H N N 67  
ASP H2   H N N 68  
ASP HA   H N N 69  
ASP HB2  H N N 70  
ASP HB3  H N N 71  
ASP HD2  H N N 72  
ASP HXT  H N N 73  
CYS N    N N N 74  
CYS CA   C N R 75  
CYS C    C N N 76  
CYS O    O N N 77  
CYS CB   C N N 78  
CYS SG   S N N 79  
CYS OXT  O N N 80  
CYS H    H N N 81  
CYS H2   H N N 82  
CYS HA   H N N 83  
CYS HB2  H N N 84  
CYS HB3  H N N 85  
CYS HG   H N N 86  
CYS HXT  H N N 87  
GLN N    N N N 88  
GLN CA   C N S 89  
GLN C    C N N 90  
GLN O    O N N 91  
GLN CB   C N N 92  
GLN CG   C N N 93  
GLN CD   C N N 94  
GLN OE1  O N N 95  
GLN NE2  N N N 96  
GLN OXT  O N N 97  
GLN H    H N N 98  
GLN H2   H N N 99  
GLN HA   H N N 100 
GLN HB2  H N N 101 
GLN HB3  H N N 102 
GLN HG2  H N N 103 
GLN HG3  H N N 104 
GLN HE21 H N N 105 
GLN HE22 H N N 106 
GLN HXT  H N N 107 
GLU N    N N N 108 
GLU CA   C N S 109 
GLU C    C N N 110 
GLU O    O N N 111 
GLU CB   C N N 112 
GLU CG   C N N 113 
GLU CD   C N N 114 
GLU OE1  O N N 115 
GLU OE2  O N N 116 
GLU OXT  O N N 117 
GLU H    H N N 118 
GLU H2   H N N 119 
GLU HA   H N N 120 
GLU HB2  H N N 121 
GLU HB3  H N N 122 
GLU HG2  H N N 123 
GLU HG3  H N N 124 
GLU HE2  H N N 125 
GLU HXT  H N N 126 
GLY N    N N N 127 
GLY CA   C N N 128 
GLY C    C N N 129 
GLY O    O N N 130 
GLY OXT  O N N 131 
GLY H    H N N 132 
GLY H2   H N N 133 
GLY HA2  H N N 134 
GLY HA3  H N N 135 
GLY HXT  H N N 136 
HIS N    N N N 137 
HIS CA   C N S 138 
HIS C    C N N 139 
HIS O    O N N 140 
HIS CB   C N N 141 
HIS CG   C Y N 142 
HIS ND1  N Y N 143 
HIS CD2  C Y N 144 
HIS CE1  C Y N 145 
HIS NE2  N Y N 146 
HIS OXT  O N N 147 
HIS H    H N N 148 
HIS H2   H N N 149 
HIS HA   H N N 150 
HIS HB2  H N N 151 
HIS HB3  H N N 152 
HIS HD1  H N N 153 
HIS HD2  H N N 154 
HIS HE1  H N N 155 
HIS HE2  H N N 156 
HIS HXT  H N N 157 
HOH O    O N N 158 
HOH H1   H N N 159 
HOH H2   H N N 160 
ILE N    N N N 161 
ILE CA   C N S 162 
ILE C    C N N 163 
ILE O    O N N 164 
ILE CB   C N S 165 
ILE CG1  C N N 166 
ILE CG2  C N N 167 
ILE CD1  C N N 168 
ILE OXT  O N N 169 
ILE H    H N N 170 
ILE H2   H N N 171 
ILE HA   H N N 172 
ILE HB   H N N 173 
ILE HG12 H N N 174 
ILE HG13 H N N 175 
ILE HG21 H N N 176 
ILE HG22 H N N 177 
ILE HG23 H N N 178 
ILE HD11 H N N 179 
ILE HD12 H N N 180 
ILE HD13 H N N 181 
ILE HXT  H N N 182 
LEU N    N N N 183 
LEU CA   C N S 184 
LEU C    C N N 185 
LEU O    O N N 186 
LEU CB   C N N 187 
LEU CG   C N N 188 
LEU CD1  C N N 189 
LEU CD2  C N N 190 
LEU OXT  O N N 191 
LEU H    H N N 192 
LEU H2   H N N 193 
LEU HA   H N N 194 
LEU HB2  H N N 195 
LEU HB3  H N N 196 
LEU HG   H N N 197 
LEU HD11 H N N 198 
LEU HD12 H N N 199 
LEU HD13 H N N 200 
LEU HD21 H N N 201 
LEU HD22 H N N 202 
LEU HD23 H N N 203 
LEU HXT  H N N 204 
LYS N    N N N 205 
LYS CA   C N S 206 
LYS C    C N N 207 
LYS O    O N N 208 
LYS CB   C N N 209 
LYS CG   C N N 210 
LYS CD   C N N 211 
LYS CE   C N N 212 
LYS NZ   N N N 213 
LYS OXT  O N N 214 
LYS H    H N N 215 
LYS H2   H N N 216 
LYS HA   H N N 217 
LYS HB2  H N N 218 
LYS HB3  H N N 219 
LYS HG2  H N N 220 
LYS HG3  H N N 221 
LYS HD2  H N N 222 
LYS HD3  H N N 223 
LYS HE2  H N N 224 
LYS HE3  H N N 225 
LYS HZ1  H N N 226 
LYS HZ2  H N N 227 
LYS HZ3  H N N 228 
LYS HXT  H N N 229 
MET N    N N N 230 
MET CA   C N S 231 
MET C    C N N 232 
MET O    O N N 233 
MET CB   C N N 234 
MET CG   C N N 235 
MET SD   S N N 236 
MET CE   C N N 237 
MET OXT  O N N 238 
MET H    H N N 239 
MET H2   H N N 240 
MET HA   H N N 241 
MET HB2  H N N 242 
MET HB3  H N N 243 
MET HG2  H N N 244 
MET HG3  H N N 245 
MET HE1  H N N 246 
MET HE2  H N N 247 
MET HE3  H N N 248 
MET HXT  H N N 249 
PHE N    N N N 250 
PHE CA   C N S 251 
PHE C    C N N 252 
PHE O    O N N 253 
PHE CB   C N N 254 
PHE CG   C Y N 255 
PHE CD1  C Y N 256 
PHE CD2  C Y N 257 
PHE CE1  C Y N 258 
PHE CE2  C Y N 259 
PHE CZ   C Y N 260 
PHE OXT  O N N 261 
PHE H    H N N 262 
PHE H2   H N N 263 
PHE HA   H N N 264 
PHE HB2  H N N 265 
PHE HB3  H N N 266 
PHE HD1  H N N 267 
PHE HD2  H N N 268 
PHE HE1  H N N 269 
PHE HE2  H N N 270 
PHE HZ   H N N 271 
PHE HXT  H N N 272 
PRO N    N N N 273 
PRO CA   C N S 274 
PRO C    C N N 275 
PRO O    O N N 276 
PRO CB   C N N 277 
PRO CG   C N N 278 
PRO CD   C N N 279 
PRO OXT  O N N 280 
PRO H    H N N 281 
PRO HA   H N N 282 
PRO HB2  H N N 283 
PRO HB3  H N N 284 
PRO HG2  H N N 285 
PRO HG3  H N N 286 
PRO HD2  H N N 287 
PRO HD3  H N N 288 
PRO HXT  H N N 289 
SER N    N N N 290 
SER CA   C N S 291 
SER C    C N N 292 
SER O    O N N 293 
SER CB   C N N 294 
SER OG   O N N 295 
SER OXT  O N N 296 
SER H    H N N 297 
SER H2   H N N 298 
SER HA   H N N 299 
SER HB2  H N N 300 
SER HB3  H N N 301 
SER HG   H N N 302 
SER HXT  H N N 303 
THR N    N N N 304 
THR CA   C N S 305 
THR C    C N N 306 
THR O    O N N 307 
THR CB   C N R 308 
THR OG1  O N N 309 
THR CG2  C N N 310 
THR OXT  O N N 311 
THR H    H N N 312 
THR H2   H N N 313 
THR HA   H N N 314 
THR HB   H N N 315 
THR HG1  H N N 316 
THR HG21 H N N 317 
THR HG22 H N N 318 
THR HG23 H N N 319 
THR HXT  H N N 320 
TRP N    N N N 321 
TRP CA   C N S 322 
TRP C    C N N 323 
TRP O    O N N 324 
TRP CB   C N N 325 
TRP CG   C Y N 326 
TRP CD1  C Y N 327 
TRP CD2  C Y N 328 
TRP NE1  N Y N 329 
TRP CE2  C Y N 330 
TRP CE3  C Y N 331 
TRP CZ2  C Y N 332 
TRP CZ3  C Y N 333 
TRP CH2  C Y N 334 
TRP OXT  O N N 335 
TRP H    H N N 336 
TRP H2   H N N 337 
TRP HA   H N N 338 
TRP HB2  H N N 339 
TRP HB3  H N N 340 
TRP HD1  H N N 341 
TRP HE1  H N N 342 
TRP HE3  H N N 343 
TRP HZ2  H N N 344 
TRP HZ3  H N N 345 
TRP HH2  H N N 346 
TRP HXT  H N N 347 
TYR N    N N N 348 
TYR CA   C N S 349 
TYR C    C N N 350 
TYR O    O N N 351 
TYR CB   C N N 352 
TYR CG   C Y N 353 
TYR CD1  C Y N 354 
TYR CD2  C Y N 355 
TYR CE1  C Y N 356 
TYR CE2  C Y N 357 
TYR CZ   C Y N 358 
TYR OH   O N N 359 
TYR OXT  O N N 360 
TYR H    H N N 361 
TYR H2   H N N 362 
TYR HA   H N N 363 
TYR HB2  H N N 364 
TYR HB3  H N N 365 
TYR HD1  H N N 366 
TYR HD2  H N N 367 
TYR HE1  H N N 368 
TYR HE2  H N N 369 
TYR HH   H N N 370 
TYR HXT  H N N 371 
VAL N    N N N 372 
VAL CA   C N S 373 
VAL C    C N N 374 
VAL O    O N N 375 
VAL CB   C N N 376 
VAL CG1  C N N 377 
VAL CG2  C N N 378 
VAL OXT  O N N 379 
VAL H    H N N 380 
VAL H2   H N N 381 
VAL HA   H N N 382 
VAL HB   H N N 383 
VAL HG11 H N N 384 
VAL HG12 H N N 385 
VAL HG13 H N N 386 
VAL HG21 H N N 387 
VAL HG22 H N N 388 
VAL HG23 H N N 389 
VAL HXT  H N N 390 
# 
loop_
_chem_comp_bond.comp_id 
_chem_comp_bond.atom_id_1 
_chem_comp_bond.atom_id_2 
_chem_comp_bond.value_order 
_chem_comp_bond.pdbx_aromatic_flag 
_chem_comp_bond.pdbx_stereo_config 
_chem_comp_bond.pdbx_ordinal 
ALA N   CA   sing N N 1   
ALA N   H    sing N N 2   
ALA N   H2   sing N N 3   
ALA CA  C    sing N N 4   
ALA CA  CB   sing N N 5   
ALA CA  HA   sing N N 6   
ALA C   O    doub N N 7   
ALA C   OXT  sing N N 8   
ALA CB  HB1  sing N N 9   
ALA CB  HB2  sing N N 10  
ALA CB  HB3  sing N N 11  
ALA OXT HXT  sing N N 12  
ARG N   CA   sing N N 13  
ARG N   H    sing N N 14  
ARG N   H2   sing N N 15  
ARG CA  C    sing N N 16  
ARG CA  CB   sing N N 17  
ARG CA  HA   sing N N 18  
ARG C   O    doub N N 19  
ARG C   OXT  sing N N 20  
ARG CB  CG   sing N N 21  
ARG CB  HB2  sing N N 22  
ARG CB  HB3  sing N N 23  
ARG CG  CD   sing N N 24  
ARG CG  HG2  sing N N 25  
ARG CG  HG3  sing N N 26  
ARG CD  NE   sing N N 27  
ARG CD  HD2  sing N N 28  
ARG CD  HD3  sing N N 29  
ARG NE  CZ   sing N N 30  
ARG NE  HE   sing N N 31  
ARG CZ  NH1  sing N N 32  
ARG CZ  NH2  doub N N 33  
ARG NH1 HH11 sing N N 34  
ARG NH1 HH12 sing N N 35  
ARG NH2 HH21 sing N N 36  
ARG NH2 HH22 sing N N 37  
ARG OXT HXT  sing N N 38  
ASN N   CA   sing N N 39  
ASN N   H    sing N N 40  
ASN N   H2   sing N N 41  
ASN CA  C    sing N N 42  
ASN CA  CB   sing N N 43  
ASN CA  HA   sing N N 44  
ASN C   O    doub N N 45  
ASN C   OXT  sing N N 46  
ASN CB  CG   sing N N 47  
ASN CB  HB2  sing N N 48  
ASN CB  HB3  sing N N 49  
ASN CG  OD1  doub N N 50  
ASN CG  ND2  sing N N 51  
ASN ND2 HD21 sing N N 52  
ASN ND2 HD22 sing N N 53  
ASN OXT HXT  sing N N 54  
ASP N   CA   sing N N 55  
ASP N   H    sing N N 56  
ASP N   H2   sing N N 57  
ASP CA  C    sing N N 58  
ASP CA  CB   sing N N 59  
ASP CA  HA   sing N N 60  
ASP C   O    doub N N 61  
ASP C   OXT  sing N N 62  
ASP CB  CG   sing N N 63  
ASP CB  HB2  sing N N 64  
ASP CB  HB3  sing N N 65  
ASP CG  OD1  doub N N 66  
ASP CG  OD2  sing N N 67  
ASP OD2 HD2  sing N N 68  
ASP OXT HXT  sing N N 69  
CYS N   CA   sing N N 70  
CYS N   H    sing N N 71  
CYS N   H2   sing N N 72  
CYS CA  C    sing N N 73  
CYS CA  CB   sing N N 74  
CYS CA  HA   sing N N 75  
CYS C   O    doub N N 76  
CYS C   OXT  sing N N 77  
CYS CB  SG   sing N N 78  
CYS CB  HB2  sing N N 79  
CYS CB  HB3  sing N N 80  
CYS SG  HG   sing N N 81  
CYS OXT HXT  sing N N 82  
GLN N   CA   sing N N 83  
GLN N   H    sing N N 84  
GLN N   H2   sing N N 85  
GLN CA  C    sing N N 86  
GLN CA  CB   sing N N 87  
GLN CA  HA   sing N N 88  
GLN C   O    doub N N 89  
GLN C   OXT  sing N N 90  
GLN CB  CG   sing N N 91  
GLN CB  HB2  sing N N 92  
GLN CB  HB3  sing N N 93  
GLN CG  CD   sing N N 94  
GLN CG  HG2  sing N N 95  
GLN CG  HG3  sing N N 96  
GLN CD  OE1  doub N N 97  
GLN CD  NE2  sing N N 98  
GLN NE2 HE21 sing N N 99  
GLN NE2 HE22 sing N N 100 
GLN OXT HXT  sing N N 101 
GLU N   CA   sing N N 102 
GLU N   H    sing N N 103 
GLU N   H2   sing N N 104 
GLU CA  C    sing N N 105 
GLU CA  CB   sing N N 106 
GLU CA  HA   sing N N 107 
GLU C   O    doub N N 108 
GLU C   OXT  sing N N 109 
GLU CB  CG   sing N N 110 
GLU CB  HB2  sing N N 111 
GLU CB  HB3  sing N N 112 
GLU CG  CD   sing N N 113 
GLU CG  HG2  sing N N 114 
GLU CG  HG3  sing N N 115 
GLU CD  OE1  doub N N 116 
GLU CD  OE2  sing N N 117 
GLU OE2 HE2  sing N N 118 
GLU OXT HXT  sing N N 119 
GLY N   CA   sing N N 120 
GLY N   H    sing N N 121 
GLY N   H2   sing N N 122 
GLY CA  C    sing N N 123 
GLY CA  HA2  sing N N 124 
GLY CA  HA3  sing N N 125 
GLY C   O    doub N N 126 
GLY C   OXT  sing N N 127 
GLY OXT HXT  sing N N 128 
HIS N   CA   sing N N 129 
HIS N   H    sing N N 130 
HIS N   H2   sing N N 131 
HIS CA  C    sing N N 132 
HIS CA  CB   sing N N 133 
HIS CA  HA   sing N N 134 
HIS C   O    doub N N 135 
HIS C   OXT  sing N N 136 
HIS CB  CG   sing N N 137 
HIS CB  HB2  sing N N 138 
HIS CB  HB3  sing N N 139 
HIS CG  ND1  sing Y N 140 
HIS CG  CD2  doub Y N 141 
HIS ND1 CE1  doub Y N 142 
HIS ND1 HD1  sing N N 143 
HIS CD2 NE2  sing Y N 144 
HIS CD2 HD2  sing N N 145 
HIS CE1 NE2  sing Y N 146 
HIS CE1 HE1  sing N N 147 
HIS NE2 HE2  sing N N 148 
HIS OXT HXT  sing N N 149 
HOH O   H1   sing N N 150 
HOH O   H2   sing N N 151 
ILE N   CA   sing N N 152 
ILE N   H    sing N N 153 
ILE N   H2   sing N N 154 
ILE CA  C    sing N N 155 
ILE CA  CB   sing N N 156 
ILE CA  HA   sing N N 157 
ILE C   O    doub N N 158 
ILE C   OXT  sing N N 159 
ILE CB  CG1  sing N N 160 
ILE CB  CG2  sing N N 161 
ILE CB  HB   sing N N 162 
ILE CG1 CD1  sing N N 163 
ILE CG1 HG12 sing N N 164 
ILE CG1 HG13 sing N N 165 
ILE CG2 HG21 sing N N 166 
ILE CG2 HG22 sing N N 167 
ILE CG2 HG23 sing N N 168 
ILE CD1 HD11 sing N N 169 
ILE CD1 HD12 sing N N 170 
ILE CD1 HD13 sing N N 171 
ILE OXT HXT  sing N N 172 
LEU N   CA   sing N N 173 
LEU N   H    sing N N 174 
LEU N   H2   sing N N 175 
LEU CA  C    sing N N 176 
LEU CA  CB   sing N N 177 
LEU CA  HA   sing N N 178 
LEU C   O    doub N N 179 
LEU C   OXT  sing N N 180 
LEU CB  CG   sing N N 181 
LEU CB  HB2  sing N N 182 
LEU CB  HB3  sing N N 183 
LEU CG  CD1  sing N N 184 
LEU CG  CD2  sing N N 185 
LEU CG  HG   sing N N 186 
LEU CD1 HD11 sing N N 187 
LEU CD1 HD12 sing N N 188 
LEU CD1 HD13 sing N N 189 
LEU CD2 HD21 sing N N 190 
LEU CD2 HD22 sing N N 191 
LEU CD2 HD23 sing N N 192 
LEU OXT HXT  sing N N 193 
LYS N   CA   sing N N 194 
LYS N   H    sing N N 195 
LYS N   H2   sing N N 196 
LYS CA  C    sing N N 197 
LYS CA  CB   sing N N 198 
LYS CA  HA   sing N N 199 
LYS C   O    doub N N 200 
LYS C   OXT  sing N N 201 
LYS CB  CG   sing N N 202 
LYS CB  HB2  sing N N 203 
LYS CB  HB3  sing N N 204 
LYS CG  CD   sing N N 205 
LYS CG  HG2  sing N N 206 
LYS CG  HG3  sing N N 207 
LYS CD  CE   sing N N 208 
LYS CD  HD2  sing N N 209 
LYS CD  HD3  sing N N 210 
LYS CE  NZ   sing N N 211 
LYS CE  HE2  sing N N 212 
LYS CE  HE3  sing N N 213 
LYS NZ  HZ1  sing N N 214 
LYS NZ  HZ2  sing N N 215 
LYS NZ  HZ3  sing N N 216 
LYS OXT HXT  sing N N 217 
MET N   CA   sing N N 218 
MET N   H    sing N N 219 
MET N   H2   sing N N 220 
MET CA  C    sing N N 221 
MET CA  CB   sing N N 222 
MET CA  HA   sing N N 223 
MET C   O    doub N N 224 
MET C   OXT  sing N N 225 
MET CB  CG   sing N N 226 
MET CB  HB2  sing N N 227 
MET CB  HB3  sing N N 228 
MET CG  SD   sing N N 229 
MET CG  HG2  sing N N 230 
MET CG  HG3  sing N N 231 
MET SD  CE   sing N N 232 
MET CE  HE1  sing N N 233 
MET CE  HE2  sing N N 234 
MET CE  HE3  sing N N 235 
MET OXT HXT  sing N N 236 
PHE N   CA   sing N N 237 
PHE N   H    sing N N 238 
PHE N   H2   sing N N 239 
PHE CA  C    sing N N 240 
PHE CA  CB   sing N N 241 
PHE CA  HA   sing N N 242 
PHE C   O    doub N N 243 
PHE C   OXT  sing N N 244 
PHE CB  CG   sing N N 245 
PHE CB  HB2  sing N N 246 
PHE CB  HB3  sing N N 247 
PHE CG  CD1  doub Y N 248 
PHE CG  CD2  sing Y N 249 
PHE CD1 CE1  sing Y N 250 
PHE CD1 HD1  sing N N 251 
PHE CD2 CE2  doub Y N 252 
PHE CD2 HD2  sing N N 253 
PHE CE1 CZ   doub Y N 254 
PHE CE1 HE1  sing N N 255 
PHE CE2 CZ   sing Y N 256 
PHE CE2 HE2  sing N N 257 
PHE CZ  HZ   sing N N 258 
PHE OXT HXT  sing N N 259 
PRO N   CA   sing N N 260 
PRO N   CD   sing N N 261 
PRO N   H    sing N N 262 
PRO CA  C    sing N N 263 
PRO CA  CB   sing N N 264 
PRO CA  HA   sing N N 265 
PRO C   O    doub N N 266 
PRO C   OXT  sing N N 267 
PRO CB  CG   sing N N 268 
PRO CB  HB2  sing N N 269 
PRO CB  HB3  sing N N 270 
PRO CG  CD   sing N N 271 
PRO CG  HG2  sing N N 272 
PRO CG  HG3  sing N N 273 
PRO CD  HD2  sing N N 274 
PRO CD  HD3  sing N N 275 
PRO OXT HXT  sing N N 276 
SER N   CA   sing N N 277 
SER N   H    sing N N 278 
SER N   H2   sing N N 279 
SER CA  C    sing N N 280 
SER CA  CB   sing N N 281 
SER CA  HA   sing N N 282 
SER C   O    doub N N 283 
SER C   OXT  sing N N 284 
SER CB  OG   sing N N 285 
SER CB  HB2  sing N N 286 
SER CB  HB3  sing N N 287 
SER OG  HG   sing N N 288 
SER OXT HXT  sing N N 289 
THR N   CA   sing N N 290 
THR N   H    sing N N 291 
THR N   H2   sing N N 292 
THR CA  C    sing N N 293 
THR CA  CB   sing N N 294 
THR CA  HA   sing N N 295 
THR C   O    doub N N 296 
THR C   OXT  sing N N 297 
THR CB  OG1  sing N N 298 
THR CB  CG2  sing N N 299 
THR CB  HB   sing N N 300 
THR OG1 HG1  sing N N 301 
THR CG2 HG21 sing N N 302 
THR CG2 HG22 sing N N 303 
THR CG2 HG23 sing N N 304 
THR OXT HXT  sing N N 305 
TRP N   CA   sing N N 306 
TRP N   H    sing N N 307 
TRP N   H2   sing N N 308 
TRP CA  C    sing N N 309 
TRP CA  CB   sing N N 310 
TRP CA  HA   sing N N 311 
TRP C   O    doub N N 312 
TRP C   OXT  sing N N 313 
TRP CB  CG   sing N N 314 
TRP CB  HB2  sing N N 315 
TRP CB  HB3  sing N N 316 
TRP CG  CD1  doub Y N 317 
TRP CG  CD2  sing Y N 318 
TRP CD1 NE1  sing Y N 319 
TRP CD1 HD1  sing N N 320 
TRP CD2 CE2  doub Y N 321 
TRP CD2 CE3  sing Y N 322 
TRP NE1 CE2  sing Y N 323 
TRP NE1 HE1  sing N N 324 
TRP CE2 CZ2  sing Y N 325 
TRP CE3 CZ3  doub Y N 326 
TRP CE3 HE3  sing N N 327 
TRP CZ2 CH2  doub Y N 328 
TRP CZ2 HZ2  sing N N 329 
TRP CZ3 CH2  sing Y N 330 
TRP CZ3 HZ3  sing N N 331 
TRP CH2 HH2  sing N N 332 
TRP OXT HXT  sing N N 333 
TYR N   CA   sing N N 334 
TYR N   H    sing N N 335 
TYR N   H2   sing N N 336 
TYR CA  C    sing N N 337 
TYR CA  CB   sing N N 338 
TYR CA  HA   sing N N 339 
TYR C   O    doub N N 340 
TYR C   OXT  sing N N 341 
TYR CB  CG   sing N N 342 
TYR CB  HB2  sing N N 343 
TYR CB  HB3  sing N N 344 
TYR CG  CD1  doub Y N 345 
TYR CG  CD2  sing Y N 346 
TYR CD1 CE1  sing Y N 347 
TYR CD1 HD1  sing N N 348 
TYR CD2 CE2  doub Y N 349 
TYR CD2 HD2  sing N N 350 
TYR CE1 CZ   doub Y N 351 
TYR CE1 HE1  sing N N 352 
TYR CE2 CZ   sing Y N 353 
TYR CE2 HE2  sing N N 354 
TYR CZ  OH   sing N N 355 
TYR OH  HH   sing N N 356 
TYR OXT HXT  sing N N 357 
VAL N   CA   sing N N 358 
VAL N   H    sing N N 359 
VAL N   H2   sing N N 360 
VAL CA  C    sing N N 361 
VAL CA  CB   sing N N 362 
VAL CA  HA   sing N N 363 
VAL C   O    doub N N 364 
VAL C   OXT  sing N N 365 
VAL CB  CG1  sing N N 366 
VAL CB  CG2  sing N N 367 
VAL CB  HB   sing N N 368 
VAL CG1 HG11 sing N N 369 
VAL CG1 HG12 sing N N 370 
VAL CG1 HG13 sing N N 371 
VAL CG2 HG21 sing N N 372 
VAL CG2 HG22 sing N N 373 
VAL CG2 HG23 sing N N 374 
VAL OXT HXT  sing N N 375 
# 
_pdbx_audit_support.funding_organization   'National Natural Science Foundation of China (NSFC)' 
_pdbx_audit_support.country                China 
_pdbx_audit_support.grant_number           32070777 
_pdbx_audit_support.ordinal                1 
# 
_pdbx_initial_refinement_model.id               1 
_pdbx_initial_refinement_model.entity_id_list   ? 
_pdbx_initial_refinement_model.type             'in silico model' 
_pdbx_initial_refinement_model.source_name      AlphaFold 
_pdbx_initial_refinement_model.accession_code   ? 
_pdbx_initial_refinement_model.details          ? 
# 
_space_group.name_H-M_alt     'P 31 1 2' 
_space_group.name_Hall        'P 31 2 (x,y,z+1/3)' 
_space_group.IT_number        151 
_space_group.crystal_system   trigonal 
_space_group.id               1 
# 
_atom_sites.entry_id                    9LXG 
_atom_sites.Cartn_transf_matrix[1][1]   ? 
_atom_sites.Cartn_transf_matrix[1][2]   ? 
_atom_sites.Cartn_transf_matrix[1][3]   ? 
_atom_sites.Cartn_transf_matrix[2][1]   ? 
_atom_sites.Cartn_transf_matrix[2][2]   ? 
_atom_sites.Cartn_transf_matrix[2][3]   ? 
_atom_sites.Cartn_transf_matrix[3][1]   ? 
_atom_sites.Cartn_transf_matrix[3][2]   ? 
_atom_sites.Cartn_transf_matrix[3][3]   ? 
_atom_sites.Cartn_transf_vector[1]      ? 
_atom_sites.Cartn_transf_vector[2]      ? 
_atom_sites.Cartn_transf_vector[3]      ? 
_atom_sites.Cartn_transform_axes        ? 
_atom_sites.fract_transf_matrix[1][1]   0.00229125 
_atom_sites.fract_transf_matrix[1][2]   0.01170797 
_atom_sites.fract_transf_matrix[1][3]   0.00875229 
_atom_sites.fract_transf_matrix[2][1]   0.01312842 
_atom_sites.fract_transf_matrix[2][2]   0.00187517 
_atom_sites.fract_transf_matrix[2][3]   0.00656124 
_atom_sites.fract_transf_matrix[3][1]   0.00984562 
_atom_sites.fract_transf_matrix[3][2]   0.01627773 
_atom_sites.fract_transf_matrix[3][3]   -0.02435226 
_atom_sites.fract_transf_vector[1]      0.042006 
_atom_sites.fract_transf_vector[2]      0.348246 
_atom_sites.fract_transf_vector[3]      0.152095 
_atom_sites.solution_primary            ? 
_atom_sites.solution_secondary          ? 
_atom_sites.solution_hydrogens          ? 
_atom_sites.special_details             ? 
# 
loop_
_atom_type.symbol 
_atom_type.scat_dispersion_real 
_atom_type.scat_dispersion_imag 
_atom_type.scat_Cromer_Mann_a1 
_atom_type.scat_Cromer_Mann_a2 
_atom_type.scat_Cromer_Mann_a3 
_atom_type.scat_Cromer_Mann_a4 
_atom_type.scat_Cromer_Mann_b1 
_atom_type.scat_Cromer_Mann_b2 
_atom_type.scat_Cromer_Mann_b3 
_atom_type.scat_Cromer_Mann_b4 
_atom_type.scat_Cromer_Mann_c 
_atom_type.scat_source 
_atom_type.scat_dispersion_source 
C ? ? 3.54356 2.42580 ? ? 25.62398 1.50364  ? ? 0.0 
;2-Gaussian fit: Grosse-Kunstleve RW, Sauter NK, Adams PD: Newsletter of the IUCr Commission on Crystallographic Computing 2004, 3, 22-31.
;
? 
N ? ? 4.01032 2.96436 ? ? 19.97189 1.75589  ? ? 0.0 
;2-Gaussian fit: Grosse-Kunstleve RW, Sauter NK, Adams PD: Newsletter of the IUCr Commission on Crystallographic Computing 2004, 3, 22-31.
;
? 
O ? ? 4.49882 3.47563 ? ? 15.80542 1.70748  ? ? 0.0 
;2-Gaussian fit: Grosse-Kunstleve RW, Sauter NK, Adams PD: Newsletter of the IUCr Commission on Crystallographic Computing 2004, 3, 22-31.
;
? 
S ? ? 9.55732 6.39887 ? ? 1.23737  29.19336 ? ? 0.0 
;2-Gaussian fit: Grosse-Kunstleve RW, Sauter NK, Adams PD: Newsletter of the IUCr Commission on Crystallographic Computing 2004, 3, 22-31.
;
? 
# 
loop_
_atom_site.group_PDB 
_atom_site.id 
_atom_site.type_symbol 
_atom_site.label_atom_id 
_atom_site.label_alt_id 
_atom_site.label_comp_id 
_atom_site.label_asym_id 
_atom_site.label_entity_id 
_atom_site.label_seq_id 
_atom_site.pdbx_PDB_ins_code 
_atom_site.Cartn_x 
_atom_site.Cartn_y 
_atom_site.Cartn_z 
_atom_site.occupancy 
_atom_site.B_iso_or_equiv 
_atom_site.pdbx_formal_charge 
_atom_site.auth_seq_id 
_atom_site.auth_comp_id 
_atom_site.auth_asym_id 
_atom_site.auth_atom_id 
_atom_site.pdbx_PDB_model_num 
ATOM   1   N N   . MET A 1 1  ? -8.90403  -18.92669 -3.32686  1.000 48.47676  ? 0   MET A N   1 
ATOM   2   C CA  . MET A 1 1  ? -7.71072  -18.38850 -3.97189  1.000 50.70971  ? 0   MET A CA  1 
ATOM   3   C C   . MET A 1 1  ? -8.12687  -17.58675 -5.17012  1.000 47.12825  ? 0   MET A C   1 
ATOM   4   O O   . MET A 1 1  ? -9.02420  -17.98535 -5.90593  1.000 45.61493  ? 0   MET A O   1 
ATOM   5   C CB  . MET A 1 1  ? -6.74182  -19.49839 -4.39818  1.000 56.08653  ? 0   MET A CB  1 
ATOM   6   C CG  . MET A 1 1  ? -7.41694  -20.75215 -4.93054  1.000 53.65745  ? 0   MET A CG  1 
ATOM   7   S SD  . MET A 1 1  ? -6.46943  -21.60462 -6.21746  1.000 90.97994  ? 0   MET A SD  1 
ATOM   8   C CE  . MET A 1 1  ? -5.08193  -22.26446 -5.29176  1.000 80.01529  ? 0   MET A CE  1 
ATOM   9   N N   . GLY A 1 2  ? -7.46903  -16.45668 -5.37967  1.000 43.00421  ? 1   GLY A N   1 
ATOM   10  C CA  . GLY A 1 2  ? -7.79676  -15.62539 -6.50846  1.000 37.46951  ? 1   GLY A CA  1 
ATOM   11  C C   . GLY A 1 2  ? -8.86201  -14.59846 -6.24001  1.000 37.99498  ? 1   GLY A C   1 
ATOM   12  O O   . GLY A 1 2  ? -9.29116  -13.92510 -7.18163  1.000 42.35151  ? 1   GLY A O   1 
ATOM   13  N N   . GLY A 1 3  ? -9.31261  -14.46050 -4.98996  1.000 36.38682  ? 2   GLY A N   1 
ATOM   14  C CA  . GLY A 1 3  ? -10.13693 -13.31262 -4.64732  1.000 34.85983  ? 2   GLY A CA  1 
ATOM   15  C C   . GLY A 1 3  ? -9.44494  -12.00959 -4.99267  1.000 37.94555  ? 2   GLY A C   1 
ATOM   16  O O   . GLY A 1 3  ? -10.07308 -11.07968 -5.50570  1.000 40.39958  ? 2   GLY A O   1 
ATOM   17  N N   . ALA A 1 4  ? -8.12078  -11.95763 -4.77281  1.000 33.33690  ? 3   ALA A N   1 
ATOM   18  C CA  . ALA A 1 4  ? -7.34155  -10.73986 -4.95715  1.000 29.87535  ? 3   ALA A CA  1 
ATOM   19  C C   . ALA A 1 4  ? -7.41070  -10.21851 -6.38397  1.000 33.97436  ? 3   ALA A C   1 
ATOM   20  O O   . ALA A 1 4  ? -7.24546  -9.01515  -6.61427  1.000 37.05796  ? 3   ALA A O   1 
ATOM   21  C CB  . ALA A 1 4  ? -5.87767  -10.99841 -4.56731  1.000 27.49015  ? 3   ALA A CB  1 
ATOM   22  N N   . HIS A 1 5  ? -7.63743  -11.09940 -7.35631  1.000 33.99458  ? 4   HIS A N   1 
ATOM   23  C CA  . HIS A 1 5  ? -7.65421  -10.68097 -8.74574  1.000 34.75200  ? 4   HIS A CA  1 
ATOM   24  C C   . HIS A 1 5  ? -8.74830  -9.65024  -9.02954  1.000 38.62286  ? 4   HIS A C   1 
ATOM   25  O O   . HIS A 1 5  ? -8.65244  -8.91081  -10.01674 1.000 37.03117  ? 4   HIS A O   1 
ATOM   26  C CB  . HIS A 1 5  ? -7.76807  -11.94220 -9.61197  1.000 34.61079  ? 4   HIS A CB  1 
ATOM   27  C CG  . HIS A 1 5  ? -8.56536  -11.76692 -10.86531 1.000 38.44332  ? 4   HIS A CG  1 
ATOM   28  N ND1 . HIS A 1 5  ? -8.08066  -11.08789 -11.96156 1.000 43.58914  ? 4   HIS A ND1 1 
ATOM   29  C CD2 . HIS A 1 5  ? -9.79293  -12.22412 -11.21674 1.000 44.63713  ? 4   HIS A CD2 1 
ATOM   30  C CE1 . HIS A 1 5  ? -8.98933  -11.10337 -12.92173 1.000 45.24070  ? 4   HIS A CE1 1 
ATOM   31  N NE2 . HIS A 1 5  ? -10.03494 -11.79192 -12.49769 1.000 47.80796  ? 4   HIS A NE2 1 
ATOM   32  N N   . LYS A 1 6  ? -9.76445  -9.54852  -8.17321  1.000 36.49122  ? 5   LYS A N   1 
ATOM   33  C CA  . LYS A 1 6  ? -10.84782 -8.60764  -8.40994  1.000 42.92914  ? 5   LYS A CA  1 
ATOM   34  C C   . LYS A 1 6  ? -10.65250 -7.29819  -7.66635  1.000 40.86770  ? 5   LYS A C   1 
ATOM   35  O O   . LYS A 1 6  ? -11.51981 -6.42265  -7.74393  1.000 44.58094  ? 5   LYS A O   1 
ATOM   36  C CB  . LYS A 1 6  ? -12.19319 -9.24505  -8.02089  1.000 49.14424  ? 5   LYS A CB  1 
ATOM   37  C CG  . LYS A 1 6  ? -12.75503 -10.26580 -9.03819  1.000 44.95599  ? 5   LYS A CG  1 
ATOM   38  C CD  . LYS A 1 6  ? -13.24657 -9.62528  -10.36199 1.000 61.38326  ? 5   LYS A CD  1 
ATOM   39  C CE  . LYS A 1 6  ? -12.19393 -9.60081  -11.48975 1.000 49.75269  ? 5   LYS A CE  1 
ATOM   40  N NZ  . LYS A 1 6  ? -12.61226 -8.67707  -12.58321 1.000 52.19995  ? 5   LYS A NZ  1 
ATOM   41  N N   . VAL A 1 7  ? -9.53437  -7.15575  -6.95412  1.000 38.45674  ? 6   VAL A N   1 
ATOM   42  C CA  . VAL A 1 7  ? -9.21359  -5.99142  -6.13371  1.000 38.40623  ? 6   VAL A CA  1 
ATOM   43  C C   . VAL A 1 7  ? -8.35034  -5.03957  -6.94911  1.000 39.68284  ? 6   VAL A C   1 
ATOM   44  O O   . VAL A 1 7  ? -7.46654  -5.47161  -7.69652  1.000 38.05521  ? 6   VAL A O   1 
ATOM   45  C CB  . VAL A 1 7  ? -8.49291  -6.42006  -4.83959  1.000 36.89498  ? 6   VAL A CB  1 
ATOM   46  C CG1 . VAL A 1 7  ? -8.03142  -5.22706  -4.03831  1.000 38.81712  ? 6   VAL A CG1 1 
ATOM   47  C CG2 . VAL A 1 7  ? -9.39209  -7.29269  -3.99973  1.000 38.48148  ? 6   VAL A CG2 1 
ATOM   48  N N   . ARG A 1 8  ? -8.60614  -3.74214  -6.80581  1.000 39.51147  ? 7   ARG A N   1 
ATOM   49  C CA  . ARG A 1 8  ? -7.91592  -2.70500  -7.55421  1.000 39.76059  ? 7   ARG A CA  1 
ATOM   50  C C   . ARG A 1 8  ? -7.33800  -1.67751  -6.58680  1.000 39.96604  ? 7   ARG A C   1 
ATOM   51  O O   . ARG A 1 8  ? -7.84917  -1.47691  -5.47925  1.000 40.75002  ? 7   ARG A O   1 
ATOM   52  C CB  . ARG A 1 8  ? -8.86939  -2.03043  -8.56106  1.000 49.72606  ? 7   ARG A CB  1 
ATOM   53  C CG  . ARG A 1 8  ? -10.29921 -1.84555  -8.04862  1.000 51.57073  ? 7   ARG A CG  1 
ATOM   54  C CD  . ARG A 1 8  ? -11.35743 -1.95669  -9.17380  1.000 60.97016  ? 7   ARG A CD  1 
ATOM   55  N NE  . ARG A 1 8  ? -12.72580 -1.74604  -8.69922  1.000 55.93951  ? 7   ARG A NE  1 
ATOM   56  C CZ  . ARG A 1 8  ? -13.66380 -1.10053  -9.37917  1.000 66.75321  ? 7   ARG A CZ  1 
ATOM   57  N NH1 . ARG A 1 8  ? -13.42354 -0.59962  -10.58036 1.000 65.43852  ? 7   ARG A NH1 1 
ATOM   58  N NH2 . ARG A 1 8  ? -14.87632 -0.95955  -8.84248  1.000 70.08672  ? 7   ARG A NH2 1 
ATOM   59  N N   . ALA A 1 9  ? -6.25542  -1.03353  -7.00665  1.000 36.50589  ? 8   ALA A N   1 
ATOM   60  C CA  . ALA A 1 9  ? -5.53972  -0.10899  -6.14118  1.000 36.98561  ? 8   ALA A CA  1 
ATOM   61  C C   . ALA A 1 9  ? -4.91658  0.99492   -6.97739  1.000 35.49794  ? 8   ALA A C   1 
ATOM   62  O O   . ALA A 1 9  ? -4.30376  0.72612   -8.00949  1.000 34.26429  ? 8   ALA A O   1 
ATOM   63  C CB  . ALA A 1 9  ? -4.44897  -0.82362  -5.32767  1.000 29.86458  ? 8   ALA A CB  1 
ATOM   64  N N   . GLY A 1 10 ? -5.07751  2.23611   -6.52752  1.000 36.69037  ? 9   GLY A N   1 
ATOM   65  C CA  . GLY A 1 10 ? -4.44537  3.33470   -7.22913  1.000 37.64848  ? 9   GLY A CA  1 
ATOM   66  C C   . GLY A 1 10 ? -4.37697  4.56871   -6.35887  1.000 33.47104  ? 9   GLY A C   1 
ATOM   67  O O   . GLY A 1 10 ? -4.99802  4.66013   -5.30019  1.000 32.71322  ? 9   GLY A O   1 
ATOM   68  N N   . GLY A 1 11 ? -3.61361  5.53247   -6.84249  1.000 31.75028  ? 10  GLY A N   1 
ATOM   69  C CA  . GLY A 1 11 ? -3.44089  6.78085   -6.16028  1.000 31.40282  ? 10  GLY A CA  1 
ATOM   70  C C   . GLY A 1 11 ? -1.97791  7.14434   -6.06817  1.000 31.85016  ? 10  GLY A C   1 
ATOM   71  O O   . GLY A 1 11 ? -1.07851  6.31283   -6.27938  1.000 26.04429  ? 10  GLY A O   1 
ATOM   72  N N   . PRO A 1 12 ? -1.72196  8.41217   -5.73395  1.000 31.66626  ? 11  PRO A N   1 
ATOM   73  C CA  . PRO A 1 12 ? -0.36207  8.95910   -5.83754  1.000 28.59640  ? 11  PRO A CA  1 
ATOM   74  C C   . PRO A 1 12 ? 0.67819   8.18104   -5.06272  1.000 28.61231  ? 11  PRO A C   1 
ATOM   75  O O   . PRO A 1 12 ? 1.85933   8.22134   -5.43510  1.000 26.94547  ? 11  PRO A O   1 
ATOM   76  C CB  . PRO A 1 12 ? -0.52308  10.39574  -5.29003  1.000 26.01985  ? 11  PRO A CB  1 
ATOM   77  C CG  . PRO A 1 12 ? -1.81784  10.40019  -4.57457  1.000 25.30466  ? 11  PRO A CG  1 
ATOM   78  C CD  . PRO A 1 12 ? -2.68830  9.43938   -5.31621  1.000 29.43823  ? 11  PRO A CD  1 
ATOM   79  N N   . GLY A 1 13 ? 0.28839   7.45885   -4.00646  1.000 26.83767  ? 12  GLY A N   1 
ATOM   80  C CA  . GLY A 1 13 ? 1.27207   6.73433   -3.21492  1.000 24.27797  ? 12  GLY A CA  1 
ATOM   81  C C   . GLY A 1 13 ? 1.75503   5.43382   -3.81410  1.000 27.01396  ? 12  GLY A C   1 
ATOM   82  O O   . GLY A 1 13 ? 2.72704   4.84934   -3.31436  1.000 25.14789  ? 12  GLY A O   1 
ATOM   83  N N   . LEU A 1 14 ? 1.08525   4.95631   -4.86089  1.000 29.25444  ? 13  LEU A N   1 
ATOM   84  C CA  . LEU A 1 14 ? 1.57550   3.85394   -5.67109  1.000 31.36822  ? 13  LEU A CA  1 
ATOM   85  C C   . LEU A 1 14 ? 2.25815   4.33655   -6.94041  1.000 36.06849  ? 13  LEU A C   1 
ATOM   86  O O   . LEU A 1 14 ? 2.40958   3.54974   -7.88225  1.000 37.09746  ? 13  LEU A O   1 
ATOM   87  C CB  . LEU A 1 14 ? 0.43102   2.92739   -6.05014  1.000 30.34548  ? 13  LEU A CB  1 
ATOM   88  C CG  . LEU A 1 14 ? -0.18305  2.12891   -4.91346  1.000 29.00369  ? 13  LEU A CG  1 
ATOM   89  C CD1 . LEU A 1 14 ? -1.23715  1.18454   -5.47726  1.000 28.26207  ? 13  LEU A CD1 1 
ATOM   90  C CD2 . LEU A 1 14 ? 0.88376   1.37434   -4.11730  1.000 23.28947  ? 13  LEU A CD2 1 
ATOM   91  N N   . GLU A 1 15 ? 2.62390   5.62028   -7.01308  1.000 31.96696  ? 14  GLU A N   1 
ATOM   92  C CA  . GLU A 1 15 ? 3.28294   6.15691   -8.19873  1.000 32.22182  ? 14  GLU A CA  1 
ATOM   93  C C   . GLU A 1 15 ? 4.58384   6.83979   -7.81273  1.000 32.49806  ? 14  GLU A C   1 
ATOM   94  O O   . GLU A 1 15 ? 5.65468   6.46471   -8.29670  1.000 30.89530  ? 14  GLU A O   1 
ATOM   95  C CB  . GLU A 1 15 ? 2.35967   7.13169   -8.93687  1.000 32.26972  ? 14  GLU A CB  1 
ATOM   96  C CG  . GLU A 1 15 ? 0.87222   6.71269   -8.89198  1.000 32.03385  ? 14  GLU A CG  1 
ATOM   97  C CD  . GLU A 1 15 ? -0.03539  7.60845   -9.72230  1.000 42.49602  ? 14  GLU A CD  1 
ATOM   98  O OE1 . GLU A 1 15 ? 0.24577   8.82413   -9.81373  1.000 40.72709  ? 14  GLU A OE1 1 
ATOM   99  O OE2 . GLU A 1 15 ? -1.05188  7.09165   -10.26933 1.000 48.76212  ? 14  GLU A OE2 1 
ATOM   100 N N   . ARG A 1 16 ? 4.49801   7.84905   -6.95074  1.000 31.05255  ? 15  ARG A N   1 
ATOM   101 C CA  . ARG A 1 16 ? 5.68381   8.54020   -6.47886  1.000 29.41865  ? 15  ARG A CA  1 
ATOM   102 C C   . ARG A 1 16 ? 5.45051   8.97280   -5.04424  1.000 30.40341  ? 15  ARG A C   1 
ATOM   103 O O   . ARG A 1 16 ? 4.31309   9.09618   -4.58286  1.000 32.95626  ? 15  ARG A O   1 
ATOM   104 C CB  . ARG A 1 16 ? 6.01659   9.75769   -7.34385  1.000 31.57568  ? 15  ARG A CB  1 
ATOM   105 C CG  . ARG A 1 16 ? 4.93712   10.81852  -7.28438  1.000 43.66334  ? 15  ARG A CG  1 
ATOM   106 C CD  . ARG A 1 16 ? 4.96111   11.71677  -8.50917  1.000 52.38095  ? 15  ARG A CD  1 
ATOM   107 N NE  . ARG A 1 16 ? 6.20381   12.47286  -8.59140  1.000 67.33191  ? 15  ARG A NE  1 
ATOM   108 C CZ  . ARG A 1 16 ? 6.26869   13.78958  -8.73446  1.000 69.90736  ? 15  ARG A CZ  1 
ATOM   109 N NH1 . ARG A 1 16 ? 5.17443   14.52563  -8.84349  1.000 61.86851  ? 15  ARG A NH1 1 
ATOM   110 N NH2 . ARG A 1 16 ? 7.46354   14.38068  -8.77754  1.000 67.26279  ? 15  ARG A NH2 1 
ATOM   111 N N   . ALA A 1 17 ? 6.54958   9.20023   -4.33620  1.000 29.92013  ? 16  ALA A N   1 
ATOM   112 C CA  . ALA A 1 17 ? 6.47819   9.58385   -2.93867  1.000 26.84917  ? 16  ALA A CA  1 
ATOM   113 C C   . ALA A 1 17 ? 7.67178   10.47938  -2.62649  1.000 26.49914  ? 16  ALA A C   1 
ATOM   114 O O   . ALA A 1 17 ? 8.63385   10.55208  -3.39063  1.000 24.78256  ? 16  ALA A O   1 
ATOM   115 C CB  . ALA A 1 17 ? 6.44356   8.34200   -2.03413  1.000 25.65199  ? 16  ALA A CB  1 
ATOM   116 N N   . GLU A 1 18 ? 7.59549   11.18306  -1.50681  1.000 31.83364  ? 17  GLU A N   1 
ATOM   117 C CA  . GLU A 1 18 ? 8.72085   11.96997  -1.02707  1.000 29.29510  ? 17  GLU A CA  1 
ATOM   118 C C   . GLU A 1 18 ? 9.06435   11.49389  0.36328   1.000 27.95983  ? 17  GLU A C   1 
ATOM   119 O O   . GLU A 1 18 ? 8.16707   11.13005  1.13286   1.000 27.02835  ? 17  GLU A O   1 
ATOM   120 C CB  . GLU A 1 18 ? 8.42093   13.46673  -0.99679  1.000 28.71608  ? 17  GLU A CB  1 
ATOM   121 C CG  . GLU A 1 18 ? 8.23466   14.08492  -2.35675  1.000 40.25771  ? 17  GLU A CG  1 
ATOM   122 C CD  . GLU A 1 18 ? 7.86401   15.56569  -2.27058  1.000 65.63464  ? 17  GLU A CD  1 
ATOM   123 O OE1 . GLU A 1 18 ? 7.56975   16.05224  -1.14433  1.000 61.59897  ? 17  GLU A OE1 1 
ATOM   124 O OE2 . GLU A 1 18 ? 7.90397   16.24440  -3.32477  1.000 70.55364  ? 17  GLU A OE2 1 
ATOM   125 N N   . ALA A 1 19 ? 10.36104  11.50383  0.67718   1.000 25.43550  ? 18  ALA A N   1 
ATOM   126 C CA  . ALA A 1 19 ? 10.82090  11.00303  1.96354   1.000 25.36575  ? 18  ALA A CA  1 
ATOM   127 C C   . ALA A 1 19 ? 10.26105  11.87979  3.07447   1.000 23.83193  ? 18  ALA A C   1 
ATOM   128 O O   . ALA A 1 19 ? 10.19930  13.10221  2.94788   1.000 20.60858  ? 18  ALA A O   1 
ATOM   129 C CB  . ALA A 1 19 ? 12.35883  10.96835  2.01269   1.000 26.37533  ? 18  ALA A CB  1 
ATOM   130 N N   . GLY A 1 20 ? 9.82374   11.24381  4.16281   1.000 25.87269  ? 19  GLY A N   1 
ATOM   131 C CA  . GLY A 1 20 ? 9.24413   11.95794  5.27633   1.000 20.28280  ? 19  GLY A CA  1 
ATOM   132 C C   . GLY A 1 20 ? 7.81917   12.44849  5.07380   1.000 21.99468  ? 19  GLY A C   1 
ATOM   133 O O   . GLY A 1 20 ? 7.19907   12.91342  6.03736   1.000 22.07691  ? 19  GLY A O   1 
ATOM   134 N N   . VAL A 1 21 ? 7.27482   12.36269  3.87383   1.000 20.43346  ? 20  VAL A N   1 
ATOM   135 C CA  . VAL A 1 21 ? 5.95582   12.90011  3.55639   1.000 25.61767  ? 20  VAL A CA  1 
ATOM   136 C C   . VAL A 1 21 ? 4.97972   11.74222  3.38012   1.000 23.13628  ? 20  VAL A C   1 
ATOM   137 O O   . VAL A 1 21 ? 5.31340   10.77376  2.67353   1.000 21.48883  ? 20  VAL A O   1 
ATOM   138 C CB  . VAL A 1 21 ? 6.00707   13.76688  2.28605   1.000 26.00933  ? 20  VAL A CB  1 
ATOM   139 C CG1 . VAL A 1 21 ? 4.64717   14.45304  2.03500   1.000 20.48783  ? 20  VAL A CG1 1 
ATOM   140 C CG2 . VAL A 1 21 ? 7.13378   14.75962  2.41789   1.000 23.79913  ? 20  VAL A CG2 1 
ATOM   141 N N   . PRO A 1 22 ? 3.78777   11.79365  3.97567   1.000 26.31420  ? 21  PRO A N   1 
ATOM   142 C CA  . PRO A 1 22 ? 2.86618   10.66306  3.85617   1.000 20.41089  ? 21  PRO A CA  1 
ATOM   143 C C   . PRO A 1 22 ? 2.45249   10.44899  2.40885   1.000 26.46726  ? 21  PRO A C   1 
ATOM   144 O O   . PRO A 1 22 ? 2.17351   11.39641  1.66799   1.000 27.35998  ? 21  PRO A O   1 
ATOM   145 C CB  . PRO A 1 22 ? 1.68545   11.06560  4.75060   1.000 25.56998  ? 21  PRO A CB  1 
ATOM   146 C CG  . PRO A 1 22 ? 1.86790   12.52057  5.04314   1.000 24.77090  ? 21  PRO A CG  1 
ATOM   147 C CD  . PRO A 1 22 ? 3.32829   12.78204  4.97338   1.000 23.79360  ? 21  PRO A CD  1 
ATOM   148 N N   . ALA A 1 23 ? 2.45879   9.18648   1.99260   1.000 26.85237  ? 22  ALA A N   1 
ATOM   149 C CA  . ALA A 1 23 ? 1.99389   8.77985   0.67121   1.000 28.00828  ? 22  ALA A CA  1 
ATOM   150 C C   . ALA A 1 23 ? 0.70835   7.98107   0.80402   1.000 27.43038  ? 22  ALA A C   1 
ATOM   151 O O   . ALA A 1 23 ? 0.67423   6.95091   1.49368   1.000 27.49459  ? 22  ALA A O   1 
ATOM   152 C CB  . ALA A 1 23 ? 3.05488   7.95473   -0.06808  1.000 24.46218  ? 22  ALA A CB  1 
ATOM   153 N N   . GLU A 1 24 ? -0.32824  8.46941   0.13397   1.000 25.92913  ? 23  GLU A N   1 
ATOM   154 C CA  . GLU A 1 24 ? -1.68749  7.96343   0.20428   1.000 28.38499  ? 23  GLU A CA  1 
ATOM   155 C C   . GLU A 1 24 ? -2.04242  7.23568   -1.08299  1.000 28.96635  ? 23  GLU A C   1 
ATOM   156 O O   . GLU A 1 24 ? -1.67062  7.68547   -2.16746  1.000 28.08292  ? 23  GLU A O   1 
ATOM   157 C CB  . GLU A 1 24 ? -2.66037  9.12689   0.39321   1.000 32.28575  ? 23  GLU A CB  1 
ATOM   158 C CG  . GLU A 1 24 ? -3.74061  8.83036   1.36983   1.000 35.50853  ? 23  GLU A CG  1 
ATOM   159 C CD  . GLU A 1 24 ? -4.45140  10.05110  1.85910   1.000 37.94631  ? 23  GLU A CD  1 
ATOM   160 O OE1 . GLU A 1 24 ? -4.03663  11.20219  1.51203   1.000 41.11633  ? 23  GLU A OE1 1 
ATOM   161 O OE2 . GLU A 1 24 ? -5.40876  9.88984   2.62560   1.000 35.71315  ? 23  GLU A OE2 1 
ATOM   162 N N   . PHE A 1 25 ? -2.72290  6.09429   -0.96249  1.000 23.16246  ? 24  PHE A N   1 
ATOM   163 C CA  . PHE A 1 25 ? -3.37636  5.50347   -2.11777  1.000 29.42905  ? 24  PHE A CA  1 
ATOM   164 C C   . PHE A 1 25 ? -4.65755  4.82196   -1.65737  1.000 25.89463  ? 24  PHE A C   1 
ATOM   165 O O   . PHE A 1 25 ? -4.92841  4.70005   -0.46267  1.000 27.16945  ? 24  PHE A O   1 
ATOM   166 C CB  . PHE A 1 25 ? -2.45809  4.51292   -2.84895  1.000 26.35711  ? 24  PHE A CB  1 
ATOM   167 C CG  . PHE A 1 25 ? -1.99332  3.36461   -1.99848  1.000 25.69591  ? 24  PHE A CG  1 
ATOM   168 C CD1 . PHE A 1 25 ? -2.77208  2.22634   -1.86487  1.000 24.39585  ? 24  PHE A CD1 1 
ATOM   169 C CD2 . PHE A 1 25 ? -0.75525  3.40048   -1.37625  1.000 26.52072  ? 24  PHE A CD2 1 
ATOM   170 C CE1 . PHE A 1 25 ? -2.33829  1.16314   -1.10075  1.000 29.27857  ? 24  PHE A CE1 1 
ATOM   171 C CE2 . PHE A 1 25 ? -0.31399  2.34857   -0.61679  1.000 26.97705  ? 24  PHE A CE2 1 
ATOM   172 C CZ  . PHE A 1 25 ? -1.09474  1.22107   -0.47551  1.000 28.96755  ? 24  PHE A CZ  1 
ATOM   173 N N   . SER A 1 26 ? -5.44063  4.34331   -2.61242  1.000 26.20242  ? 25  SER A N   1 
ATOM   174 C CA  . SER A 1 26 ? -6.73248  3.75804   -2.29123  1.000 29.65086  ? 25  SER A CA  1 
ATOM   175 C C   . SER A 1 26 ? -6.78017  2.32302   -2.78243  1.000 30.55021  ? 25  SER A C   1 
ATOM   176 O O   . SER A 1 26 ? -6.04400  1.94011   -3.69500  1.000 30.61045  ? 25  SER A O   1 
ATOM   177 C CB  . SER A 1 26 ? -7.86589  4.56684   -2.90423  1.000 36.49656  ? 25  SER A CB  1 
ATOM   178 O OG  . SER A 1 26 ? -7.93532  5.85576   -2.31059  1.000 39.70256  ? 25  SER A OG  1 
ATOM   179 N N   . ILE A 1 27 ? -7.63882  1.53178   -2.14842  1.000 33.23497  ? 26  ILE A N   1 
ATOM   180 C CA  . ILE A 1 27 ? -7.87630  0.13391   -2.50499  1.000 36.54473  ? 26  ILE A CA  1 
ATOM   181 C C   . ILE A 1 27 ? -9.38652  -0.09529  -2.50486  1.000 40.41214  ? 26  ILE A C   1 
ATOM   182 O O   . ILE A 1 27 ? -10.05466 0.13452   -1.49074  1.000 37.02703  ? 26  ILE A O   1 
ATOM   183 C CB  . ILE A 1 27 ? -7.16413  -0.82810  -1.53530  1.000 35.05444  ? 26  ILE A CB  1 
ATOM   184 C CG1 . ILE A 1 27 ? -5.69348  -0.45590  -1.39112  1.000 30.03650  ? 26  ILE A CG1 1 
ATOM   185 C CG2 . ILE A 1 27 ? -7.24955  -2.26003  -2.01051  1.000 37.19203  ? 26  ILE A CG2 1 
ATOM   186 C CD1 . ILE A 1 27 ? -5.01327  -1.12702  -0.19931  1.000 34.47956  ? 26  ILE A CD1 1 
ATOM   187 N N   . TRP A 1 28 ? -9.93260  -0.51037  -3.63884  1.000 44.60988  ? 27  TRP A N   1 
ATOM   188 C CA  . TRP A 1 28 ? -11.37249 -0.69949  -3.77510  1.000 42.68395  ? 27  TRP A CA  1 
ATOM   189 C C   . TRP A 1 28 ? -11.64325 -2.19535  -3.78679  1.000 46.48397  ? 27  TRP A C   1 
ATOM   190 O O   . TRP A 1 28 ? -11.29252 -2.89377  -4.73997  1.000 47.21444  ? 27  TRP A O   1 
ATOM   191 C CB  . TRP A 1 28 ? -11.89993 0.00327   -5.02231  1.000 47.90111  ? 27  TRP A CB  1 
ATOM   192 C CG  . TRP A 1 28 ? -11.42528 1.43724   -5.13706  1.000 52.18817  ? 27  TRP A CG  1 
ATOM   193 C CD1 . TRP A 1 28 ? -12.01357 2.54813   -4.58413  1.000 54.07734  ? 27  TRP A CD1 1 
ATOM   194 C CD2 . TRP A 1 28 ? -10.26390 1.91102   -5.84185  1.000 48.10770  ? 27  TRP A CD2 1 
ATOM   195 N NE1 . TRP A 1 28 ? -11.29055 3.67780   -4.90592  1.000 53.32300  ? 27  TRP A NE1 1 
ATOM   196 C CE2 . TRP A 1 28 ? -10.21135 3.31336   -5.67127  1.000 51.77722  ? 27  TRP A CE2 1 
ATOM   197 C CE3 . TRP A 1 28 ? -9.26556  1.28802   -6.59699  1.000 48.20731  ? 27  TRP A CE3 1 
ATOM   198 C CZ2 . TRP A 1 28 ? -9.19483  4.09884   -6.23389  1.000 50.15859  ? 27  TRP A CZ2 1 
ATOM   199 C CZ3 . TRP A 1 28 ? -8.25906  2.07185   -7.15715  1.000 46.24907  ? 27  TRP A CZ3 1 
ATOM   200 C CH2 . TRP A 1 28 ? -8.22881  3.45608   -6.96835  1.000 49.36539  ? 27  TRP A CH2 1 
ATOM   201 N N   . THR A 1 29 ? -12.22604 -2.69073  -2.70009  1.000 54.37084  ? 28  THR A N   1 
ATOM   202 C CA  . THR A 1 29 ? -12.49898 -4.11024  -2.51951  1.000 56.67883  ? 28  THR A CA  1 
ATOM   203 C C   . THR A 1 29 ? -13.95423 -4.45368  -2.80193  1.000 65.63412  ? 28  THR A C   1 
ATOM   204 O O   . THR A 1 29 ? -14.46676 -5.44112  -2.26317  1.000 66.16035  ? 28  THR A O   1 
ATOM   205 C CB  . THR A 1 29 ? -12.12164 -4.55728  -1.10367  1.000 53.96133  ? 28  THR A CB  1 
ATOM   206 O OG1 . THR A 1 29 ? -12.62694 -3.61603  -0.14966  1.000 58.96867  ? 28  THR A OG1 1 
ATOM   207 C CG2 . THR A 1 29 ? -10.60718 -4.65235  -0.96099  1.000 52.66263  ? 28  THR A CG2 1 
ATOM   208 N N   . ARG A 1 30 ? -14.62907 -3.65160  -3.63375  1.000 69.70601  ? 29  ARG A N   1 
ATOM   209 C CA  . ARG A 1 30 ? -16.04642 -3.86425  -3.90986  1.000 75.30068  ? 29  ARG A CA  1 
ATOM   210 C C   . ARG A 1 30 ? -16.31480 -5.29561  -4.33938  1.000 74.76196  ? 29  ARG A C   1 
ATOM   211 O O   . ARG A 1 30 ? -17.08148 -6.01909  -3.69902  1.000 77.89127  ? 29  ARG A O   1 
ATOM   212 C CB  . ARG A 1 30 ? -16.53274 -2.89956  -4.98948  1.000 84.78452  ? 29  ARG A CB  1 
ATOM   213 C CG  . ARG A 1 30 ? -17.98129 -2.47409  -4.80599  1.000 90.52840  ? 29  ARG A CG  1 
ATOM   214 C CD  . ARG A 1 30 ? -18.05655 -1.19595  -4.00365  1.000 94.07424  ? 29  ARG A CD  1 
ATOM   215 N NE  . ARG A 1 30 ? -17.79303 -0.04053  -4.85438  1.000 96.74500  ? 29  ARG A NE  1 
ATOM   216 C CZ  . ARG A 1 30 ? -16.88206 0.88868   -4.59969  1.000 93.89822  ? 29  ARG A CZ  1 
ATOM   217 N NH1 . ARG A 1 30 ? -16.13639 0.84416   -3.50822  1.000 82.49207  ? 29  ARG A NH1 1 
ATOM   218 N NH2 . ARG A 1 30 ? -16.71007 1.88157   -5.46664  1.000 90.83898  ? 29  ARG A NH2 1 
ATOM   219 N N   . GLU A 1 31 ? -15.67200 -5.72167  -5.42260  1.000 78.41246  ? 30  GLU A N   1 
ATOM   220 C CA  . GLU A 1 31 ? -15.99801 -7.02098  -5.99780  1.000 79.26447  ? 30  GLU A CA  1 
ATOM   221 C C   . GLU A 1 31 ? -15.52816 -8.16524  -5.10451  1.000 74.93106  ? 30  GLU A C   1 
ATOM   222 O O   . GLU A 1 31 ? -16.31837 -9.04633  -4.75540  1.000 75.01470  ? 30  GLU A O   1 
ATOM   223 C CB  . GLU A 1 31 ? -15.40947 -7.13255  -7.40286  1.000 83.82553  ? 30  GLU A CB  1 
ATOM   224 C CG  . GLU A 1 31 ? -16.15027 -6.28525  -8.42907  1.000 90.61999  ? 30  GLU A CG  1 
ATOM   225 C CD  . GLU A 1 31 ? -15.51736 -6.32727  -9.80524  1.000 87.75879  ? 30  GLU A CD  1 
ATOM   226 O OE1 . GLU A 1 31 ? -14.33590 -6.71723  -9.90420  1.000 80.15693  ? 30  GLU A OE1 1 
ATOM   227 O OE2 . GLU A 1 31 ? -16.22206 -6.01407  -10.78937 1.000 92.06655  ? 30  GLU A OE2 1 
ATOM   228 N N   . ALA A 1 32 ? -14.24979 -8.17639  -4.71186  1.000 71.86060  ? 31  ALA A N   1 
ATOM   229 C CA  . ALA A 1 32 ? -13.78339 -9.27443  -3.86774  1.000 64.81663  ? 31  ALA A CA  1 
ATOM   230 C C   . ALA A 1 32 ? -14.46268 -9.28271  -2.50842  1.000 59.59516  ? 31  ALA A C   1 
ATOM   231 O O   . ALA A 1 32 ? -14.48655 -10.32835 -1.85288  1.000 58.75707  ? 31  ALA A O   1 
ATOM   232 C CB  . ALA A 1 32 ? -12.27208 -9.21574  -3.68828  1.000 47.97499  ? 31  ALA A CB  1 
ATOM   233 N N   . GLY A 1 33 ? -15.03793 -8.15676  -2.08736  1.000 62.54897  ? 32  GLY A N   1 
ATOM   234 C CA  . GLY A 1 33 ? -15.73243 -8.11042  -0.81696  1.000 60.05018  ? 32  GLY A CA  1 
ATOM   235 C C   . GLY A 1 33 ? -14.75389 -7.93329  0.33154   1.000 62.60447  ? 32  GLY A C   1 
ATOM   236 O O   . GLY A 1 33 ? -13.64602 -7.42100  0.16255   1.000 56.98722  ? 32  GLY A O   1 
ATOM   237 N N   . ALA A 1 34 ? -15.16908 -8.37656  1.51449   1.000 65.48921  ? 33  ALA A N   1 
ATOM   238 C CA  . ALA A 1 34 ? -14.32394 -8.23929  2.68647   1.000 58.01106  ? 33  ALA A CA  1 
ATOM   239 C C   . ALA A 1 34 ? -13.18689 -9.25544  2.66365   1.000 56.08003  ? 33  ALA A C   1 
ATOM   240 O O   . ALA A 1 34 ? -13.18753 -10.22271 1.89502   1.000 59.16300  ? 33  ALA A O   1 
ATOM   241 C CB  . ALA A 1 34 ? -15.13597 -8.39795  3.96648   1.000 63.68636  ? 33  ALA A CB  1 
ATOM   242 N N   . GLY A 1 35 ? -12.19539 -9.00566  3.51064   1.000 47.44063  ? 34  GLY A N   1 
ATOM   243 C CA  . GLY A 1 35 ? -11.07179 -9.90832  3.63564   1.000 51.99770  ? 34  GLY A CA  1 
ATOM   244 C C   . GLY A 1 35 ? -9.91402  -9.23705  4.35193   1.000 47.94407  ? 34  GLY A C   1 
ATOM   245 O O   . GLY A 1 35 ? -10.04160 -8.14233  4.90773   1.000 47.57390  ? 34  GLY A O   1 
ATOM   246 N N   . GLY A 1 36 ? -8.77507  -9.93087  4.31438   1.000 43.21999  ? 35  GLY A N   1 
ATOM   247 C CA  . GLY A 1 36 ? -7.56130  -9.46720  4.93738   1.000 33.92146  ? 35  GLY A CA  1 
ATOM   248 C C   . GLY A 1 36 ? -6.68271  -8.72269  3.95660   1.000 39.93223  ? 35  GLY A C   1 
ATOM   249 O O   . GLY A 1 36 ? -6.22882  -9.28508  2.95206   1.000 33.97992  ? 35  GLY A O   1 
ATOM   250 N N   . LEU A 1 37 ? -6.45253  -7.44259  4.24419   1.000 41.91593  ? 36  LEU A N   1 
ATOM   251 C CA  . LEU A 1 37 ? -5.52812  -6.61735  3.48690   1.000 36.19294  ? 36  LEU A CA  1 
ATOM   252 C C   . LEU A 1 37 ? -4.21519  -6.58472  4.24891   1.000 35.20922  ? 36  LEU A C   1 
ATOM   253 O O   . LEU A 1 37 ? -4.17937  -6.13416  5.39699   1.000 37.24546  ? 36  LEU A O   1 
ATOM   254 C CB  . LEU A 1 37 ? -6.08965  -5.20898  3.29016   1.000 35.51470  ? 36  LEU A CB  1 
ATOM   255 C CG  . LEU A 1 37 ? -7.16447  -5.07616  2.18936   1.000 44.33747  ? 36  LEU A CG  1 
ATOM   256 C CD1 . LEU A 1 37 ? -7.76672  -3.66937  2.14895   1.000 45.59025  ? 36  LEU A CD1 1 
ATOM   257 C CD2 . LEU A 1 37 ? -6.61475  -5.48480  0.80479   1.000 35.44933  ? 36  LEU A CD2 1 
ATOM   258 N N   . ALA A 1 38 ? -3.15892  -7.11508  3.64002   1.000 30.52493  ? 37  ALA A N   1 
ATOM   259 C CA  . ALA A 1 38 ? -1.80066  -6.95225  4.13431   1.000 26.09959  ? 37  ALA A CA  1 
ATOM   260 C C   . ALA A 1 38 ? -1.04561  -6.04583  3.17628   1.000 25.53804  ? 37  ALA A C   1 
ATOM   261 O O   . ALA A 1 38 ? -1.01640  -6.29686  1.96960   1.000 26.69398  ? 37  ALA A O   1 
ATOM   262 C CB  . ALA A 1 38 ? -1.08045  -8.29246  4.26692   1.000 24.09462  ? 37  ALA A CB  1 
ATOM   263 N N   . ILE A 1 39 ? -0.46649  -4.98292  3.70722   1.000 23.93974  ? 38  ILE A N   1 
ATOM   264 C CA  . ILE A 1 39 ? 0.36485   -4.06780  2.93685   1.000 24.54523  ? 38  ILE A CA  1 
ATOM   265 C C   . ILE A 1 39 ? 1.80265   -4.25059  3.38201   1.000 26.48604  ? 38  ILE A C   1 
ATOM   266 O O   . ILE A 1 39 ? 2.07153   -4.44981  4.57195   1.000 23.65343  ? 38  ILE A O   1 
ATOM   267 C CB  . ILE A 1 39 ? -0.09257  -2.61151  3.11117   1.000 26.35891  ? 38  ILE A CB  1 
ATOM   268 C CG1 . ILE A 1 39 ? -1.60764  -2.55182  2.93697   1.000 32.32725  ? 38  ILE A CG1 1 
ATOM   269 C CG2 . ILE A 1 39 ? 0.66839   -1.66620  2.18659   1.000 27.24694  ? 38  ILE A CG2 1 
ATOM   270 C CD1 . ILE A 1 39 ? -2.02490  -2.51519  1.50858   1.000 33.04510  ? 38  ILE A CD1 1 
ATOM   271 N N   . ALA A 1 40 ? 2.71563   -4.25112  2.41456   1.000 22.59723  ? 39  ALA A N   1 
ATOM   272 C CA  . ALA A 1 40 ? 4.13634   -4.29928  2.67505   1.000 21.88635  ? 39  ALA A CA  1 
ATOM   273 C C   . ALA A 1 40 ? 4.77189   -3.17584  1.88737   1.000 27.30185  ? 39  ALA A C   1 
ATOM   274 O O   . ALA A 1 40 ? 4.39100   -2.92782  0.73172   1.000 24.14020  ? 39  ALA A O   1 
ATOM   275 C CB  . ALA A 1 40 ? 4.76595   -5.65389  2.28048   1.000 21.40120  ? 39  ALA A CB  1 
ATOM   276 N N   . VAL A 1 41 ? 5.70305   -2.47603  2.54381   1.000 27.69541  ? 40  VAL A N   1 
ATOM   277 C CA  . VAL A 1 41 ? 6.65880   -1.58919  1.89113   1.000 28.61400  ? 40  VAL A CA  1 
ATOM   278 C C   . VAL A 1 41 ? 8.04923   -2.14326  2.14256   1.000 26.62616  ? 40  VAL A C   1 
ATOM   279 O O   . VAL A 1 41 ? 8.43267   -2.36593  3.29715   1.000 23.35823  ? 40  VAL A O   1 
ATOM   280 C CB  . VAL A 1 41 ? 6.57928   -0.13886  2.39570   1.000 20.87759  ? 40  VAL A CB  1 
ATOM   281 C CG1 . VAL A 1 41 ? 7.56908   0.67592   1.62106   1.000 24.32111  ? 40  VAL A CG1 1 
ATOM   282 C CG2 . VAL A 1 41 ? 5.18301   0.42222   2.21257   1.000 19.24992  ? 40  VAL A CG2 1 
ATOM   283 N N   . GLU A 1 42 ? 8.80346   -2.34219  1.06460   1.000 26.82871  ? 41  GLU A N   1 
ATOM   284 C CA  . GLU A 1 42 ? 10.13979  -2.90397  1.10628   1.000 23.11517  ? 41  GLU A CA  1 
ATOM   285 C C   . GLU A 1 42 ? 11.10119  -1.91155  0.48204   1.000 23.14678  ? 41  GLU A C   1 
ATOM   286 O O   . GLU A 1 42 ? 10.97710  -1.59057  -0.69867  1.000 28.47799  ? 41  GLU A O   1 
ATOM   287 C CB  . GLU A 1 42 ? 10.18276  -4.24313  0.35668   1.000 25.26486  ? 41  GLU A CB  1 
ATOM   288 C CG  . GLU A 1 42 ? 11.48902  -5.01611  0.57750   1.000 27.25892  ? 41  GLU A CG  1 
ATOM   289 C CD  . GLU A 1 42 ? 11.55151  -6.31140  -0.20340  1.000 37.97730  ? 41  GLU A CD  1 
ATOM   290 O OE1 . GLU A 1 42 ? 10.50383  -6.75001  -0.75772  1.000 34.11650  ? 41  GLU A OE1 1 
ATOM   291 O OE2 . GLU A 1 42 ? 12.67108  -6.87375  -0.27131  1.000 38.47689  ? 41  GLU A OE2 1 
ATOM   292 N N   . GLY A 1 43 ? 12.06379  -1.44116  1.25163   1.000 19.76922  ? 42  GLY A N   1 
ATOM   293 C CA  . GLY A 1 43 ? 13.01380  -0.49232  0.73705   1.000 23.77442  ? 42  GLY A CA  1 
ATOM   294 C C   . GLY A 1 43 ? 14.13291  -0.20607  1.71966   1.000 26.59892  ? 42  GLY A C   1 
ATOM   295 O O   . GLY A 1 43 ? 14.34367  -0.93266  2.69855   1.000 24.12027  ? 42  GLY A O   1 
ATOM   296 N N   . PRO A 1 44 ? 14.88995  0.86454   1.47747   1.000 23.24652  ? 43  PRO A N   1 
ATOM   297 C CA  . PRO A 1 44 ? 16.06435  1.10619   2.31937   1.000 26.21687  ? 43  PRO A CA  1 
ATOM   298 C C   . PRO A 1 44 ? 15.75183  1.67974   3.71211   1.000 29.33772  ? 43  PRO A C   1 
ATOM   299 O O   . PRO A 1 44 ? 16.69216  1.84209   4.50156   1.000 28.76369  ? 43  PRO A O   1 
ATOM   300 C CB  . PRO A 1 44 ? 16.91606  2.05402   1.45602   1.000 26.09540  ? 43  PRO A CB  1 
ATOM   301 C CG  . PRO A 1 44 ? 15.95850  2.65899   0.46824   1.000 27.53872  ? 43  PRO A CG  1 
ATOM   302 C CD  . PRO A 1 44 ? 14.94173  1.60603   0.20354   1.000 24.68507  ? 43  PRO A CD  1 
ATOM   303 N N   . SER A 1 45 ? 14.48605  1.94840   4.07533   1.000 18.79550  ? 44  SER A N   1 
ATOM   304 C CA  . SER A 1 45 ? 14.16459  2.31993   5.45125   1.000 22.64998  ? 44  SER A CA  1 
ATOM   305 C C   . SER A 1 45 ? 12.77314  1.82176   5.81830   1.000 27.56813  ? 44  SER A C   1 
ATOM   306 O O   . SER A 1 45 ? 11.95164  1.51218   4.95946   1.000 24.35358  ? 44  SER A O   1 
ATOM   307 C CB  . SER A 1 45 ? 14.24717  3.83269   5.69255   1.000 20.27026  ? 44  SER A CB  1 
ATOM   308 O OG  . SER A 1 45 ? 13.28326  4.55433   4.95023   1.000 26.06954  ? 44  SER A OG  1 
ATOM   309 N N   . LYS A 1 46 ? 12.50135  1.79152   7.10817   1.000 23.42679  ? 45  LYS A N   1 
ATOM   310 C CA  . LYS A 1 46 ? 11.26351  1.21050   7.61773   1.000 22.43377  ? 45  LYS A CA  1 
ATOM   311 C C   . LYS A 1 46 ? 10.05887  2.13253   7.41708   1.000 24.18214  ? 45  LYS A C   1 
ATOM   312 O O   . LYS A 1 46 ? 10.07926  3.29482   7.82661   1.000 25.54910  ? 45  LYS A O   1 
ATOM   313 C CB  . LYS A 1 46 ? 11.44117  0.88995   9.09702   1.000 24.55956  ? 45  LYS A CB  1 
ATOM   314 C CG  . LYS A 1 46 ? 10.16976  0.72041   9.89217   1.000 31.86407  ? 45  LYS A CG  1 
ATOM   315 C CD  . LYS A 1 46 ? 10.49199  0.11906   11.25491  1.000 29.63946  ? 45  LYS A CD  1 
ATOM   316 C CE  . LYS A 1 46 ? 9.25141   0.02247   12.07575  1.000 33.71545  ? 45  LYS A CE  1 
ATOM   317 N NZ  . LYS A 1 46 ? 8.48527   1.28638   11.98016  1.000 30.11495  ? 45  LYS A NZ  1 
ATOM   318 N N   . ALA A 1 47 ? 8.99618   1.59585   6.82159   1.000 31.11827  ? 46  ALA A N   1 
ATOM   319 C CA  . ALA A 1 47 ? 7.75387   2.33141   6.61430   1.000 25.76628  ? 46  ALA A CA  1 
ATOM   320 C C   . ALA A 1 47 ? 6.84485   2.26335   7.83697   1.000 25.11628  ? 46  ALA A C   1 
ATOM   321 O O   . ALA A 1 47 ? 6.80432   1.25954   8.56577   1.000 24.14426  ? 46  ALA A O   1 
ATOM   322 C CB  . ALA A 1 47 ? 7.00292   1.78959   5.39652   1.000 23.04447  ? 46  ALA A CB  1 
ATOM   323 N N   . GLU A 1 48 ? 6.09955   3.34711   8.04434   1.000 20.97090  ? 47  GLU A N   1 
ATOM   324 C CA  . GLU A 1 48 ? 4.98529   3.38262   8.99186   1.000 19.62761  ? 47  GLU A CA  1 
ATOM   325 C C   . GLU A 1 48 ? 3.72594   3.37434   8.16755   1.000 20.14914  ? 47  GLU A C   1 
ATOM   326 O O   . GLU A 1 48 ? 3.55345   4.23744   7.29410   1.000 21.18646  ? 47  GLU A O   1 
ATOM   327 C CB  . GLU A 1 48 ? 5.02873   4.61808   9.89361   1.000 21.15156  ? 47  GLU A CB  1 
ATOM   328 C CG  . GLU A 1 48 ? 6.31645   4.70347   10.68196  1.000 25.94479  ? 47  GLU A CG  1 
ATOM   329 C CD  . GLU A 1 48 ? 6.40633   3.59857   11.75375  1.000 30.75773  ? 47  GLU A CD  1 
ATOM   330 O OE1 . GLU A 1 48 ? 5.35578   3.04951   12.15229  1.000 23.33081  ? 47  GLU A OE1 1 
ATOM   331 O OE2 . GLU A 1 48 ? 7.53620   3.25957   12.16289  1.000 35.05720  ? 47  GLU A OE2 1 
ATOM   332 N N   . ILE A 1 49 ? 2.87360   2.38875   8.41153   1.000 18.10156  ? 48  ILE A N   1 
ATOM   333 C CA  . ILE A 1 49 ? 1.71502   2.12671   7.57762   1.000 22.05481  ? 48  ILE A CA  1 
ATOM   334 C C   . ILE A 1 49 ? 0.43962   2.26610   8.39620   1.000 22.78597  ? 48  ILE A C   1 
ATOM   335 O O   . ILE A 1 49 ? 0.27796   1.61867   9.44366   1.000 18.24103  ? 48  ILE A O   1 
ATOM   336 C CB  . ILE A 1 49 ? 1.76606   0.74176   6.91743   1.000 17.47771  ? 48  ILE A CB  1 
ATOM   337 C CG1 . ILE A 1 49 ? 2.97854   0.64064   5.98606   1.000 21.57202  ? 48  ILE A CG1 1 
ATOM   338 C CG2 . ILE A 1 49 ? 0.54387   0.55500   6.10812   1.000 20.79679  ? 48  ILE A CG2 1 
ATOM   339 C CD1 . ILE A 1 49 ? 3.48759   -0.83754  5.77104   1.000 24.17471  ? 48  ILE A CD1 1 
ATOM   340 N N   . SER A 1 50 ? -0.48902  3.05282   7.86011   1.000 18.40065  ? 49  SER A N   1 
ATOM   341 C CA  . SER A 1 50 ? -1.77182  3.33845   8.46000   1.000 23.02936  ? 49  SER A CA  1 
ATOM   342 C C   . SER A 1 50 ? -2.89354  2.95727   7.50298   1.000 22.28788  ? 49  SER A C   1 
ATOM   343 O O   . SER A 1 50 ? -2.72740  3.01166   6.28679   1.000 20.96534  ? 49  SER A O   1 
ATOM   344 C CB  . SER A 1 50 ? -1.82031  4.81611   8.82027   1.000 23.78970  ? 49  SER A CB  1 
ATOM   345 O OG  . SER A 1 50 ? -3.10631  5.35563   8.69777   1.000 34.53534  ? 49  SER A OG  1 
ATOM   346 N N   . PHE A 1 51 ? -4.04747  2.57968   8.05936   1.000 30.86582  ? 50  PHE A N   1 
ATOM   347 C CA  . PHE A 1 51 ? -5.23732  2.25272   7.27727   1.000 34.64431  ? 50  PHE A CA  1 
ATOM   348 C C   . PHE A 1 51 ? -6.33870  3.26898   7.51509   1.000 30.01110  ? 50  PHE A C   1 
ATOM   349 O O   . PHE A 1 51 ? -6.36685  3.92859   8.56005   1.000 36.20959  ? 50  PHE A O   1 
ATOM   350 C CB  . PHE A 1 51 ? -5.74812  0.84894   7.61584   1.000 30.10879  ? 50  PHE A CB  1 
ATOM   351 C CG  . PHE A 1 51 ? -4.88486  -0.22354  7.04748   1.000 33.61123  ? 50  PHE A CG  1 
ATOM   352 C CD1 . PHE A 1 51 ? -5.02868  -0.61068  5.72301   1.000 32.78611  ? 50  PHE A CD1 1 
ATOM   353 C CD2 . PHE A 1 51 ? -3.87324  -0.79851  7.81704   1.000 32.24138  ? 50  PHE A CD2 1 
ATOM   354 C CE1 . PHE A 1 51 ? -4.19455  -1.58390  5.18004   1.000 36.14795  ? 50  PHE A CE1 1 
ATOM   355 C CE2 . PHE A 1 51 ? -3.03770  -1.76908  7.28402   1.000 36.55790  ? 50  PHE A CE2 1 
ATOM   356 C CZ  . PHE A 1 51 ? -3.20111  -2.16857  5.96621   1.000 34.57535  ? 50  PHE A CZ  1 
ATOM   357 N N   . GLU A 1 52 ? -7.24364  3.38417   6.53717   1.000 30.80997  ? 51  GLU A N   1 
ATOM   358 C CA  . GLU A 1 52 ? -8.47011  4.17480   6.69287   1.000 36.53202  ? 51  GLU A CA  1 
ATOM   359 C C   . GLU A 1 52 ? -9.65245  3.41396   6.10093   1.000 43.92893  ? 51  GLU A C   1 
ATOM   360 O O   . GLU A 1 52 ? -9.80903  3.35888   4.87398   1.000 37.54419  ? 51  GLU A O   1 
ATOM   361 C CB  . GLU A 1 52 ? -8.35574  5.55472   6.04484   1.000 34.04267  ? 51  GLU A CB  1 
ATOM   362 C CG  . GLU A 1 52 ? -9.51654  6.46910   6.45321   1.000 41.11635  ? 51  GLU A CG  1 
ATOM   363 C CD  . GLU A 1 52 ? -9.78112  7.58389   5.46205   1.000 40.65706  ? 51  GLU A CD  1 
ATOM   364 O OE1 . GLU A 1 52 ? -9.29179  7.49897   4.30879   1.000 42.96338  ? 51  GLU A OE1 1 
ATOM   365 O OE2 . GLU A 1 52 ? -10.46254 8.56399   5.85310   1.000 40.58255  ? 51  GLU A OE2 1 
ATOM   366 N N   . ASP A 1 53 ? -10.49964 2.86070   6.97099   1.000 50.63777  ? 52  ASP A N   1 
ATOM   367 C CA  . ASP A 1 53 ? -11.68702 2.10925   6.55334   1.000 58.12739  ? 52  ASP A CA  1 
ATOM   368 C C   . ASP A 1 53 ? -12.77880 3.10406   6.18047   1.000 59.48021  ? 52  ASP A C   1 
ATOM   369 O O   . ASP A 1 53 ? -13.45001 3.66983   7.04611   1.000 62.51495  ? 52  ASP A O   1 
ATOM   370 C CB  . ASP A 1 53 ? -12.15039 1.17140   7.66284   1.000 64.90781  ? 52  ASP A CB  1 
ATOM   371 C CG  . ASP A 1 53 ? -13.23355 0.20214   7.20264   1.000 71.87969  ? 52  ASP A CG  1 
ATOM   372 O OD1 . ASP A 1 53 ? -13.43368 0.06552   5.97337   1.000 78.54253  ? 52  ASP A OD1 1 
ATOM   373 O OD2 . ASP A 1 53 ? -13.88280 -0.42450  8.07195   1.000 74.07552  ? 52  ASP A OD2 1 
ATOM   374 N N   . ARG A 1 54 ? -12.96346 3.32591   4.88998   1.000 56.28960  ? 53  ARG A N   1 
ATOM   375 C CA  . ARG A 1 54 ? -13.87937 4.35766   4.43653   1.000 59.16735  ? 53  ARG A CA  1 
ATOM   376 C C   . ARG A 1 54 ? -15.30177 3.82259   4.34385   1.000 69.54834  ? 53  ARG A C   1 
ATOM   377 O O   . ARG A 1 54 ? -15.52532 2.62458   4.14808   1.000 66.97475  ? 53  ARG A O   1 
ATOM   378 C CB  . ARG A 1 54 ? -13.44118 4.89225   3.07774   1.000 61.30785  ? 53  ARG A CB  1 
ATOM   379 C CG  . ARG A 1 54 ? -13.00764 6.32048   3.08973   1.000 55.40901  ? 53  ARG A CG  1 
ATOM   380 C CD  . ARG A 1 54 ? -12.30889 6.68286   1.79097   1.000 49.87081  ? 53  ARG A CD  1 
ATOM   381 N NE  . ARG A 1 54 ? -10.86018 6.66995   1.92900   1.000 45.41290  ? 53  ARG A NE  1 
ATOM   382 C CZ  . ARG A 1 54 ? -10.01498 6.15754   1.04501   1.000 42.79330  ? 53  ARG A CZ  1 
ATOM   383 N NH1 . ARG A 1 54 ? -10.43520 5.45141   0.00847   1.000 51.05071  ? 53  ARG A NH1 1 
ATOM   384 N NH2 . ARG A 1 54 ? -8.71730  6.40454   1.17642   1.000 41.84564  ? 53  ARG A NH2 1 
ATOM   385 N N   . LYS A 1 55 ? -16.26988 4.73263   4.48968   1.000 72.58847  ? 54  LYS A N   1 
ATOM   386 C CA  . LYS A 1 55 ? -17.67306 4.35923   4.33264   1.000 84.79450  ? 54  LYS A CA  1 
ATOM   387 C C   . LYS A 1 55 ? -18.02237 4.05762   2.88074   1.000 87.37587  ? 54  LYS A C   1 
ATOM   388 O O   . LYS A 1 55 ? -18.93822 3.26853   2.62510   1.000 85.45025  ? 54  LYS A O   1 
ATOM   389 C CB  . LYS A 1 55 ? -18.57866 5.46816   4.88286   1.000 87.52944  ? 54  LYS A CB  1 
ATOM   390 C CG  . LYS A 1 55 ? -18.47930 5.64344   6.39290   1.000 91.95727  ? 54  LYS A CG  1 
ATOM   391 C CD  . LYS A 1 55 ? -19.37434 6.75992   6.85219   1.000 98.28053  ? 54  LYS A CD  1 
ATOM   392 C CE  . LYS A 1 55 ? -19.28505 6.90961   8.36263   1.000 95.87651  ? 54  LYS A CE  1 
ATOM   393 N NZ  . LYS A 1 55 ? -20.12834 8.01556   8.90179   1.000 99.30658  ? 54  LYS A NZ  1 
ATOM   394 N N   . ASP A 1 56 ? -17.28787 4.64890   1.93216   1.000 99.38615  ? 55  ASP A N   1 
ATOM   395 C CA  . ASP A 1 56 ? -17.47766 4.43843   0.50035   1.000 95.66393  ? 55  ASP A CA  1 
ATOM   396 C C   . ASP A 1 56 ? -17.19064 3.00539   0.05823   1.000 92.93455  ? 55  ASP A C   1 
ATOM   397 O O   . ASP A 1 56 ? -17.31862 2.71835   -1.13710  1.000 95.92736  ? 55  ASP A O   1 
ATOM   398 C CB  . ASP A 1 56 ? -16.58483 5.40920   -0.29171  1.000 95.92024  ? 55  ASP A CB  1 
ATOM   399 C CG  . ASP A 1 56 ? -16.72782 6.85912   0.16409   1.000 102.82203 ? 55  ASP A CG  1 
ATOM   400 O OD1 . ASP A 1 56 ? -17.66324 7.15447   0.93885   1.000 104.00573 ? 55  ASP A OD1 1 
ATOM   401 O OD2 . ASP A 1 56 ? -15.90487 7.70749   -0.26599  1.000 105.99440 ? 55  ASP A OD2 1 
ATOM   402 N N   . GLY A 1 57 ? -16.81095 2.11087   0.97033   1.000 79.56928  ? 56  GLY A N   1 
ATOM   403 C CA  . GLY A 1 57 ? -16.41945 0.76602   0.61418   1.000 76.62861  ? 56  GLY A CA  1 
ATOM   404 C C   . GLY A 1 57 ? -14.95275 0.60186   0.27007   1.000 66.94240  ? 56  GLY A C   1 
ATOM   405 O O   . GLY A 1 57 ? -14.46315 -0.53893  0.21180   1.000 63.66875  ? 56  GLY A O   1 
ATOM   406 N N   . SER A 1 58 ? -14.24043 1.69419   0.03448   1.000 59.53434  ? 57  SER A N   1 
ATOM   407 C CA  . SER A 1 58 ? -12.81730 1.63512   -0.23669  1.000 55.84060  ? 57  SER A CA  1 
ATOM   408 C C   . SER A 1 58 ? -12.02989 1.67678   1.07137   1.000 47.73934  ? 57  SER A C   1 
ATOM   409 O O   . SER A 1 58 ? -12.52985 2.08018   2.12106   1.000 48.61203  ? 57  SER A O   1 
ATOM   410 C CB  . SER A 1 58 ? -12.39422 2.78870   -1.15358  1.000 60.74871  ? 57  SER A CB  1 
ATOM   411 O OG  . SER A 1 58 ? -11.89779 3.89436   -0.41305  1.000 51.86699  ? 57  SER A OG  1 
ATOM   412 N N   . CYS A 1 59 ? -10.78763 1.23311   0.99915   1.000 39.81938  ? 58  CYS A N   1 
ATOM   413 C CA  . CYS A 1 59 ? -9.87065  1.33083   2.11537   1.000 37.71945  ? 58  CYS A CA  1 
ATOM   414 C C   . CYS A 1 59 ? -8.76572  2.30524   1.73001   1.000 41.90675  ? 58  CYS A C   1 
ATOM   415 O O   . CYS A 1 59 ? -8.28262  2.28993   0.59410   1.000 36.19193  ? 58  CYS A O   1 
ATOM   416 C CB  . CYS A 1 59 ? -9.29603  -0.03894  2.46884   1.000 39.76354  ? 58  CYS A CB  1 
ATOM   417 S SG  . CYS A 1 59 ? -10.31166 -0.94954  3.67657   1.000 74.30903  ? 58  CYS A SG  1 
ATOM   418 N N   . GLY A 1 60 ? -8.39015  3.16948   2.66637   1.000 41.22549  ? 59  GLY A N   1 
ATOM   419 C CA  . GLY A 1 60 ? -7.27335  4.08464   2.47715   1.000 34.52988  ? 59  GLY A CA  1 
ATOM   420 C C   . GLY A 1 60 ? -6.01703  3.55809   3.11532   1.000 31.32844  ? 59  GLY A C   1 
ATOM   421 O O   . GLY A 1 60 ? -6.05740  2.90937   4.16402   1.000 31.73177  ? 59  GLY A O   1 
ATOM   422 N N   . VAL A 1 61 ? -4.87701  3.81741   2.47173   1.000 24.43288  ? 60  VAL A N   1 
ATOM   423 C CA  . VAL A 1 61 ? -3.57510  3.47604   3.01990   1.000 27.98154  ? 60  VAL A CA  1 
ATOM   424 C C   . VAL A 1 61 ? -2.66846  4.68758   2.89813   1.000 29.24064  ? 60  VAL A C   1 
ATOM   425 O O   . VAL A 1 61 ? -2.53090  5.25501   1.80901   1.000 27.33535  ? 60  VAL A O   1 
ATOM   426 C CB  . VAL A 1 61 ? -2.93707  2.26861   2.30708   1.000 28.58030  ? 60  VAL A CB  1 
ATOM   427 C CG1 . VAL A 1 61 ? -1.59909  1.94592   2.93561   1.000 26.61931  ? 60  VAL A CG1 1 
ATOM   428 C CG2 . VAL A 1 61 ? -3.84760  1.05423   2.35177   1.000 30.77425  ? 60  VAL A CG2 1 
ATOM   429 N N   . ALA A 1 62 ? -2.03861  5.07011   4.00234   1.000 24.15124  ? 61  ALA A N   1 
ATOM   430 C CA  . ALA A 1 62 ? -0.94737  6.03174   3.95695   1.000 22.78849  ? 61  ALA A CA  1 
ATOM   431 C C   . ALA A 1 62 ? 0.32323   5.41960   4.56398   1.000 23.76835  ? 61  ALA A C   1 
ATOM   432 O O   . ALA A 1 62 ? 0.26064   4.70250   5.57068   1.000 20.64060  ? 61  ALA A O   1 
ATOM   433 C CB  . ALA A 1 62 ? -1.34890  7.29610   4.66512   1.000 15.96890  ? 61  ALA A CB  1 
ATOM   434 N N   . TYR A 1 63 ? 1.47846   5.68162   3.94103   1.000 19.19212  ? 62  TYR A N   1 
ATOM   435 C CA  . TYR A 1 63 ? 2.74814   5.21055   4.47576   1.000 21.37688  ? 62  TYR A CA  1 
ATOM   436 C C   . TYR A 1 63 ? 3.77982   6.32474   4.40673   1.000 23.44789  ? 62  TYR A C   1 
ATOM   437 O O   . TYR A 1 63 ? 3.69306   7.21026   3.55376   1.000 25.55506  ? 62  TYR A O   1 
ATOM   438 C CB  . TYR A 1 63 ? 3.26824   3.96876   3.72910   1.000 18.98904  ? 62  TYR A CB  1 
ATOM   439 C CG  . TYR A 1 63 ? 3.67822   4.23779   2.30194   1.000 25.04993  ? 62  TYR A CG  1 
ATOM   440 C CD1 . TYR A 1 63 ? 2.73015   4.24737   1.28041   1.000 22.53815  ? 62  TYR A CD1 1 
ATOM   441 C CD2 . TYR A 1 63 ? 5.00617   4.46849   1.97153   1.000 23.55787  ? 62  TYR A CD2 1 
ATOM   442 C CE1 . TYR A 1 63 ? 3.09103   4.48027   -0.01563  1.000 25.26487  ? 62  TYR A CE1 1 
ATOM   443 C CE2 . TYR A 1 63 ? 5.37159   4.71477   0.67612   1.000 29.78274  ? 62  TYR A CE2 1 
ATOM   444 C CZ  . TYR A 1 63 ? 4.40844   4.71035   -0.32026  1.000 29.19695  ? 62  TYR A CZ  1 
ATOM   445 O OH  . TYR A 1 63 ? 4.77323   4.95540   -1.62310  1.000 29.90066  ? 62  TYR A OH  1 
ATOM   446 N N   . VAL A 1 64 ? 4.76054   6.26613   5.31606   1.000 21.02443  ? 63  VAL A N   1 
ATOM   447 C CA  . VAL A 1 64 ? 5.84005   7.24724   5.40584   1.000 22.51036  ? 63  VAL A CA  1 
ATOM   448 C C   . VAL A 1 64 ? 7.16937   6.50382   5.44128   1.000 17.28744  ? 63  VAL A C   1 
ATOM   449 O O   . VAL A 1 64 ? 7.42206   5.69001   6.33187   1.000 14.24994  ? 63  VAL A O   1 
ATOM   450 C CB  . VAL A 1 64 ? 5.68888   8.16863   6.63568   1.000 20.62378  ? 63  VAL A CB  1 
ATOM   451 C CG1 . VAL A 1 64 ? 6.89248   9.10591   6.80089   1.000 23.92940  ? 63  VAL A CG1 1 
ATOM   452 C CG2 . VAL A 1 64 ? 4.54596   9.03197   6.42075   1.000 22.92846  ? 63  VAL A CG2 1 
ATOM   453 N N   . VAL A 1 65 ? 8.02259   6.79548   4.50539   1.000 23.17971  ? 64  VAL A N   1 
ATOM   454 C CA  . VAL A 1 65 ? 9.40170   6.37193   4.63392   1.000 21.15157  ? 64  VAL A CA  1 
ATOM   455 C C   . VAL A 1 65 ? 10.22410  7.63350   4.78817   1.000 28.33721  ? 64  VAL A C   1 
ATOM   456 O O   . VAL A 1 65 ? 9.79472   8.73243   4.39741   1.000 28.64534  ? 64  VAL A O   1 
ATOM   457 C CB  . VAL A 1 65 ? 9.87319   5.50360   3.45611   1.000 19.56330  ? 64  VAL A CB  1 
ATOM   458 C CG1 . VAL A 1 65 ? 9.08322   4.20483   3.41446   1.000 21.39514  ? 64  VAL A CG1 1 
ATOM   459 C CG2 . VAL A 1 65 ? 9.72175   6.23857   2.14641   1.000 24.48942  ? 64  VAL A CG2 1 
ATOM   460 N N   . GLN A 1 66 ? 11.39838  7.48179   5.40898   1.000 28.15085  ? 65  GLN A N   1 
ATOM   461 C CA  . GLN A 1 66 ? 12.27454  8.60928   5.66538   1.000 29.78334  ? 65  GLN A CA  1 
ATOM   462 C C   . GLN A 1 66 ? 13.48835  8.64662   4.74590   1.000 27.85098  ? 65  GLN A C   1 
ATOM   463 O O   . GLN A 1 66 ? 14.05465  9.72102   4.53698   1.000 30.59710  ? 65  GLN A O   1 
ATOM   464 C CB  . GLN A 1 66 ? 12.72024  8.59709   7.13811   1.000 30.79989  ? 65  GLN A CB  1 
ATOM   465 C CG  . GLN A 1 66 ? 11.53969  8.65476   8.13075   1.000 34.09011  ? 65  GLN A CG  1 
ATOM   466 C CD  . GLN A 1 66 ? 10.94471  10.07182  8.30063   1.000 33.33847  ? 65  GLN A CD  1 
ATOM   467 O OE1 . GLN A 1 66 ? 11.62049  11.07662  8.07297   1.000 34.01508  ? 65  GLN A OE1 1 
ATOM   468 N NE2 . GLN A 1 66 ? 9.68465   10.14255  8.70898   1.000 31.70927  ? 65  GLN A NE2 1 
ATOM   469 N N   . GLU A 1 67 ? 13.86793  7.53655   4.15482   1.000 28.77695  ? 66  GLU A N   1 
ATOM   470 C CA  . GLU A 1 67 ? 15.05752  7.55854   3.33329   1.000 27.46606  ? 66  GLU A CA  1 
ATOM   471 C C   . GLU A 1 67 ? 14.68387  7.47551   1.86538   1.000 30.02789  ? 66  GLU A C   1 
ATOM   472 O O   . GLU A 1 67 ? 13.94093  6.56152   1.47308   1.000 29.27589  ? 66  GLU A O   1 
ATOM   473 C CB  . GLU A 1 67 ? 15.99785  6.39994   3.70421   1.000 28.57868  ? 66  GLU A CB  1 
ATOM   474 C CG  . GLU A 1 67 ? 17.07465  6.10018   2.64105   1.000 33.45528  ? 66  GLU A CG  1 
ATOM   475 C CD  . GLU A 1 67 ? 18.36768  6.89325   2.86022   1.000 40.09740  ? 66  GLU A CD  1 
ATOM   476 O OE1 . GLU A 1 67 ? 18.33022  7.91773   3.58951   1.000 42.04601  ? 66  GLU A OE1 1 
ATOM   477 O OE2 . GLU A 1 67 ? 19.41762  6.49599   2.29587   1.000 38.53406  ? 66  GLU A OE2 1 
ATOM   478 N N   . PRO A 1 68 ? 15.17885  8.39960   1.03481   1.000 27.61885  ? 67  PRO A N   1 
ATOM   479 C CA  . PRO A 1 68 ? 14.94059  8.30912   -0.40872  1.000 32.84553  ? 67  PRO A CA  1 
ATOM   480 C C   . PRO A 1 68 ? 15.54253  7.02686   -0.96028  1.000 30.86855  ? 67  PRO A C   1 
ATOM   481 O O   . PRO A 1 68 ? 16.50202  6.47941   -0.41674  1.000 31.98344  ? 67  PRO A O   1 
ATOM   482 C CB  . PRO A 1 68 ? 15.66678  9.54538   -0.96126  1.000 28.91034  ? 67  PRO A CB  1 
ATOM   483 C CG  . PRO A 1 68 ? 15.73575  10.47953  0.23035   1.000 28.71383  ? 67  PRO A CG  1 
ATOM   484 C CD  . PRO A 1 68 ? 15.97787  9.58782   1.38310   1.000 22.53129  ? 67  PRO A CD  1 
ATOM   485 N N   . GLY A 1 69 ? 14.98221  6.55619   -2.05215  1.000 23.88676  ? 68  GLY A N   1 
ATOM   486 C CA  . GLY A 1 69 ? 15.39093  5.28918   -2.61833  1.000 22.11093  ? 68  GLY A CA  1 
ATOM   487 C C   . GLY A 1 69 ? 14.25701  4.68603   -3.42664  1.000 29.81871  ? 68  GLY A C   1 
ATOM   488 O O   . GLY A 1 69 ? 13.23310  5.32353   -3.67082  1.000 26.11178  ? 68  GLY A O   1 
ATOM   489 N N   . ASP A 1 70 ? 14.46066  3.42933   -3.82901  1.000 30.70803  ? 69  ASP A N   1 
ATOM   490 C CA  . ASP A 1 70 ? 13.50411  2.67702   -4.63613  1.000 24.23700  ? 69  ASP A CA  1 
ATOM   491 C C   . ASP A 1 70 ? 12.75852  1.69150   -3.73984  1.000 30.12122  ? 69  ASP A C   1 
ATOM   492 O O   . ASP A 1 70 ? 13.35999  0.73383   -3.24218  1.000 30.16352  ? 69  ASP A O   1 
ATOM   493 C CB  . ASP A 1 70 ? 14.23038  1.93488   -5.75095  1.000 26.36438  ? 69  ASP A CB  1 
ATOM   494 C CG  . ASP A 1 70 ? 14.34524  2.74650   -7.02229  1.000 40.20862  ? 69  ASP A CG  1 
ATOM   495 O OD1 . ASP A 1 70 ? 13.45057  3.59181   -7.29357  1.000 41.35428  ? 69  ASP A OD1 1 
ATOM   496 O OD2 . ASP A 1 70 ? 15.31541  2.52221   -7.77865  1.000 38.26811  ? 69  ASP A OD2 1 
ATOM   497 N N   . TYR A 1 71 ? 11.45218  1.89969   -3.53750  1.000 25.96984  ? 70  TYR A N   1 
ATOM   498 C CA  . TYR A 1 71 ? 10.68469  0.97885   -2.70834  1.000 24.98948  ? 70  TYR A CA  1 
ATOM   499 C C   . TYR A 1 71 ? 9.71170   0.16946   -3.55645  1.000 27.48720  ? 70  TYR A C   1 
ATOM   500 O O   . TYR A 1 71 ? 9.23849   0.62625   -4.60734  1.000 27.10479  ? 70  TYR A O   1 
ATOM   501 C CB  . TYR A 1 71 ? 9.89413   1.69485   -1.60399  1.000 24.89561  ? 70  TYR A CB  1 
ATOM   502 C CG  . TYR A 1 71 ? 10.72305  2.42431   -0.58458  1.000 22.18869  ? 70  TYR A CG  1 
ATOM   503 C CD1 . TYR A 1 71 ? 11.43349  3.56132   -0.93066  1.000 25.51640  ? 70  TYR A CD1 1 
ATOM   504 C CD2 . TYR A 1 71 ? 10.78435  1.98926   0.73180   1.000 25.59210  ? 70  TYR A CD2 1 
ATOM   505 C CE1 . TYR A 1 71 ? 12.20468  4.23764   0.00071   1.000 25.54303  ? 70  TYR A CE1 1 
ATOM   506 C CE2 . TYR A 1 71 ? 11.56890  2.66220   1.68026   1.000 26.59257  ? 70  TYR A CE2 1 
ATOM   507 C CZ  . TYR A 1 71 ? 12.26956  3.78871   1.30037   1.000 23.20460  ? 70  TYR A CZ  1 
ATOM   508 O OH  . TYR A 1 71 ? 13.02147  4.50477   2.22513   1.000 26.22190  ? 70  TYR A OH  1 
ATOM   509 N N   . GLU A 1 72 ? 9.42865   -1.04206  -3.08358  1.000 25.95828  ? 71  GLU A N   1 
ATOM   510 C CA  . GLU A 1 72 ? 8.36779   -1.87945  -3.61031  1.000 24.38576  ? 71  GLU A CA  1 
ATOM   511 C C   . GLU A 1 72 ? 7.24886   -1.90606  -2.57930  1.000 25.20623  ? 71  GLU A C   1 
ATOM   512 O O   . GLU A 1 72 ? 7.49323   -2.20349  -1.40021  1.000 22.98744  ? 71  GLU A O   1 
ATOM   513 C CB  . GLU A 1 72 ? 8.86211   -3.29621  -3.89683  1.000 29.39892  ? 71  GLU A CB  1 
ATOM   514 C CG  . GLU A 1 72 ? 10.03126  -3.34215  -4.87228  1.000 36.52855  ? 71  GLU A CG  1 
ATOM   515 C CD  . GLU A 1 72 ? 9.78732   -4.20408  -6.11553  1.000 39.29382  ? 71  GLU A CD  1 
ATOM   516 O OE1 . GLU A 1 72 ? 8.68631   -4.15068  -6.71278  1.000 45.79221  ? 71  GLU A OE1 1 
ATOM   517 O OE2 . GLU A 1 72 ? 10.71768  -4.92855  -6.53200  1.000 45.51796  ? 71  GLU A OE2 1 
ATOM   518 N N   . VAL A 1 73 ? 6.03510   -1.57393  -3.01934  1.000 19.13351  ? 72  VAL A N   1 
ATOM   519 C CA  . VAL A 1 73 ? 4.83961   -1.61149  -2.19283  1.000 18.06462  ? 72  VAL A CA  1 
ATOM   520 C C   . VAL A 1 73 ? 3.94959   -2.76022  -2.64543  1.000 18.62030  ? 72  VAL A C   1 
ATOM   521 O O   . VAL A 1 73 ? 3.46768   -2.77005  -3.78459  1.000 20.72403  ? 72  VAL A O   1 
ATOM   522 C CB  . VAL A 1 73 ? 4.10554   -0.27198  -2.23888  1.000 24.67811  ? 72  VAL A CB  1 
ATOM   523 C CG1 . VAL A 1 73 ? 2.86379   -0.32634  -1.38267  1.000 23.50793  ? 72  VAL A CG1 1 
ATOM   524 C CG2 . VAL A 1 73 ? 5.05555   0.83010   -1.75769  1.000 18.72497  ? 72  VAL A CG2 1 
ATOM   525 N N   . SER A 1 74 ? 3.73502   -3.73015  -1.75624  1.000 17.88980  ? 73  SER A N   1 
ATOM   526 C CA  . SER A 1 74 ? 2.92242   -4.91325  -2.02919  1.000 22.47133  ? 73  SER A CA  1 
ATOM   527 C C   . SER A 1 74 ? 1.54098   -4.74297  -1.42446  1.000 26.32670  ? 73  SER A C   1 
ATOM   528 O O   . SER A 1 74 ? 1.40641   -4.25081  -0.29461  1.000 27.17218  ? 73  SER A O   1 
ATOM   529 C CB  . SER A 1 74 ? 3.54200   -6.19095  -1.44247  1.000 25.75731  ? 73  SER A CB  1 
ATOM   530 O OG  . SER A 1 74 ? 4.66470   -6.65603  -2.20293  1.000 29.92015  ? 73  SER A OG  1 
ATOM   531 N N   . VAL A 1 75 ? 0.51430   -5.15435  -2.17290  1.000 22.53512  ? 74  VAL A N   1 
ATOM   532 C CA  . VAL A 1 75 ? -0.84534  -5.18572  -1.66241  1.000 25.29639  ? 74  VAL A CA  1 
ATOM   533 C C   . VAL A 1 75 ? -1.41136  -6.57267  -1.90595  1.000 31.66378  ? 74  VAL A C   1 
ATOM   534 O O   . VAL A 1 75 ? -1.69597  -6.95004  -3.05748  1.000 30.48747  ? 74  VAL A O   1 
ATOM   535 C CB  . VAL A 1 75 ? -1.73708  -4.11082  -2.28028  1.000 29.68447  ? 74  VAL A CB  1 
ATOM   536 C CG1 . VAL A 1 75 ? -3.09732  -4.11102  -1.58805  1.000 28.74911  ? 74  VAL A CG1 1 
ATOM   537 C CG2 . VAL A 1 75 ? -1.07391  -2.74831  -2.16100  1.000 26.52297  ? 74  VAL A CG2 1 
ATOM   538 N N   . LYS A 1 76 ? -1.58558  -7.32335  -0.81964  1.000 31.67752  ? 75  LYS A N   1 
ATOM   539 C CA  . LYS A 1 76 ? -2.17226  -8.65166  -0.81534  1.000 30.00505  ? 75  LYS A CA  1 
ATOM   540 C C   . LYS A 1 76 ? -3.58379  -8.59108  -0.24534  1.000 31.31177  ? 75  LYS A C   1 
ATOM   541 O O   . LYS A 1 76 ? -3.85546  -7.84021  0.70380   1.000 30.28233  ? 75  LYS A O   1 
ATOM   542 C CB  . LYS A 1 76 ? -1.32389  -9.61376  0.01266   1.000 28.37822  ? 75  LYS A CB  1 
ATOM   543 C CG  . LYS A 1 76 ? -0.06194  -10.05583 -0.72180  1.000 36.66094  ? 75  LYS A CG  1 
ATOM   544 C CD  . LYS A 1 76 ? 0.86779   -10.83749 0.19626   1.000 38.70079  ? 75  LYS A CD  1 
ATOM   545 C CE  . LYS A 1 76 ? 2.18089   -11.16844 -0.48513  1.000 39.45395  ? 75  LYS A CE  1 
ATOM   546 N NZ  . LYS A 1 76 ? 2.59579   -12.52134 -0.06948  1.000 46.33223  ? 75  LYS A NZ  1 
ATOM   547 N N   . PHE A 1 77 ? -4.47778  -9.36763  -0.85049  1.000 30.87772  ? 76  PHE A N   1 
ATOM   548 C CA  . PHE A 1 77 ? -5.83677  -9.57511  -0.36990  1.000 31.83879  ? 76  PHE A CA  1 
ATOM   549 C C   . PHE A 1 77 ? -5.93980  -11.05944 -0.04847  1.000 33.81880  ? 76  PHE A C   1 
ATOM   550 O O   . PHE A 1 77 ? -5.71860  -11.89643 -0.92839  1.000 34.91819  ? 76  PHE A O   1 
ATOM   551 C CB  . PHE A 1 77 ? -6.85608  -9.14198  -1.43533  1.000 32.05256  ? 76  PHE A CB  1 
ATOM   552 C CG  . PHE A 1 77 ? -8.30571  -9.32994  -1.04052  1.000 37.06209  ? 76  PHE A CG  1 
ATOM   553 C CD1 . PHE A 1 77 ? -8.99718  -8.32803  -0.35598  1.000 41.55750  ? 76  PHE A CD1 1 
ATOM   554 C CD2 . PHE A 1 77 ? -8.99296  -10.49116 -1.39917  1.000 33.57552  ? 76  PHE A CD2 1 
ATOM   555 C CE1 . PHE A 1 77 ? -10.34308 -8.48821  -0.00979  1.000 43.69866  ? 76  PHE A CE1 1 
ATOM   556 C CE2 . PHE A 1 77 ? -10.33633 -10.66096 -1.05079  1.000 36.91572  ? 76  PHE A CE2 1 
ATOM   557 C CZ  . PHE A 1 77 ? -11.01191 -9.65686  -0.35582  1.000 42.28086  ? 76  PHE A CZ  1 
ATOM   558 N N   . ASN A 1 78 ? -6.20407  -11.38845 1.21477   1.000 32.06126  ? 77  ASN A N   1 
ATOM   559 C CA  . ASN A 1 78 ? -6.16255  -12.78663 1.65983   1.000 38.92575  ? 77  ASN A CA  1 
ATOM   560 C C   . ASN A 1 78 ? -4.84636  -13.46204 1.24434   1.000 35.35989  ? 77  ASN A C   1 
ATOM   561 O O   . ASN A 1 78 ? -4.82657  -14.56186 0.68469   1.000 36.45970  ? 77  ASN A O   1 
ATOM   562 C CB  . ASN A 1 78 ? -7.38689  -13.55315 1.14228   1.000 33.94151  ? 77  ASN A CB  1 
ATOM   563 C CG  . ASN A 1 78 ? -8.68444  -12.97029 1.69125   1.000 40.20286  ? 77  ASN A CG  1 
ATOM   564 O OD1 . ASN A 1 78 ? -8.66201  -12.27640 2.71993   1.000 39.22208  ? 77  ASN A OD1 1 
ATOM   565 N ND2 . ASN A 1 78 ? -9.80674  -13.20356 0.99529   1.000 31.46349  ? 77  ASN A ND2 1 
ATOM   566 N N   . GLU A 1 79 ? -3.73257  -12.76154 1.50809   1.000 36.54201  ? 78  GLU A N   1 
ATOM   567 C CA  . GLU A 1 79 ? -2.36723  -13.29195 1.36548   1.000 40.69361  ? 78  GLU A CA  1 
ATOM   568 C C   . GLU A 1 79 ? -1.94783  -13.49078 -0.08888  1.000 39.47434  ? 78  GLU A C   1 
ATOM   569 O O   . GLU A 1 79 ? -1.04909  -14.27478 -0.37773  1.000 39.54476  ? 78  GLU A O   1 
ATOM   570 C CB  . GLU A 1 79 ? -2.19314  -14.60728 2.13271   1.000 34.66769  ? 78  GLU A CB  1 
ATOM   571 C CG  . GLU A 1 79 ? -1.74686  -14.40062 3.57557   1.000 42.82368  ? 78  GLU A CG  1 
ATOM   572 C CD  . GLU A 1 79 ? -0.38887  -13.71424 3.64565   1.000 47.31061  ? 78  GLU A CD  1 
ATOM   573 O OE1 . GLU A 1 79 ? 0.64941   -14.39948 3.48684   1.000 50.70158  ? 78  GLU A OE1 1 
ATOM   574 O OE2 . GLU A 1 79 ? -0.36710  -12.48059 3.82681   1.000 41.21565  ? 78  GLU A OE2 1 
ATOM   575 N N   . GLU A 1 80 ? -2.56893  -12.79414 -1.03417  1.000 37.22860  ? 79  GLU A N   1 
ATOM   576 C CA  . GLU A 1 80 ? -2.21354  -13.00302 -2.42976  1.000 35.22755  ? 79  GLU A CA  1 
ATOM   577 C C   . GLU A 1 80 ? -2.11451  -11.66166 -3.12627  1.000 30.80980  ? 79  GLU A C   1 
ATOM   578 O O   . GLU A 1 80 ? -2.97662  -10.80050 -2.93727  1.000 32.10630  ? 79  GLU A O   1 
ATOM   579 C CB  . GLU A 1 80 ? -3.24287  -13.88998 -3.13170  1.000 36.88865  ? 79  GLU A CB  1 
ATOM   580 C CG  . GLU A 1 80 ? -3.07175  -15.38712 -2.91992  1.000 38.95529  ? 79  GLU A CG  1 
ATOM   581 C CD  . GLU A 1 80 ? -4.14053  -16.17579 -3.66348  1.000 44.78108  ? 79  GLU A CD  1 
ATOM   582 O OE1 . GLU A 1 80 ? -3.91362  -16.45957 -4.85273  1.000 56.10180  ? 79  GLU A OE1 1 
ATOM   583 O OE2 . GLU A 1 80 ? -5.22562  -16.45065 -3.08927  1.000 47.76705  ? 79  GLU A OE2 1 
ATOM   584 N N   . HIS A 1 81 ? -1.04955  -11.47751 -3.89361  1.000 32.46914  ? 80  HIS A N   1 
ATOM   585 C CA  . HIS A 1 81 ? -0.86165  -10.22841 -4.61078  1.000 31.04233  ? 80  HIS A CA  1 
ATOM   586 C C   . HIS A 1 81 ? -2.08860  -9.93083  -5.44977  1.000 26.54356  ? 80  HIS A C   1 
ATOM   587 O O   . HIS A 1 81 ? -2.65799  -10.82528 -6.07989  1.000 33.95530  ? 80  HIS A O   1 
ATOM   588 C CB  . HIS A 1 81 ? 0.38389   -10.30563 -5.50011  1.000 28.07107  ? 80  HIS A CB  1 
ATOM   589 C CG  . HIS A 1 81 ? 1.67348   -10.12152 -4.76177  1.000 30.56608  ? 80  HIS A CG  1 
ATOM   590 N ND1 . HIS A 1 81 ? 2.02501   -8.93193  -4.15441  1.000 35.63727  ? 80  HIS A ND1 1 
ATOM   591 C CD2 . HIS A 1 81 ? 2.69847   -10.97596 -4.52765  1.000 31.25836  ? 80  HIS A CD2 1 
ATOM   592 C CE1 . HIS A 1 81 ? 3.20396   -9.06260  -3.57604  1.000 30.14253  ? 80  HIS A CE1 1 
ATOM   593 N NE2 . HIS A 1 81 ? 3.63458   -10.29515 -3.78548  1.000 35.13238  ? 80  HIS A NE2 1 
ATOM   594 N N   . ILE A 1 82 ? -2.51785  -8.67475  -5.41439  1.000 28.51651  ? 81  ILE A N   1 
ATOM   595 C CA  . ILE A 1 82 ? -3.56426  -8.17739  -6.30191  1.000 31.52299  ? 81  ILE A CA  1 
ATOM   596 C C   . ILE A 1 82 ? -2.87647  -7.78764  -7.60457  1.000 30.98955  ? 81  ILE A C   1 
ATOM   597 O O   . ILE A 1 82 ? -1.64160  -7.72205  -7.64519  1.000 34.37808  ? 81  ILE A O   1 
ATOM   598 C CB  . ILE A 1 82 ? -4.34970  -7.00693  -5.67594  1.000 31.42853  ? 81  ILE A CB  1 
ATOM   599 C CG1 . ILE A 1 82 ? -3.49720  -5.74586  -5.58853  1.000 32.41951  ? 81  ILE A CG1 1 
ATOM   600 C CG2 . ILE A 1 82 ? -4.92100  -7.37983  -4.32252  1.000 29.11317  ? 81  ILE A CG2 1 
ATOM   601 C CD1 . ILE A 1 82 ? -4.30729  -4.48429  -5.80750  1.000 35.42107  ? 81  ILE A CD1 1 
ATOM   602 N N   . PRO A 1 83 ? -3.60542  -7.54906  -8.69026  1.000 33.94863  ? 82  PRO A N   1 
ATOM   603 C CA  . PRO A 1 83 ? -2.94363  -7.22409  -9.96299  1.000 34.98731  ? 82  PRO A CA  1 
ATOM   604 C C   . PRO A 1 83 ? -2.07162  -5.98000  -9.87143  1.000 33.85617  ? 82  PRO A C   1 
ATOM   605 O O   . PRO A 1 83 ? -2.48153  -4.94709  -9.34419  1.000 35.43027  ? 82  PRO A O   1 
ATOM   606 C CB  . PRO A 1 83 ? -4.11678  -7.02103  -10.93223 1.000 33.13654  ? 82  PRO A CB  1 
ATOM   607 C CG  . PRO A 1 83 ? -5.34614  -7.03790  -10.09798 1.000 37.08183  ? 82  PRO A CG  1 
ATOM   608 C CD  . PRO A 1 83 ? -5.02582  -7.85908  -8.89184  1.000 32.01451  ? 82  PRO A CD  1 
ATOM   609 N N   . ASP A 1 84 ? -0.86140  -6.08860  -10.41278 1.000 38.43778  ? 83  ASP A N   1 
ATOM   610 C CA  . ASP A 1 84 ? 0.17335   -5.06031  -10.48596 1.000 37.12455  ? 83  ASP A CA  1 
ATOM   611 C C   . ASP A 1 84 ? 0.87766   -4.91628  -9.14687  1.000 34.04856  ? 83  ASP A C   1 
ATOM   612 O O   . ASP A 1 84 ? 1.72405   -4.03977  -9.00047  1.000 32.53743  ? 83  ASP A O   1 
ATOM   613 C CB  . ASP A 1 84 ? -0.35125  -3.68526  -10.91846 1.000 34.95888  ? 83  ASP A CB  1 
ATOM   614 C CG  . ASP A 1 84 ? -1.15108  -3.75457  -12.20054 1.000 43.02477  ? 83  ASP A CG  1 
ATOM   615 O OD1 . ASP A 1 84 ? -0.76786  -4.55413  -13.08383 1.000 41.72121  ? 83  ASP A OD1 1 
ATOM   616 O OD2 . ASP A 1 84 ? -2.15028  -3.00760  -12.32475 1.000 41.60341  ? 83  ASP A OD2 1 
ATOM   617 N N   . SER A 1 85 ? 0.55215   -5.71306  -8.19568  1.000 32.46862  ? 84  SER A N   1 
ATOM   618 C CA  . SER A 1 85 ? 1.36569   -5.75955  -6.99815  1.000 33.47751  ? 84  SER A CA  1 
ATOM   619 C C   . SER A 1 85 ? 2.43246   -6.83468  -7.16115  1.000 29.67964  ? 84  SER A C   1 
ATOM   620 O O   . SER A 1 85 ? 2.10509   -7.95687  -7.54744  1.000 32.60250  ? 84  SER A O   1 
ATOM   621 C CB  . SER A 1 85 ? 0.50515   -6.06017  -5.78570  1.000 27.20594  ? 84  SER A CB  1 
ATOM   622 O OG  . SER A 1 85 ? 1.32553   -6.38479  -4.70278  1.000 33.14132  ? 84  SER A OG  1 
ATOM   623 N N   . PRO A 1 86 ? 3.71343   -6.55123  -6.88269  1.000 30.03829  ? 85  PRO A N   1 
ATOM   624 C CA  . PRO A 1 86 ? 4.34112   -5.37532  -6.26927  1.000 27.15173  ? 85  PRO A CA  1 
ATOM   625 C C   . PRO A 1 86 ? 4.41028   -4.12980  -7.14471  1.000 26.89787  ? 85  PRO A C   1 
ATOM   626 O O   . PRO A 1 86 ? 4.80179   -4.21663  -8.29565  1.000 31.07313  ? 85  PRO A O   1 
ATOM   627 C CB  . PRO A 1 86 ? 5.78224   -5.85450  -5.98281  1.000 34.37425  ? 85  PRO A CB  1 
ATOM   628 C CG  . PRO A 1 86 ? 5.84678   -7.27667  -6.40230  1.000 31.27942  ? 85  PRO A CG  1 
ATOM   629 C CD  . PRO A 1 86 ? 4.73690   -7.47851  -7.38693  1.000 32.62984  ? 85  PRO A CD  1 
ATOM   630 N N   . PHE A 1 87 ? 4.09057   -2.98038  -6.55388  1.000 28.89710  ? 86  PHE A N   1 
ATOM   631 C CA  . PHE A 1 87 ? 4.22419   -1.67498  -7.18304  1.000 27.76828  ? 86  PHE A CA  1 
ATOM   632 C C   . PHE A 1 87 ? 5.60922   -1.09853  -6.89888  1.000 28.82352  ? 86  PHE A C   1 
ATOM   633 O O   . PHE A 1 87 ? 6.03774   -1.03108  -5.74152  1.000 26.91912  ? 86  PHE A O   1 
ATOM   634 C CB  . PHE A 1 87 ? 3.16192   -0.71076  -6.63427  1.000 26.59543  ? 86  PHE A CB  1 
ATOM   635 C CG  . PHE A 1 87 ? 1.73631   -1.14268  -6.87629  1.000 27.39148  ? 86  PHE A CG  1 
ATOM   636 C CD1 . PHE A 1 87 ? 1.07391   -1.94349  -5.96248  1.000 27.45879  ? 86  PHE A CD1 1 
ATOM   637 C CD2 . PHE A 1 87 ? 1.03802   -0.69270  -7.99354  1.000 27.96262  ? 86  PHE A CD2 1 
ATOM   638 C CE1 . PHE A 1 87 ? -0.25861  -2.33176  -6.17322  1.000 28.63549  ? 86  PHE A CE1 1 
ATOM   639 C CE2 . PHE A 1 87 ? -0.29501  -1.07656  -8.21805  1.000 33.12460  ? 86  PHE A CE2 1 
ATOM   640 C CZ  . PHE A 1 87 ? -0.94669  -1.89671  -7.29760  1.000 31.31510  ? 86  PHE A CZ  1 
ATOM   641 N N   . VAL A 1 88 ? 6.30162   -0.64280  -7.92970  1.000 23.02926  ? 87  VAL A N   1 
ATOM   642 C CA  . VAL A 1 88 ? 7.61670   -0.06297  -7.71852  1.000 25.66277  ? 87  VAL A CA  1 
ATOM   643 C C   . VAL A 1 88 ? 7.43625   1.44090   -7.61361  1.000 31.23552  ? 87  VAL A C   1 
ATOM   644 O O   . VAL A 1 88 ? 6.85088   2.05969   -8.50893  1.000 26.51728  ? 87  VAL A O   1 
ATOM   645 C CB  . VAL A 1 88 ? 8.59900   -0.44991  -8.83375  1.000 33.29364  ? 87  VAL A CB  1 
ATOM   646 C CG1 . VAL A 1 88 ? 9.93491   0.21641   -8.60328  1.000 23.22014  ? 87  VAL A CG1 1 
ATOM   647 C CG2 . VAL A 1 88 ? 8.75276   -1.96971  -8.86493  1.000 34.85884  ? 87  VAL A CG2 1 
ATOM   648 N N   . VAL A 1 89 ? 7.91959   2.02540   -6.50850  1.000 25.74119  ? 88  VAL A N   1 
ATOM   649 C CA  . VAL A 1 89 ? 7.63886   3.39859   -6.15206  1.000 26.91245  ? 88  VAL A CA  1 
ATOM   650 C C   . VAL A 1 89 ? 8.95182   4.12692   -5.90465  1.000 28.40800  ? 88  VAL A C   1 
ATOM   651 O O   . VAL A 1 89 ? 9.72307   3.72488   -5.02152  1.000 26.15615  ? 88  VAL A O   1 
ATOM   652 C CB  . VAL A 1 89 ? 6.73516   3.47902   -4.89904  1.000 32.68092  ? 88  VAL A CB  1 
ATOM   653 C CG1 . VAL A 1 89 ? 6.41864   4.94597   -4.50455  1.000 26.62421  ? 88  VAL A CG1 1 
ATOM   654 C CG2 . VAL A 1 89 ? 5.46645   2.63424   -5.09346  1.000 26.83921  ? 88  VAL A CG2 1 
ATOM   655 N N   . PRO A 1 90 ? 9.29101   5.17011   -6.66276  1.000 25.97626  ? 89  PRO A N   1 
ATOM   656 C CA  . PRO A 1 90 ? 10.47291  5.98285   -6.33959  1.000 23.72948  ? 89  PRO A CA  1 
ATOM   657 C C   . PRO A 1 90 ? 10.15303  7.03074   -5.27739  1.000 24.88860  ? 89  PRO A C   1 
ATOM   658 O O   . PRO A 1 90 ? 9.21710   7.83242   -5.41305  1.000 19.79487  ? 89  PRO A O   1 
ATOM   659 C CB  . PRO A 1 90 ? 10.81654  6.64767   -7.67494  1.000 23.52119  ? 89  PRO A CB  1 
ATOM   660 C CG  . PRO A 1 90 ? 9.50329   6.82189   -8.31276  1.000 22.04035  ? 89  PRO A CG  1 
ATOM   661 C CD  . PRO A 1 90 ? 8.62034   5.66503   -7.87967  1.000 20.89078  ? 89  PRO A CD  1 
ATOM   662 N N   . VAL A 1 91 ? 10.92494  7.02084   -4.20547  1.000 27.26280  ? 90  VAL A N   1 
ATOM   663 C CA  . VAL A 1 91 ? 10.78538  8.01685   -3.15327  1.000 26.58509  ? 90  VAL A CA  1 
ATOM   664 C C   . VAL A 1 91 ? 11.97196  8.95315   -3.28746  1.000 26.49089  ? 90  VAL A C   1 
ATOM   665 O O   . VAL A 1 91 ? 13.11985  8.49887   -3.32117  1.000 26.33160  ? 90  VAL A O   1 
ATOM   666 C CB  . VAL A 1 91 ? 10.69842  7.36343   -1.76871  1.000 28.98434  ? 90  VAL A CB  1 
ATOM   667 C CG1 . VAL A 1 91 ? 10.45353  8.41710   -0.67106  1.000 23.65254  ? 90  VAL A CG1 1 
ATOM   668 C CG2 . VAL A 1 91 ? 9.60854   6.25507   -1.80814  1.000 20.54598  ? 90  VAL A CG2 1 
ATOM   669 N N   . ALA A 1 92 ? 11.67978  10.24342  -3.43013  1.000 23.66482  ? 91  ALA A N   1 
ATOM   670 C CA  . ALA A 1 92 ? 12.64060  11.31423  -3.58853  1.000 27.72594  ? 91  ALA A CA  1 
ATOM   671 C C   . ALA A 1 92 ? 12.73712  12.13088  -2.30571  1.000 32.98044  ? 91  ALA A C   1 
ATOM   672 O O   . ALA A 1 92 ? 11.83424  12.11915  -1.46546  1.000 30.12437  ? 91  ALA A O   1 
ATOM   673 C CB  . ALA A 1 92 ? 12.24004  12.23204  -4.73841  1.000 28.93014  ? 91  ALA A CB  1 
ATOM   674 N N   . SER A 1 93 ? 13.86458  12.82399  -2.16192  1.000 30.56848  ? 92  SER A N   1 
ATOM   675 C CA  . SER A 1 93 ? 14.03233  13.82150  -1.11390  1.000 35.65229  ? 92  SER A CA  1 
ATOM   676 C C   . SER A 1 93 ? 12.97274  14.91118  -1.27836  1.000 37.66350  ? 92  SER A C   1 
ATOM   677 O O   . SER A 1 93 ? 12.61370  15.26157  -2.41004  1.000 35.10619  ? 92  SER A O   1 
ATOM   678 C CB  . SER A 1 93 ? 15.43223  14.44572  -1.19787  1.000 32.03174  ? 92  SER A CB  1 
ATOM   679 O OG  . SER A 1 93 ? 16.41019  13.64260  -0.53479  1.000 44.22906  ? 92  SER A OG  1 
ATOM   680 N N   . PRO A 1 94 ? 12.45971  15.48080  -0.19138  1.000 38.76577  ? 93  PRO A N   1 
ATOM   681 C CA  . PRO A 1 94 ? 11.39756  16.47836  -0.33342  1.000 41.38479  ? 93  PRO A CA  1 
ATOM   682 C C   . PRO A 1 94 ? 11.91537  17.72190  -1.03260  1.000 40.46139  ? 93  PRO A C   1 
ATOM   683 O O   . PRO A 1 94 ? 13.11612  17.98254  -1.08099  1.000 40.74046  ? 93  PRO A O   1 
ATOM   684 C CB  . PRO A 1 94 ? 10.99030  16.79166  1.11354   1.000 38.31687  ? 93  PRO A CB  1 
ATOM   685 C CG  . PRO A 1 94 ? 12.18998  16.49415  1.91237   1.000 37.74005  ? 93  PRO A CG  1 
ATOM   686 C CD  . PRO A 1 94 ? 12.86169  15.30967  1.21581   1.000 37.13471  ? 93  PRO A CD  1 
ATOM   687 N N   . SER A 1 95 ? 10.97930  18.48140  -1.59115  1.000 42.03324  ? 94  SER A N   1 
ATOM   688 C CA  . SER A 1 95 ? 11.24138  19.81128  -2.11902  1.000 46.31628  ? 94  SER A CA  1 
ATOM   689 C C   . SER A 1 95 ? 11.06005  20.84906  -1.01771  1.000 47.10813  ? 94  SER A C   1 
ATOM   690 O O   . SER A 1 95 ? 10.76977  20.52361  0.14095   1.000 42.49261  ? 94  SER A O   1 
ATOM   691 C CB  . SER A 1 95 ? 10.28794  20.14795  -3.26163  1.000 52.43196  ? 94  SER A CB  1 
ATOM   692 O OG  . SER A 1 95 ? 8.98167   20.38168  -2.74652  1.000 54.05875  ? 94  SER A OG  1 
ATOM   693 N N   . GLY A 1 96 ? 11.19466  22.12112  -1.40481  1.000 45.42902  ? 95  GLY A N   1 
ATOM   694 C CA  . GLY A 1 96 ? 10.84018  23.24643  -0.55483  1.000 44.41001  ? 95  GLY A CA  1 
ATOM   695 C C   . GLY A 1 96 ? 11.68210  23.35766  0.69868   1.000 47.85005  ? 95  GLY A C   1 
ATOM   696 O O   . GLY A 1 96 ? 12.61193  22.56527  0.90027   1.000 58.78483  ? 95  GLY A O   1 
ATOM   697 N N   . ALA B 2 1  ? 20.52040  -0.70647  4.53359   1.000 41.37275  ? 101 ALA B N   1 
ATOM   698 C CA  . ALA B 2 1  ? 20.11887  -2.07179  4.20732   1.000 42.99065  ? 101 ALA B CA  1 
ATOM   699 C C   . ALA B 2 1  ? 18.59775  -2.12777  4.02189   1.000 35.43664  ? 101 ALA B C   1 
ATOM   700 O O   . ALA B 2 1  ? 17.92193  -1.10336  4.21768   1.000 35.64142  ? 101 ALA B O   1 
ATOM   701 C CB  . ALA B 2 1  ? 20.58296  -3.03673  5.28412   1.000 40.27786  ? 101 ALA B CB  1 
ATOM   702 N N   . ARG B 2 2  ? 18.07504  -3.30089  3.64185   1.000 26.74523  ? 102 ARG B N   1 
ATOM   703 C CA  . ARG B 2 2  ? 16.70490  -3.42918  3.15696   1.000 28.70907  ? 102 ARG B CA  1 
ATOM   704 C C   . ARG B 2 2  ? 15.77472  -3.75633  4.31338   1.000 29.91834  ? 102 ARG B C   1 
ATOM   705 O O   . ARG B 2 2  ? 15.95918  -4.77554  5.00229   1.000 25.09557  ? 102 ARG B O   1 
ATOM   706 C CB  . ARG B 2 2  ? 16.57951  -4.49136  2.05620   1.000 34.74618  ? 102 ARG B CB  1 
ATOM   707 C CG  . ARG B 2 2  ? 15.60846  -4.06861  0.91071   1.000 32.70753  ? 102 ARG B CG  1 
ATOM   708 C CD  . ARG B 2 2  ? 16.26975  -3.15696  -0.15660  1.000 36.76833  ? 102 ARG B CD  1 
ATOM   709 N NE  . ARG B 2 2  ? 15.31368  -2.44399  -1.00687  1.000 37.04394  ? 102 ARG B NE  1 
ATOM   710 C CZ  . ARG B 2 2  ? 14.50723  -3.01711  -1.89492  1.000 42.00746  ? 102 ARG B CZ  1 
ATOM   711 N NH1 . ARG B 2 2  ? 14.54492  -4.31968  -2.12350  1.000 42.19506  ? 102 ARG B NH1 1 
ATOM   712 N NH2 . ARG B 2 2  ? 13.62135  -2.26382  -2.55663  1.000 37.50846  ? 102 ARG B NH2 1 
ATOM   713 N N   . ILE B 2 3  ? 14.77466  -2.89550  4.51238   1.000 21.18738  ? 103 ILE B N   1 
ATOM   714 C CA  . ILE B 2 3  ? 13.73569  -3.10298  5.50049   1.000 23.88231  ? 103 ILE B CA  1 
ATOM   715 C C   . ILE B 2 3  ? 12.45118  -3.41575  4.75942   1.000 24.91892  ? 103 ILE B C   1 
ATOM   716 O O   . ILE B 2 3  ? 12.12093  -2.75811  3.75972   1.000 23.18393  ? 103 ILE B O   1 
ATOM   717 C CB  . ILE B 2 3  ? 13.56319  -1.88028  6.43204   1.000 26.25113  ? 103 ILE B CB  1 
ATOM   718 C CG1 . ILE B 2 3  ? 14.92079  -1.44516  6.99640   1.000 24.30936  ? 103 ILE B CG1 1 
ATOM   719 C CG2 . ILE B 2 3  ? 12.60465  -2.19900  7.56612   1.000 24.24435  ? 103 ILE B CG2 1 
ATOM   720 C CD1 . ILE B 2 3  ? 15.50134  -2.42309  7.98598   1.000 19.53821  ? 103 ILE B CD1 1 
ATOM   721 N N   . LYS B 2 4  ? 11.71967  -4.41001  5.26472   1.000 24.31758  ? 104 LYS B N   1 
ATOM   722 C CA  . LYS B 2 4  ? 10.39656  -4.78599  4.76779   1.000 23.18395  ? 104 LYS B CA  1 
ATOM   723 C C   . LYS B 2 4  ? 9.40754   -4.63828  5.91074   1.000 22.45466  ? 104 LYS B C   1 
ATOM   724 O O   . LYS B 2 4  ? 9.48957   -5.36613  6.90400   1.000 25.38860  ? 104 LYS B O   1 
ATOM   725 C CB  . LYS B 2 4  ? 10.37706  -6.21301  4.23369   1.000 22.26683  ? 104 LYS B CB  1 
ATOM   726 C CG  . LYS B 2 4  ? 9.13297   -6.57191  3.41593   1.000 25.73735  ? 104 LYS B CG  1 
ATOM   727 C CD  . LYS B 2 4  ? 9.18162   -8.05868  3.01284   1.000 33.90251  ? 104 LYS B CD  1 
ATOM   728 C CE  . LYS B 2 4  ? 8.09641   -8.42802  1.98840   1.000 39.43920  ? 104 LYS B CE  1 
ATOM   729 N NZ  . LYS B 2 4  ? 8.70024   -9.28521  0.89437   1.000 46.86217  ? 104 LYS B NZ  1 
ATOM   730 N N   . ALA B 2 5  ? 8.45328   -3.73070  5.77247   1.000 17.31915  ? 105 ALA B N   1 
ATOM   731 C CA  . ALA B 2 5  ? 7.46796   -3.53393  6.82408   1.000 20.62067  ? 105 ALA B CA  1 
ATOM   732 C C   . ALA B 2 5  ? 6.09864   -3.97069  6.32875   1.000 22.34209  ? 105 ALA B C   1 
ATOM   733 O O   . ALA B 2 5  ? 5.64171   -3.51683  5.27995   1.000 18.40586  ? 105 ALA B O   1 
ATOM   734 C CB  . ALA B 2 5  ? 7.44929   -2.08274  7.28784   1.000 15.97853  ? 105 ALA B CB  1 
ATOM   735 N N   . ILE B 2 6  ? 5.45024   -4.85341  7.08688   1.000 27.27712  ? 106 ILE B N   1 
ATOM   736 C CA  . ILE B 2 6  ? 4.16243   -5.43072  6.72344   1.000 25.10818  ? 106 ILE B CA  1 
ATOM   737 C C   . ILE B 2 6  ? 3.11770   -5.00024  7.73467   1.000 26.61096  ? 106 ILE B C   1 
ATOM   738 O O   . ILE B 2 6  ? 3.31369   -5.18235  8.93703   1.000 27.02449  ? 106 ILE B O   1 
ATOM   739 C CB  . ILE B 2 6  ? 4.22392   -6.96607  6.66487   1.000 25.48794  ? 106 ILE B CB  1 
ATOM   740 C CG1 . ILE B 2 6  ? 5.40273   -7.43281  5.80162   1.000 22.79237  ? 106 ILE B CG1 1 
ATOM   741 C CG2 . ILE B 2 6  ? 2.86407   -7.52202  6.19141   1.000 28.12436  ? 106 ILE B CG2 1 
ATOM   742 C CD1 . ILE B 2 6  ? 6.61443   -7.97071  6.58421   1.000 30.31172  ? 106 ILE B CD1 1 
ATOM   743 N N   . ASN B 2 7  ? 1.98262   -4.47701  7.25624   1.000 29.66441  ? 107 ASN B N   1 
ATOM   744 C CA  . ASN B 2 7  ? 0.87558   -4.20039  8.16100   1.000 25.74656  ? 107 ASN B CA  1 
ATOM   745 C C   . ASN B 2 7  ? -0.39824  -4.81835  7.60981   1.000 27.86348  ? 107 ASN B C   1 
ATOM   746 O O   . ASN B 2 7  ? -0.62061  -4.87069  6.39870   1.000 25.29602  ? 107 ASN B O   1 
ATOM   747 C CB  . ASN B 2 7  ? 0.70985   -2.67341  8.41928   1.000 27.05624  ? 107 ASN B CB  1 
ATOM   748 C CG  . ASN B 2 7  ? -0.09012  -2.35881  9.70453   1.000 34.13430  ? 107 ASN B CG  1 
ATOM   749 O OD1 . ASN B 2 7  ? -0.22866  -3.18993  10.60938  1.000 36.93833  ? 107 ASN B OD1 1 
ATOM   750 N ND2 . ASN B 2 7  ? -0.61092  -1.14913  9.77848   1.000 35.83345  ? 107 ASN B ND2 1 
ATOM   751 N N   . THR B 2 8  ? -1.23422  -5.29544  8.52136   1.000 37.34924  ? 108 THR B N   1 
ATOM   752 C CA  . THR B 2 8  ? -2.42486  -6.06309  8.18926   1.000 35.60565  ? 108 THR B CA  1 
ATOM   753 C C   . THR B 2 8  ? -3.67349  -5.35147  8.68926   1.000 38.11948  ? 108 THR B C   1 
ATOM   754 O O   . THR B 2 8  ? -3.68261  -4.76484  9.77562   1.000 43.31011  ? 108 THR B O   1 
ATOM   755 C CB  . THR B 2 8  ? -2.35192  -7.46298  8.78166   1.000 31.29421  ? 108 THR B CB  1 
ATOM   756 O OG1 . THR B 2 8  ? -1.29136  -8.17596  8.13746   1.000 25.91993  ? 108 THR B OG1 1 
ATOM   757 C CG2 . THR B 2 8  ? -3.64032  -8.20860  8.51486   1.000 45.03921  ? 108 THR B CG2 1 
ATOM   758 N N   . PHE B 2 9  ? -4.71312  -5.37901  7.86604   1.000 36.79847  ? 109 PHE B N   1 
ATOM   759 C CA  . PHE B 2 9  ? -6.01632  -4.85096  8.21873   1.000 43.40293  ? 109 PHE B CA  1 
ATOM   760 C C   . PHE B 2 9  ? -7.04285  -5.72872  7.52661   1.000 52.02582  ? 109 PHE B C   1 
ATOM   761 O O   . PHE B 2 9  ? -6.73826  -6.43491  6.55973   1.000 46.30339  ? 109 PHE B O   1 
ATOM   762 C CB  . PHE B 2 9  ? -6.16528  -3.37221  7.81454   1.000 43.63720  ? 109 PHE B CB  1 
ATOM   763 C CG  . PHE B 2 9  ? -7.52541  -2.76473  8.11864   1.000 44.56776  ? 109 PHE B CG  1 
ATOM   764 C CD1 . PHE B 2 9  ? -8.23061  -3.10947  9.26289   1.000 53.18345  ? 109 PHE B CD1 1 
ATOM   765 C CD2 . PHE B 2 9  ? -8.06595  -1.80453  7.28185   1.000 46.26470  ? 109 PHE B CD2 1 
ATOM   766 C CE1 . PHE B 2 9  ? -9.47565  -2.54423  9.52691   1.000 56.89762  ? 109 PHE B CE1 1 
ATOM   767 C CE2 . PHE B 2 9  ? -9.28797  -1.22360  7.55170   1.000 53.04944  ? 109 PHE B CE2 1 
ATOM   768 C CZ  . PHE B 2 9  ? -9.99520  -1.59335  8.67334   1.000 58.69878  ? 109 PHE B CZ  1 
ATOM   769 N N   . PHE B 2 10 ? -8.25787  -5.69461  8.04924   1.000 63.10472  ? 110 PHE B N   1 
ATOM   770 C CA  . PHE B 2 10 ? -9.35927  -6.50515  7.56212   1.000 62.26493  ? 110 PHE B CA  1 
ATOM   771 C C   . PHE B 2 10 ? -10.40501 -5.53623  7.02561   1.000 66.14402  ? 110 PHE B C   1 
ATOM   772 O O   . PHE B 2 10 ? -11.03376 -4.80195  7.79645   1.000 68.20876  ? 110 PHE B O   1 
ATOM   773 C CB  . PHE B 2 10 ? -9.84322  -7.41330  8.69078   1.000 60.35620  ? 110 PHE B CB  1 
ATOM   774 C CG  . PHE B 2 10 ? -8.69909  -8.13479  9.37917   1.000 69.80459  ? 110 PHE B CG  1 
ATOM   775 C CD1 . PHE B 2 10 ? -8.03309  -9.17802  8.73031   1.000 64.69222  ? 110 PHE B CD1 1 
ATOM   776 C CD2 . PHE B 2 10 ? -8.23495  -7.72400  10.63323  1.000 73.31988  ? 110 PHE B CD2 1 
ATOM   777 C CE1 . PHE B 2 10 ? -6.95659  -9.82678  9.32576   1.000 65.11163  ? 110 PHE B CE1 1 
ATOM   778 C CE2 . PHE B 2 10 ? -7.15369  -8.36705  11.24458  1.000 69.66624  ? 110 PHE B CE2 1 
ATOM   779 C CZ  . PHE B 2 10 ? -6.51673  -9.42231  10.58736  1.000 73.93425  ? 110 PHE B CZ  1 
ATOM   780 N N   . ALA B 2 11 ? -10.51176 -5.47208  5.69419   1.000 58.26312  ? 111 ALA B N   1 
ATOM   781 C CA  . ALA B 2 11 ? -11.44941 -4.57793  5.01689   1.000 62.27661  ? 111 ALA B CA  1 
ATOM   782 C C   . ALA B 2 11 ? -12.83931 -5.18629  5.10789   1.000 67.12765  ? 111 ALA B C   1 
ATOM   783 O O   . ALA B 2 11 ? -13.09063 -6.24588  4.52897   1.000 61.10164  ? 111 ALA B O   1 
ATOM   784 C CB  . ALA B 2 11 ? -11.04902 -4.36523  3.55963   1.000 60.82125  ? 111 ALA B CB  1 
ATOM   785 N N   . LYS B 2 12 ? -13.74024 -4.51261  5.81827   1.000 69.98293  ? 112 LYS B N   1 
ATOM   786 C CA  . LYS B 2 12 ? -15.00982 -5.08554  6.23794   1.000 71.97691  ? 112 LYS B CA  1 
ATOM   787 C C   . LYS B 2 12 ? -16.04376 -5.03332  5.10994   1.000 76.33316  ? 112 LYS B C   1 
ATOM   788 O O   . LYS B 2 12 ? -15.93737 -4.24983  4.15899   1.000 72.42368  ? 112 LYS B O   1 
ATOM   789 C CB  . LYS B 2 12 ? -15.52032 -4.33456  7.46873   1.000 73.08310  ? 112 LYS B CB  1 
ATOM   790 C CG  . LYS B 2 12 ? -16.43568 -5.11666  8.39175   1.000 73.49291  ? 112 LYS B CG  1 
ATOM   791 C CD  . LYS B 2 12 ? -16.63854 -4.34646  9.69380   1.000 73.02260  ? 112 LYS B CD  1 
ATOM   792 C CE  . LYS B 2 12 ? -17.70309 -4.98407  10.57187  1.000 78.13205  ? 112 LYS B CE  1 
ATOM   793 N NZ  . LYS B 2 12 ? -17.97286 -4.15403  11.77646  1.000 73.95948  ? 112 LYS B NZ  1 
ATOM   794 N N   . ASN B 2 13 ? -17.04711 -5.90336  5.22164   1.000 81.18550  ? 113 ASN B N   1 
ATOM   795 C CA  . ASN B 2 13 ? -18.23663 -5.85468  4.36085   1.000 83.46586  ? 113 ASN B CA  1 
ATOM   796 C C   . ASN B 2 13 ? -19.46732 -5.63492  5.22710   1.000 88.72318  ? 113 ASN B C   1 
ATOM   797 O O   . ASN B 2 13 ? -19.44797 -5.93298  6.42140   1.000 91.47857  ? 113 ASN B O   1 
ATOM   798 C CB  . ASN B 2 13 ? -18.39323 -7.13893  3.53935   1.000 85.72429  ? 113 ASN B CB  1 
ATOM   799 C CG  . ASN B 2 13 ? -19.58327 -7.08903  2.58906   1.000 82.79167  ? 113 ASN B CG  1 
ATOM   800 O OD1 . ASN B 2 13 ? -19.87448 -6.05707  1.98606   1.000 83.06269  ? 113 ASN B OD1 1 
ATOM   801 N ND2 . ASN B 2 13 ? -20.27483 -8.21185  2.45356   1.000 80.12450  ? 113 ASN B ND2 1 
HETATM 802 O O   . HOH C 3 .  ? 9.08735   -6.17832  -7.92120  1.000 36.44222  ? 201 HOH A O   1 
HETATM 803 O O   . HOH C 3 .  ? 13.62474  22.55538  3.12282   1.000 45.93789  ? 202 HOH A O   1 
HETATM 804 O O   . HOH C 3 .  ? 8.04847   -6.59074  -1.60463  1.000 29.36135  ? 203 HOH A O   1 
HETATM 805 O O   . HOH C 3 .  ? 7.33392   8.88790   2.63339   1.000 20.36695  ? 204 HOH A O   1 
HETATM 806 O O   . HOH C 3 .  ? 4.97831   11.38815  -0.08789  1.000 26.05407  ? 205 HOH A O   1 
HETATM 807 O O   . HOH C 3 .  ? -3.48434  -10.38855 3.13626   1.000 25.87356  ? 206 HOH A O   1 
HETATM 808 O O   . HOH C 3 .  ? 14.52861  2.75103   8.93842   1.000 23.92413  ? 207 HOH A O   1 
HETATM 809 O O   . HOH C 3 .  ? -7.25046  -13.83925 -2.73595  1.000 29.82723  ? 208 HOH A O   1 
HETATM 810 O O   . HOH C 3 .  ? -3.91307  -10.82650 5.43397   1.000 40.93931  ? 209 HOH A O   1 
HETATM 811 O O   . HOH C 3 .  ? 13.75205  5.27990   9.18545   1.000 32.44106  ? 210 HOH A O   1 
HETATM 812 O O   . HOH D 3 .  ? 22.61038  1.24094   3.47996   1.000 40.55514  ? 201 HOH B O   1 
# 
loop_
_atom_site_anisotrop.id 
_atom_site_anisotrop.type_symbol 
_atom_site_anisotrop.pdbx_label_atom_id 
_atom_site_anisotrop.pdbx_label_alt_id 
_atom_site_anisotrop.pdbx_label_comp_id 
_atom_site_anisotrop.pdbx_label_asym_id 
_atom_site_anisotrop.pdbx_label_seq_id 
_atom_site_anisotrop.pdbx_PDB_ins_code 
_atom_site_anisotrop.U[1][1] 
_atom_site_anisotrop.U[2][2] 
_atom_site_anisotrop.U[3][3] 
_atom_site_anisotrop.U[1][2] 
_atom_site_anisotrop.U[1][3] 
_atom_site_anisotrop.U[2][3] 
_atom_site_anisotrop.pdbx_auth_seq_id 
_atom_site_anisotrop.pdbx_auth_comp_id 
_atom_site_anisotrop.pdbx_auth_asym_id 
_atom_site_anisotrop.pdbx_auth_atom_id 
1   N N   . MET A 1  ? 0.75401 0.48955 0.59833 -0.18278 -0.19032 -0.04502 0   MET A N   
2   C CA  . MET A 1  ? 0.79557 0.51608 0.61509 -0.15338 -0.18913 -0.05258 0   MET A CA  
3   C C   . MET A 1  ? 0.73864 0.48350 0.56852 -0.14342 -0.19672 -0.06031 0   MET A C   
4   O O   . MET A 1  ? 0.71704 0.46357 0.55255 -0.15249 -0.20928 -0.06322 0   MET A O   
5   C CB  . MET A 1  ? 0.89761 0.56153 0.67189 -0.13755 -0.19487 -0.05668 0   MET A CB  
6   C CG  . MET A 1  ? 0.88127 0.51586 0.64161 -0.14993 -0.20966 -0.05766 0   MET A CG  
7   S SD  . MET A 1  ? 1.38802 0.96975 1.09905 -0.12297 -0.22008 -0.06816 0   MET A SD  
8   C CE  . MET A 1  ? 1.27114 0.81507 0.95401 -0.10796 -0.21180 -0.06446 0   MET A CE  
9   N N   . GLY A 2  ? 0.67978 0.44310 0.51108 -0.12376 -0.18889 -0.06296 1   GLY A N   
10  C CA  . GLY A 2  ? 0.60109 0.38480 0.43777 -0.11239 -0.19580 -0.06898 1   GLY A CA  
11  C C   . GLY A 2  ? 0.57304 0.41333 0.45728 -0.12188 -0.19265 -0.06452 1   GLY A C   
12  O O   . GLY A 2  ? 0.62083 0.47755 0.51080 -0.11402 -0.20187 -0.06907 1   GLY A O   
13  N N   . GLY A 3  ? 0.53204 0.40166 0.44882 -0.13750 -0.18015 -0.05604 2   GLY A N   
14  C CA  . GLY A 3  ? 0.47862 0.40516 0.44073 -0.13974 -0.17243 -0.05256 2   GLY A CA  
15  C C   . GLY A 3  ? 0.51258 0.45543 0.47375 -0.11292 -0.16194 -0.05322 2   GLY A C   
16  O O   . GLY A 3  ? 0.52601 0.50005 0.50895 -0.10690 -0.16649 -0.05506 2   GLY A O   
17  N N   . ALA A 4  ? 0.47078 0.39042 0.40544 -0.09649 -0.14945 -0.05180 3   ALA A N   
18  C CA  . ALA A 4  ? 0.42252 0.35632 0.35629 -0.07394 -0.13721 -0.05079 3   ALA A CA  
19  C C   . ALA A 4  ? 0.48036 0.41037 0.40013 -0.06016 -0.14896 -0.05665 3   ALA A C   
20  O O   . ALA A 4  ? 0.50971 0.46040 0.43793 -0.04644 -0.14233 -0.05487 3   ALA A O   
21  C CB  . ALA A 4  ? 0.40992 0.31727 0.31731 -0.06095 -0.12471 -0.04905 3   ALA A CB  
22  N N   . HIS A 5  ? 0.49903 0.39903 0.39358 -0.06356 -0.16707 -0.06353 4   HIS A N   
23  C CA  . HIS A 5  ? 0.51896 0.40939 0.39207 -0.05012 -0.17896 -0.06924 4   HIS A CA  
24  C C   . HIS A 5  ? 0.54461 0.47339 0.44949 -0.05148 -0.18707 -0.06814 4   HIS A C   
25  O O   . HIS A 5  ? 0.53032 0.45682 0.41988 -0.03682 -0.19269 -0.07002 4   HIS A O   
26  C CB  . HIS A 5  ? 0.54308 0.39072 0.38125 -0.05556 -0.19836 -0.07780 4   HIS A CB  
27  C CG  . HIS A 5  ? 0.59430 0.44120 0.42517 -0.05408 -0.21747 -0.08304 4   HIS A CG  
28  N ND1 . HIS A 5  ? 0.67147 0.50928 0.47543 -0.03396 -0.21655 -0.08495 4   HIS A ND1 
29  C CD2 . HIS A 5  ? 0.66368 0.51976 0.51258 -0.06917 -0.23283 -0.08448 4   HIS A CD2 
30  C CE1 . HIS A 5  ? 0.69160 0.53127 0.49608 -0.03644 -0.23184 -0.08731 4   HIS A CE1 
31  N NE2 . HIS A 5  ? 0.71083 0.56243 0.54322 -0.05720 -0.24250 -0.08762 4   HIS A NE2 
32  N N   . LYS A 6  ? 0.49125 0.45571 0.43954 -0.06760 -0.18698 -0.06489 5   LYS A N   
33  C CA  . LYS A 6  ? 0.54824 0.55206 0.53081 -0.06703 -0.19556 -0.06492 5   LYS A CA  
34  C C   . LYS A 6  ? 0.50322 0.53927 0.51031 -0.05536 -0.17683 -0.05910 5   LYS A C   
35  O O   . LYS A 6  ? 0.52883 0.59873 0.56632 -0.05192 -0.18222 -0.05916 5   LYS A O   
36  C CB  . LYS A 6  ? 0.60600 0.63537 0.62589 -0.09125 -0.20764 -0.06610 5   LYS A CB  
37  C CG  . LYS A 6  ? 0.56728 0.57156 0.56928 -0.10223 -0.23223 -0.07283 5   LYS A CG  
38  C CD  . LYS A 6  ? 0.77630 0.78467 0.77131 -0.08778 -0.24658 -0.07656 5   LYS A CD  
39  C CE  . LYS A 6  ? 0.66323 0.62547 0.60167 -0.06801 -0.24830 -0.07950 5   LYS A CE  
40  N NZ  . LYS A 6  ? 0.69326 0.66325 0.62685 -0.05319 -0.25856 -0.08018 5   LYS A NZ  
41  N N   . VAL A 7  ? 0.48066 0.50568 0.47484 -0.04857 -0.15656 -0.05469 6   VAL A N   
42  C CA  . VAL A 7  ? 0.46577 0.51497 0.47852 -0.03891 -0.13847 -0.04947 6   VAL A CA  
43  C C   . VAL A 7  ? 0.49539 0.52990 0.48249 -0.01837 -0.13594 -0.04846 6   VAL A C   
44  O O   . VAL A 7  ? 0.49789 0.49987 0.44816 -0.01162 -0.13715 -0.05002 6   VAL A O   
45  C CB  . VAL A 7  ? 0.44811 0.49272 0.46101 -0.04540 -0.11986 -0.04500 6   VAL A CB  
46  C CG1 . VAL A 7  ? 0.46202 0.52528 0.48758 -0.03476 -0.10262 -0.04054 6   VAL A CG1 
47  C CG2 . VAL A 7  ? 0.45568 0.51441 0.49203 -0.06749 -0.12077 -0.04428 6   VAL A CG2 
48  N N   . ARG A 8  ? 0.47938 0.53700 0.48487 -0.00841 -0.13187 -0.04587 7   ARG A N   
49  C CA  . ARG A 8  ? 0.49437 0.53898 0.47737 0.00881  -0.13002 -0.04335 7   ARG A CA  
50  C C   . ARG A 8  ? 0.48871 0.54575 0.48406 0.01522  -0.11176 -0.03811 7   ARG A C   
51  O O   . ARG A 8  ? 0.47991 0.56242 0.50598 0.00965  -0.10440 -0.03768 7   ARG A O   
52  C CB  . ARG A 8  ? 0.61678 0.66910 0.60348 0.01616  -0.14901 -0.04546 7   ARG A CB  
53  C CG  . ARG A 8  ? 0.61184 0.70316 0.64445 0.00974  -0.15760 -0.04812 7   ARG A CG  
54  C CD  . ARG A 8  ? 0.72888 0.82378 0.76392 0.01035  -0.18401 -0.05292 7   ARG A CD  
55  N NE  . ARG A 8  ? 0.63391 0.77262 0.71892 0.00515  -0.19211 -0.05582 7   ARG A NE  
56  C CZ  . ARG A 8  ? 0.76013 0.91548 0.86072 0.01413  -0.21147 -0.05842 7   ARG A CZ  
57  N NH1 . ARG A 8  ? 0.76413 0.89210 0.83014 0.02786  -0.22593 -0.05780 7   ARG A NH1 
58  N NH2 . ARG A 8  ? 0.76996 0.97119 0.92182 0.00959  -0.21641 -0.06162 7   ARG A NH2 
59  N N   . ALA A 9  ? 0.45956 0.49796 0.42954 0.02620  -0.10409 -0.03424 8   ALA A N   
60  C CA  . ALA A 9  ? 0.46119 0.50573 0.43836 0.03086  -0.08805 -0.02932 8   ALA A CA  
61  C C   . ALA A 9  ? 0.45474 0.48427 0.40975 0.04302  -0.08735 -0.02478 8   ALA A C   
62  O O   . ALA A 9  ? 0.45667 0.46429 0.38091 0.04676  -0.08941 -0.02404 8   ALA A O   
63  C CB  . ALA A 9  ? 0.37603 0.41198 0.34670 0.02540  -0.07376 -0.02780 8   ALA A CB  
64  N N   . GLY A 10 ? 0.46207 0.50149 0.43051 0.04898  -0.08400 -0.02176 9   GLY A N   
65  C CA  . GLY A 10 ? 0.48757 0.50928 0.43362 0.05824  -0.08274 -0.01590 9   GLY A CA  
66  C C   . GLY A 10 ? 0.42718 0.45616 0.38841 0.06229  -0.07572 -0.01288 9   GLY A C   
67  O O   . GLY A 10 ? 0.40139 0.45101 0.39055 0.06054  -0.07323 -0.01642 9   GLY A O   
68  N N   . GLY A 11 ? 0.41885 0.42868 0.35884 0.06739  -0.07236 -0.00627 10  GLY A N   
69  C CA  . GLY A 11 ? 0.41247 0.42079 0.35990 0.07118  -0.06757 -0.00305 10  GLY A CA  
70  C C   . GLY A 11 ? 0.42861 0.42202 0.35954 0.06662  -0.05414 0.00386  10  GLY A C   
71  O O   . GLY A 11 ? 0.35911 0.35043 0.28002 0.06092  -0.04587 0.00498  10  GLY A O   
72  N N   . PRO A 12 ? 0.43027 0.41343 0.35949 0.06930  -0.05236 0.00819  11  PRO A N   
73  C CA  . PRO A 12 ? 0.40199 0.36966 0.31488 0.06356  -0.04181 0.01630  11  PRO A CA  
74  C C   . PRO A 12 ? 0.39472 0.37460 0.31782 0.05462  -0.02865 0.01543  11  PRO A C   
75  O O   . PRO A 12 ? 0.37977 0.35326 0.29078 0.04939  -0.01959 0.02141  11  PRO A O   
76  C CB  . PRO A 12 ? 0.37257 0.32817 0.28789 0.06719  -0.04487 0.01864  11  PRO A CB  
77  C CG  . PRO A 12 ? 0.35040 0.32209 0.28897 0.07519  -0.05249 0.00979  11  PRO A CG  
78  C CD  . PRO A 12 ? 0.39770 0.38166 0.33915 0.07828  -0.06097 0.00566  11  PRO A CD  
79  N N   . GLY A 13 ? 0.35901 0.35687 0.30383 0.05270  -0.02726 0.00850  12  GLY A N   
80  C CA  . GLY A 13 ? 0.32114 0.32758 0.27373 0.04546  -0.01712 0.00797  12  GLY A CA  
81  C C   . GLY A 13 ? 0.35760 0.36651 0.30230 0.04387  -0.01401 0.00685  12  GLY A C   
82  O O   . GLY A 13 ? 0.33082 0.34487 0.27981 0.03994  -0.00628 0.00704  12  GLY A O   
83  N N   . LEU A 14 ? 0.39165 0.39571 0.32418 0.04788  -0.02131 0.00492  13  LEU A N   
84  C CA  . LEU A 14 ? 0.42507 0.42457 0.34221 0.04844  -0.01919 0.00346  13  LEU A CA  
85  C C   . LEU A 14 ? 0.49793 0.48348 0.38903 0.05157  -0.01528 0.00934  13  LEU A C   
86  O O   . LEU A 14 ? 0.51997 0.49797 0.39159 0.05477  -0.01548 0.00718  13  LEU A O   
87  C CB  . LEU A 14 ? 0.41226 0.41221 0.32852 0.04957  -0.03069 -0.00312 13  LEU A CB  
88  C CG  . LEU A 14 ? 0.38334 0.39674 0.32192 0.04387  -0.03252 -0.00848 13  LEU A CG  
89  C CD1 . LEU A 14 ? 0.37506 0.38749 0.31129 0.04246  -0.04461 -0.01416 13  LEU A CD1 
90  C CD2 . LEU A 14 ? 0.30949 0.32417 0.25124 0.04018  -0.02270 -0.00855 13  LEU A CD2 
91  N N   . GLU A 15 ? 0.44938 0.42862 0.33659 0.05041  -0.01204 0.01673  14  GLU A N   
92  C CA  . GLU A 15 ? 0.46644 0.43121 0.32663 0.05106  -0.00669 0.02422  14  GLU A CA  
93  C C   . GLU A 15 ? 0.46649 0.43549 0.33279 0.04382  0.00679  0.03151  14  GLU A C   
94  O O   . GLU A 15 ? 0.44712 0.42089 0.30587 0.04207  0.01908  0.03412  14  GLU A O   
95  C CB  . GLU A 15 ? 0.47891 0.42550 0.32170 0.05548  -0.01877 0.02806  14  GLU A CB  
96  C CG  . GLU A 15 ? 0.47181 0.42203 0.32329 0.06159  -0.03539 0.02012  14  GLU A CG  
97  C CD  . GLU A 15 ? 0.61588 0.54873 0.45004 0.06857  -0.04989 0.02335  14  GLU A CD  
98  O OE1 . GLU A 15 ? 0.60176 0.51970 0.42600 0.06855  -0.04886 0.03130  14  GLU A OE1 
99  O OE2 . GLU A 15 ? 0.69644 0.62932 0.52698 0.07392  -0.06404 0.01792  14  GLU A OE2 
100 N N   . ARG A 16 ? 0.44382 0.41173 0.32430 0.03973  0.00435  0.03429  15  ARG A N   
101 C CA  . ARG A 16 ? 0.41913 0.39063 0.30801 0.03066  0.01436  0.04082  15  ARG A CA  
102 C C   . ARG A 16 ? 0.42226 0.39875 0.33418 0.02801  0.00958  0.03729  15  ARG A C   
103 O O   . ARG A 16 ? 0.45381 0.42740 0.37097 0.03362  -0.00028 0.03187  15  ARG A O   
104 C CB  . ARG A 16 ? 0.46061 0.41200 0.32712 0.02594  0.01657  0.05189  15  ARG A CB  
105 C CG  . ARG A 16 ? 0.62365 0.55341 0.48195 0.03008  0.00263  0.05312  15  ARG A CG  
106 C CD  . ARG A 16 ? 0.75412 0.65692 0.57919 0.02901  0.00121  0.06370  15  ARG A CD  
107 N NE  . ARG A 16 ? 0.94673 0.84438 0.76719 0.01536  0.01303  0.07446  15  ARG A NE  
108 C CZ  . ARG A 16 ? 0.99335 0.86427 0.79854 0.00923  0.00903  0.08384  15  ARG A CZ  
109 N NH1 . ARG A 16 ? 0.90456 0.75008 0.69608 0.01823  -0.00687 0.08349  15  ARG A NH1 
110 N NH2 . ARG A 16 ? 0.96063 0.83014 0.76492 -0.00636 0.02065  0.09387  15  ARG A NH2 
111 N N   . ALA A 17 ? 0.40849 0.39392 0.33442 0.01957  0.01675  0.03998  16  ALA A N   
112 C CA  . ALA A 17 ? 0.36282 0.35084 0.30650 0.01655  0.01242  0.03629  16  ALA A CA  
113 C C   . ALA A 17 ? 0.35721 0.34338 0.30625 0.00488  0.01706  0.04334  16  ALA A C   
114 O O   . ALA A 17 ? 0.33518 0.32600 0.28045 -0.00144 0.02600  0.05055  16  ALA A O   
115 C CB  . ALA A 17 ? 0.33612 0.34221 0.29634 0.01906  0.01282  0.02820  16  ALA A CB  
116 N N   . GLU A 18 ? 0.42428 0.40365 0.38160 0.00142  0.01109  0.04109  17  GLU A N   
117 C CA  . GLU A 18 ? 0.39012 0.36785 0.35512 -0.01138 0.01271  0.04643  17  GLU A CA  
118 C C   . GLU A 18 ? 0.36258 0.35364 0.34614 -0.01291 0.00991  0.03961  17  GLU A C   
119 O O   . GLU A 18 ? 0.35103 0.34076 0.33516 -0.00505 0.00484  0.03155  17  GLU A O   
120 C CB  . GLU A 18 ? 0.39741 0.34534 0.34833 -0.01554 0.00548  0.05067  17  GLU A CB  
121 C CG  . GLU A 18 ? 0.55733 0.48657 0.48571 -0.01602 0.00698  0.05974  17  GLU A CG  
122 C CD  . GLU A 18 ? 0.89621 0.78985 0.80776 -0.01850 -0.00266 0.06364  17  GLU A CD  
123 O OE1 . GLU A 18 ? 0.84641 0.73048 0.76359 -0.01679 -0.01068 0.05696  17  GLU A OE1 
124 O OE2 . GLU A 18 ? 0.97275 0.84536 0.86261 -0.02206 -0.00226 0.07347  17  GLU A OE2 
125 N N   . ALA A 19 ? 0.32103 0.32576 0.31964 -0.02340 0.01313  0.04317  18  ALA A N   
126 C CA  . ALA A 19 ? 0.31072 0.32767 0.32539 -0.02479 0.00874  0.03739  18  ALA A CA  
127 C C   . ALA A 19 ? 0.30098 0.29628 0.30824 -0.02593 -0.00140 0.03271  18  ALA A C   
128 O O   . ALA A 19 ? 0.27070 0.24441 0.26792 -0.03164 -0.00530 0.03622  18  ALA A O   
129 C CB  . ALA A 19 ? 0.30975 0.34750 0.34489 -0.03589 0.01224  0.04244  18  ALA A CB  
130 N N   . GLY A 20 ? 0.32522 0.32357 0.33426 -0.01996 -0.00546 0.02459  19  GLY A N   
131 C CA  . GLY A 20 ? 0.26414 0.24310 0.26341 -0.01886 -0.01323 0.01848  19  GLY A CA  
132 C C   . GLY A 20 ? 0.29611 0.25874 0.28084 -0.00847 -0.01389 0.01442  19  GLY A C   
133 O O   . GLY A 20 ? 0.30440 0.25360 0.28082 -0.00423 -0.01837 0.00742  19  GLY A O   
134 N N   . VAL A 21 ? 0.27715 0.24098 0.25825 -0.00322 -0.01004 0.01793  20  VAL A N   
135 C CA  . VAL A 21 ? 0.35097 0.30117 0.32122 0.00754  -0.01277 0.01460  20  VAL A CA  
136 C C   . VAL A 21 ? 0.31161 0.28009 0.28737 0.01675  -0.00930 0.00977  20  VAL A C   
137 O O   . VAL A 21 ? 0.28430 0.26747 0.26471 0.01530  -0.00484 0.01293  20  VAL A O   
138 C CB  . VAL A 21 ? 0.36532 0.29890 0.32402 0.00629  -0.01410 0.02285  20  VAL A CB  
139 C CG1 . VAL A 21 ? 0.30463 0.22150 0.25232 0.01957  -0.02025 0.01889  20  VAL A CG1 
140 C CG2 . VAL A 21 ? 0.34379 0.26144 0.29903 -0.00730 -0.01648 0.02937  20  VAL A CG2 
141 N N   . PRO A 22 ? 0.35184 0.32044 0.32754 0.02588  -0.01093 0.00199  21  PRO A N   
142 C CA  . PRO A 22 ? 0.26797 0.25590 0.25165 0.03134  -0.00786 -0.00205 21  PRO A CA  
143 C C   . PRO A 22 ? 0.34454 0.33484 0.32626 0.03538  -0.00940 0.00187  21  PRO A C   
144 O O   . PRO A 22 ? 0.36366 0.33923 0.33668 0.03993  -0.01420 0.00475  21  PRO A O   
145 C CB  . PRO A 22 ? 0.33258 0.32095 0.31802 0.03986  -0.00842 -0.01071 21  PRO A CB  
146 C CG  . PRO A 22 ? 0.33408 0.29834 0.30876 0.04255  -0.01339 -0.01151 21  PRO A CG  
147 C CD  . PRO A 22 ? 0.32718 0.28026 0.29660 0.03045  -0.01467 -0.00441 21  PRO A CD  
148 N N   . ALA A 23 ? 0.34292 0.34808 0.32927 0.03370  -0.00648 0.00212  22  ALA A N   
149 C CA  . ALA A 23 ? 0.35836 0.36555 0.34028 0.03765  -0.00889 0.00420  22  ALA A CA  
150 C C   . ALA A 23 ? 0.34283 0.36475 0.33465 0.04197  -0.01127 -0.00227 22  ALA A C   
151 O O   . ALA A 23 ? 0.33737 0.37077 0.33653 0.03755  -0.00766 -0.00534 22  ALA A O   
152 C CB  . ALA A 23 ? 0.31420 0.32427 0.29099 0.03260  -0.00424 0.00899  22  ALA A CB  
153 N N   . GLU A 24 ? 0.32410 0.34503 0.31606 0.04998  -0.01820 -0.00374 23  GLU A N   
154 C CA  . GLU A 24 ? 0.34468 0.38294 0.35088 0.05429  -0.02208 -0.00999 23  GLU A CA  
155 C C   . GLU A 24 ? 0.35322 0.39306 0.35431 0.05499  -0.02882 -0.00874 23  GLU A C   
156 O O   . GLU A 24 ? 0.35285 0.37710 0.33707 0.05801  -0.03309 -0.00369 23  GLU A O   
157 C CB  . GLU A 24 ? 0.39191 0.42992 0.40488 0.06538  -0.02740 -0.01385 23  GLU A CB  
158 C CG  . GLU A 24 ? 0.41788 0.47931 0.45197 0.06764  -0.02416 -0.02182 23  GLU A CG  
159 C CD  . GLU A 24 ? 0.44703 0.50753 0.48723 0.08025  -0.02615 -0.02705 23  GLU A CD  
160 O OE1 . GLU A 24 ? 0.50040 0.53624 0.52560 0.08672  -0.03141 -0.02409 23  GLU A OE1 
161 O OE2 . GLU A 24 ? 0.40491 0.48810 0.46392 0.08379  -0.02187 -0.03423 23  GLU A OE2 
162 N N   . PHE A 25 ? 0.27043 0.32656 0.28307 0.05099  -0.02984 -0.01300 24  PHE A N   
163 C CA  . PHE A 25 ? 0.35018 0.40815 0.35984 0.05250  -0.03974 -0.01395 24  PHE A CA  
164 C C   . PHE A 25 ? 0.28950 0.37152 0.32286 0.04947  -0.04304 -0.02018 24  PHE A C   
165 O O   . PHE A 25 ? 0.29570 0.39203 0.34459 0.04542  -0.03512 -0.02299 24  PHE A O   
166 C CB  . PHE A 25 ? 0.32161 0.36737 0.31248 0.04727  -0.03809 -0.01117 24  PHE A CB  
167 C CG  . PHE A 25 ? 0.31000 0.36072 0.30561 0.03841  -0.03067 -0.01276 24  PHE A CG  
168 C CD1 . PHE A 25 ? 0.28755 0.34749 0.29189 0.03214  -0.03466 -0.01695 24  PHE A CD1 
169 C CD2 . PHE A 25 ? 0.32431 0.36872 0.31464 0.03581  -0.02124 -0.00962 24  PHE A CD2 
170 C CE1 . PHE A 25 ? 0.34981 0.40857 0.35408 0.02398  -0.02911 -0.01742 24  PHE A CE1 
171 C CE2 . PHE A 25 ? 0.32896 0.37484 0.32120 0.02939  -0.01665 -0.01072 24  PHE A CE2 
172 C CZ  . PHE A 25 ? 0.35090 0.40169 0.34805 0.02372  -0.02043 -0.01433 24  PHE A CZ  
173 N N   . SER A 26 ? 0.29125 0.37787 0.32646 0.05020  -0.05475 -0.02220 25  SER A N   
174 C CA  . SER A 26 ? 0.31729 0.43027 0.37905 0.04582  -0.05939 -0.02775 25  SER A CA  
175 C C   . SER A 26 ? 0.33176 0.44149 0.38752 0.03470  -0.06453 -0.02869 25  SER A C   
176 O O   . SER A 26 ? 0.34869 0.43578 0.37859 0.03531  -0.06831 -0.02644 25  SER A O   
177 C CB  . SER A 26 ? 0.39491 0.52062 0.47117 0.05708  -0.07252 -0.03075 25  SER A CB  
178 O OG  . SER A 26 ? 0.43260 0.56034 0.51557 0.06827  -0.06800 -0.03126 25  SER A OG  
179 N N   . ILE A 27 ? 0.35099 0.48235 0.42944 0.02420  -0.06386 -0.03209 26  ILE A N   
180 C CA  . ILE A 27 ? 0.39523 0.52289 0.47041 0.01137  -0.07051 -0.03351 26  ILE A CA  
181 C C   . ILE A 27 ? 0.42295 0.58185 0.53068 0.00526  -0.07954 -0.03794 26  ILE A C   
182 O O   . ILE A 27 ? 0.36153 0.54842 0.49691 0.00185  -0.07061 -0.03935 26  ILE A O   
183 C CB  . ILE A 27 ? 0.38231 0.50023 0.44938 -0.00037 -0.05858 -0.03131 26  ILE A CB  
184 C CG1 . ILE A 27 ? 0.33431 0.42948 0.37746 0.00684  -0.04942 -0.02738 26  ILE A CG1 
185 C CG2 . ILE A 27 ? 0.41765 0.52164 0.47383 -0.01221 -0.06701 -0.03258 26  ILE A CG2 
186 C CD1 . ILE A 27 ? 0.39411 0.48306 0.43289 -0.00160 -0.03802 -0.02509 26  ILE A CD1 
187 N N   . TRP A 28 ? 0.47805 0.63386 0.58306 0.00419  -0.09717 -0.04049 27  TRP A N   
188 C CA  . TRP A 28 ? 0.43144 0.61967 0.57068 -0.00171 -0.10897 -0.04493 27  TRP A CA  
189 C C   . TRP A 28 ? 0.48101 0.66508 0.62008 -0.02213 -0.11414 -0.04595 27  TRP A C   
190 O O   . TRP A 28 ? 0.50885 0.66445 0.62063 -0.02448 -0.12641 -0.04690 27  TRP A O   
191 C CB  . TRP A 28 ? 0.49795 0.68623 0.63584 0.01191  -0.12871 -0.04731 27  TRP A CB  
192 C CG  . TRP A 28 ? 0.55896 0.73814 0.68581 0.03165  -0.12487 -0.04482 27  TRP A CG  
193 C CD1 . TRP A 28 ? 0.56599 0.76966 0.71905 0.04341  -0.12138 -0.04648 27  TRP A CD1 
194 C CD2 . TRP A 28 ? 0.53346 0.67508 0.61933 0.04128  -0.12388 -0.04018 27  TRP A CD2 
195 N NE1 . TRP A 28 ? 0.57273 0.75189 0.70140 0.05892  -0.12011 -0.04284 27  TRP A NE1 
196 C CE2 . TRP A 28 ? 0.57869 0.72141 0.66719 0.05656  -0.12088 -0.03830 27  TRP A CE2 
197 C CE3 . TRP A 28 ? 0.55889 0.66658 0.60619 0.03857  -0.12446 -0.03765 27  TRP A CE3 
198 C CZ2 . TRP A 28 ? 0.58038 0.69096 0.63447 0.06611  -0.11868 -0.03263 27  TRP A CZ2 
199 C CZ3 . TRP A 28 ? 0.55370 0.63439 0.56918 0.04935  -0.12039 -0.03255 27  TRP A CZ3 
200 C CH2 . TRP A 28 ? 0.59140 0.67359 0.61066 0.06141  -0.11756 -0.02943 27  TRP A CH2 
201 N N   . THR A 29 ? 0.56353 0.77278 0.72954 -0.03717 -0.10391 -0.04560 28  THR A N   
202 C CA  . THR A 29 ? 0.59468 0.79815 0.76071 -0.05963 -0.10710 -0.04515 28  THR A CA  
203 C C   . THR A 29 ? 0.68366 0.92239 0.88775 -0.07234 -0.12080 -0.04893 28  THR A C   
204 O O   . THR A 29 ? 0.68247 0.93072 0.90060 -0.09462 -0.11862 -0.04761 28  THR A O   
205 C CB  . THR A 29 ? 0.56038 0.76380 0.72611 -0.07145 -0.08648 -0.04051 28  THR A CB  
206 O OG1 . THR A 29 ? 0.60180 0.84178 0.79696 -0.06611 -0.07173 -0.04065 28  THR A OG1 
207 C CG2 . THR A 29 ? 0.57103 0.73366 0.69625 -0.06339 -0.07840 -0.03704 28  THR A CG2 
208 N N   . ARG A 30 ? 0.72298 0.98117 0.94436 -0.05916 -0.13569 -0.05315 29  ARG A N   
209 C CA  . ARG A 30 ? 0.76620 1.06462 1.03026 -0.06932 -0.15045 -0.05736 29  ARG A CA  
210 C C   . ARG A 30 ? 0.76731 1.04959 1.02373 -0.09312 -0.16475 -0.05801 29  ARG A C   
211 O O   . ARG A 30 ? 0.78819 1.09666 1.07465 -0.11566 -0.16118 -0.05711 29  ARG A O   
212 C CB  . ARG A 30 ? 0.88038 1.18879 1.15226 -0.04923 -0.17034 -0.06176 29  ARG A CB  
213 C CG  . ARG A 30 ? 0.91756 1.27990 1.24221 -0.04953 -0.17416 -0.06363 29  ARG A CG  
214 C CD  . ARG A 30 ? 0.94778 1.33459 1.29201 -0.03032 -0.15662 -0.06349 29  ARG A CD  
215 N NE  . ARG A 30 ? 0.99466 1.36238 1.31884 -0.00427 -0.16774 -0.06408 29  ARG A NE  
216 C CZ  . ARG A 30 ? 0.97158 1.32094 1.27519 0.01364  -0.15840 -0.06404 29  ARG A CZ  
217 N NH1 . ARG A 30 ? 0.83214 1.17520 1.12697 0.00927  -0.13490 -0.06161 29  ARG A NH1 
218 N NH2 . ARG A 30 ? 0.94714 1.27477 1.22955 0.03446  -0.17013 -0.06298 29  ARG A NH2 
219 N N   . GLU A 31 ? 0.84277 1.07984 1.05670 -0.08887 -0.18051 -0.05959 30  GLU A N   
220 C CA  . GLU A 31 ? 0.86363 1.08090 1.06717 -0.10925 -0.19878 -0.06210 30  GLU A CA  
221 C C   . GLU A 31 ? 0.82084 1.01610 1.01010 -0.12976 -0.18511 -0.05765 30  GLU A C   
222 O O   . GLU A 31 ? 0.80970 1.01905 1.02146 -0.15498 -0.18957 -0.05703 30  GLU A O   
223 C CB  . GLU A 31 ? 0.95209 1.12406 1.10884 -0.09659 -0.21830 -0.06608 30  GLU A CB  
224 C CG  . GLU A 31 ? 1.02954 1.21861 1.19499 -0.08133 -0.23364 -0.06909 30  GLU A CG  
225 C CD  . GLU A 31 ? 1.02683 1.16849 1.13912 -0.06757 -0.24703 -0.07138 30  GLU A CD  
226 O OE1 . GLU A 31 ? 0.95843 1.05836 1.02881 -0.06389 -0.24186 -0.07121 30  GLU A OE1 
227 O OE2 . GLU A 31 ? 1.08000 1.22631 1.19180 -0.06085 -0.26208 -0.07328 30  GLU A OE2 
228 N N   . ALA A 32 ? 0.80578 0.96635 0.95825 -0.12011 -0.16914 -0.05402 31  ALA A N   
229 C CA  . ALA A 32 ? 0.73031 0.86612 0.86631 -0.13775 -0.15852 -0.04954 31  ALA A CA  
230 C C   . ALA A 32 ? 0.63865 0.81336 0.81234 -0.15463 -0.14083 -0.04426 31  ALA A C   
231 O O   . ALA A 32 ? 0.63517 0.79504 0.80230 -0.17631 -0.13643 -0.03995 31  ALA A O   
232 C CB  . ALA A 32 ? 0.54447 0.64039 0.63797 -0.12183 -0.14578 -0.04706 31  ALA A CB  
233 N N   . GLY A 33 ? 0.64784 0.87009 0.85866 -0.14506 -0.13080 -0.04461 32  GLY A N   
234 C CA  . GLY A 33 ? 0.59086 0.85350 0.83728 -0.15951 -0.11203 -0.04062 32  GLY A CA  
235 C C   . GLY A 33 ? 0.63670 0.88197 0.86002 -0.15428 -0.08832 -0.03491 32  GLY A C   
236 O O   . GLY A 33 ? 0.58524 0.80215 0.77787 -0.13422 -0.08517 -0.03498 32  GLY A O   
237 N N   . ALA A 34 ? 0.66267 0.92527 0.90036 -0.17372 -0.07183 -0.02957 33  ALA A N   
238 C CA  . ALA A 34 ? 0.58095 0.82741 0.79580 -0.17021 -0.05057 -0.02403 33  ALA A CA  
239 C C   . ALA A 34 ? 0.59255 0.77948 0.75875 -0.17483 -0.05525 -0.01980 33  ALA A C   
240 O O   . ALA A 34 ? 0.64609 0.80472 0.79712 -0.18518 -0.07256 -0.02077 33  ALA A O   
241 C CB  . ALA A 34 ? 0.63244 0.91421 0.87314 -0.18946 -0.03058 -0.01927 33  ALA A CB  
242 N N   . GLY A 35 ? 0.49808 0.66520 0.63925 -0.16546 -0.04080 -0.01589 34  GLY A N   
243 C CA  . GLY A 35 ? 0.58800 0.70200 0.68567 -0.16697 -0.04407 -0.01192 34  GLY A CA  
244 C C   . GLY A 35 ? 0.54807 0.64877 0.62482 -0.14895 -0.03119 -0.00985 34  GLY A C   
245 O O   . GLY A 35 ? 0.52808 0.65799 0.62152 -0.13881 -0.01828 -0.01080 34  GLY A O   
246 N N   . GLY A 36 ? 0.51573 0.57080 0.55564 -0.14465 -0.03629 -0.00765 35  GLY A N   
247 C CA  . GLY A 36 ? 0.41034 0.44918 0.42934 -0.12895 -0.02767 -0.00558 35  GLY A CA  
248 C C   . GLY A 36 ? 0.49053 0.52349 0.50324 -0.10509 -0.03376 -0.01095 35  GLY A C   
249 O O   . GLY A 36 ? 0.42907 0.43690 0.42510 -0.09970 -0.04636 -0.01407 35  GLY A O   
250 N N   . LEU A 37 ? 0.50444 0.55940 0.52877 -0.09115 -0.02433 -0.01212 36  LEU A N   
251 C CA  . LEU A 37 ? 0.43616 0.48558 0.45341 -0.07037 -0.02719 -0.01526 36  LEU A CA  
252 C C   . LEU A 37 ? 0.43742 0.46641 0.43396 -0.06277 -0.02091 -0.01187 36  LEU A C   
253 O O   . LEU A 37 ? 0.45934 0.49728 0.45853 -0.06476 -0.01033 -0.00909 36  LEU A O   
254 C CB  . LEU A 37 ? 0.40853 0.49072 0.45015 -0.06043 -0.02313 -0.01838 36  LEU A CB  
255 C CG  . LEU A 37 ? 0.50765 0.60834 0.56862 -0.06123 -0.03417 -0.02285 36  LEU A CG  
256 C CD1 . LEU A 37 ? 0.50496 0.63703 0.59023 -0.04990 -0.03056 -0.02573 36  LEU A CD1 
257 C CD2 . LEU A 37 ? 0.41035 0.48563 0.45094 -0.05384 -0.04810 -0.02543 36  LEU A CD2 
258 N N   . ALA A 38 ? 0.39409 0.39596 0.36976 -0.05408 -0.02780 -0.01257 37  ALA A N   
259 C CA  . ALA A 38 ? 0.34759 0.33522 0.30886 -0.04328 -0.02406 -0.01047 37  ALA A CA  
260 C C   . ALA A 38 ? 0.33779 0.33133 0.30121 -0.02663 -0.02446 -0.01338 37  ALA A C   
261 O O   . ALA A 38 ? 0.35669 0.34320 0.31436 -0.02132 -0.03132 -0.01683 37  ALA A O   
262 C CB  . ALA A 38 ? 0.34163 0.29512 0.27874 -0.04476 -0.03070 -0.00893 37  ALA A CB  
263 N N   . ILE A 39 ? 0.31169 0.31662 0.28130 -0.01956 -0.01722 -0.01184 38  ILE A N   
264 C CA  . ILE A 39 ? 0.31745 0.32686 0.28829 -0.00630 -0.01614 -0.01280 38  ILE A CA  
265 C C   . ILE A 39 ? 0.34886 0.34704 0.31045 0.00037  -0.01450 -0.01076 38  ILE A C   
266 O O   . ILE A 39 ? 0.31548 0.30914 0.27410 -0.00382 -0.01271 -0.00819 38  ILE A O   
267 C CB  . ILE A 39 ? 0.32839 0.35844 0.31469 -0.00382 -0.01100 -0.01279 38  ILE A CB  
268 C CG1 . ILE A 39 ? 0.39433 0.43961 0.39434 -0.01041 -0.01300 -0.01516 38  ILE A CG1 
269 C CG2 . ILE A 39 ? 0.33961 0.37091 0.32474 0.00720  -0.01063 -0.01249 38  ILE A CG2 
270 C CD1 . ILE A 39 ? 0.40322 0.44902 0.40333 -0.00594 -0.02114 -0.01780 38  ILE A CD1 
271 N N   . ALA A 40 ? 0.30279 0.29671 0.25910 0.01083  -0.01545 -0.01203 39  ALA A N   
272 C CA  . ALA A 40 ? 0.29563 0.28633 0.24963 0.01890  -0.01364 -0.01070 39  ALA A CA  
273 C C   . ALA A 40 ? 0.35718 0.36155 0.31860 0.02617  -0.00844 -0.00996 39  ALA A C   
274 O O   . ALA A 40 ? 0.31790 0.32360 0.27572 0.02900  -0.00832 -0.01147 39  ALA A O   
275 C CB  . ALA A 40 ? 0.30078 0.27211 0.24027 0.02531  -0.01874 -0.01325 39  ALA A CB  
276 N N   . VAL A 41 ? 0.35633 0.36937 0.32661 0.02773  -0.00506 -0.00715 40  VAL A N   
277 C CA  . VAL A 41 ? 0.36176 0.38633 0.33911 0.03316  0.00020  -0.00523 40  VAL A CA  
278 C C   . VAL A 41 ? 0.33433 0.36153 0.31581 0.03976  0.00040  -0.00510 40  VAL A C   
279 O O   . VAL A 41 ? 0.29235 0.31772 0.27743 0.03786  -0.00365 -0.00417 40  VAL A O   
280 C CB  . VAL A 41 ? 0.25734 0.29125 0.24467 0.02804  0.00272  -0.00209 40  VAL A CB  
281 C CG1 . VAL A 41 ? 0.29597 0.33924 0.28888 0.03098  0.00808  0.00105  40  VAL A CG1 
282 C CG2 . VAL A 41 ? 0.23757 0.27058 0.22327 0.02438  0.00178  -0.00311 40  VAL A CG2 
283 N N   . GLU A 42 ? 0.33549 0.36782 0.31607 0.04828  0.00508  -0.00621 41  GLU A N   
284 C CA  . GLU A 42 ? 0.28348 0.32329 0.27150 0.05754  0.00637  -0.00727 41  GLU A CA  
285 C C   . GLU A 42 ? 0.27183 0.33362 0.27402 0.05861  0.01585  -0.00395 41  GLU A C   
286 O O   . GLU A 42 ? 0.34132 0.40501 0.33571 0.06044  0.02313  -0.00360 41  GLU A O   
287 C CB  . GLU A 42 ? 0.32060 0.34620 0.29315 0.06849  0.00480  -0.01302 41  GLU A CB  
288 C CG  . GLU A 42 ? 0.34132 0.37256 0.32183 0.08124  0.00402  -0.01560 41  GLU A CG  
289 C CD  . GLU A 42 ? 0.48911 0.50250 0.45135 0.09443  0.00234  -0.02261 41  GLU A CD  
290 O OE1 . GLU A 42 ? 0.45416 0.44656 0.39556 0.09123  -0.00090 -0.02535 41  GLU A OE1 
291 O OE2 . GLU A 42 ? 0.49045 0.51142 0.46008 0.10861  0.00359  -0.02594 41  GLU A OE2 
292 N N   . GLY A 43 ? 0.21737 0.29483 0.23895 0.05649  0.01529  -0.00115 42  GLY A N   
293 C CA  . GLY A 43 ? 0.25513 0.35511 0.29308 0.05425  0.02419  0.00295  42  GLY A CA  
294 C C   . GLY A 43 ? 0.27682 0.39476 0.33907 0.05186  0.02004  0.00494  42  GLY A C   
295 O O   . GLY A 43 ? 0.24624 0.35919 0.31102 0.05589  0.01016  0.00242  42  GLY A O   
296 N N   . PRO A 44 ? 0.22183 0.35984 0.30159 0.04432  0.02636  0.00997  43  PRO A N   
297 C CA  . PRO A 44 ? 0.24344 0.40250 0.35017 0.04153  0.02121  0.01149  43  PRO A CA  
298 C C   . PRO A 44 ? 0.28740 0.43388 0.39343 0.03149  0.00809  0.01253  43  PRO A C   
299 O O   . PRO A 44 ? 0.26857 0.42958 0.39474 0.02892  0.00048  0.01322  43  PRO A O   
300 C CB  . PRO A 44 ? 0.22747 0.41191 0.35213 0.03430  0.03371  0.01712  43  PRO A CB  
301 C CG  . PRO A 44 ? 0.25942 0.42667 0.36026 0.02953  0.04210  0.02013  43  PRO A CG  
302 C CD  . PRO A 44 ? 0.23880 0.38408 0.31504 0.04067  0.03952  0.01414  43  PRO A CD  
303 N N   . SER A 45 ? 0.16972 0.29086 0.25356 0.02667  0.00467  0.01193  44  SER A N   
304 C CA  . SER A 45 ? 0.22478 0.33237 0.30345 0.01990  -0.00654 0.01135  44  SER A CA  
305 C C   . SER A 45 ? 0.30330 0.38671 0.35746 0.02143  -0.00857 0.00835  44  SER A C   
306 O O   . SER A 45 ? 0.26838 0.34543 0.31151 0.02463  -0.00234 0.00737  44  SER A O   
307 C CB  . SER A 45 ? 0.19309 0.30040 0.27669 0.00703  -0.00732 0.01487  44  SER A CB  
308 O OG  . SER A 45 ? 0.27501 0.37054 0.34498 0.00382  -0.00029 0.01640  44  SER A OG  
309 N N   . LYS A 46 ? 0.25801 0.32864 0.30346 0.01806  -0.01735 0.00703  45  LYS A N   
310 C CA  . LYS A 46 ? 0.25901 0.31011 0.28326 0.01813  -0.01830 0.00470  45  LYS A CA  
311 C C   . LYS A 46 ? 0.28621 0.33050 0.30211 0.01286  -0.01268 0.00413  45  LYS A C   
312 O O   . LYS A 46 ? 0.30359 0.34626 0.32090 0.00737  -0.01383 0.00449  45  LYS A O   
313 C CB  . LYS A 46 ? 0.29307 0.33241 0.30766 0.01615  -0.02837 0.00405  45  LYS A CB  
314 C CG  . LYS A 46 ? 0.39910 0.41998 0.39161 0.01187  -0.02743 0.00260  45  LYS A CG  
315 C CD  . LYS A 46 ? 0.38062 0.38714 0.35840 0.01111  -0.03727 0.00299  45  LYS A CD  
316 C CE  . LYS A 46 ? 0.44522 0.43556 0.40025 0.00537  -0.03350 0.00212  45  LYS A CE  
317 N NZ  . LYS A 46 ? 0.39738 0.39235 0.35450 0.00146  -0.02601 -0.00043 45  LYS A NZ  
318 N N   . ALA A 47 ? 0.37866 0.41787 0.38582 0.01504  -0.00814 0.00268  46  ALA A N   
319 C CA  . ALA A 47 ? 0.31388 0.34936 0.31576 0.01236  -0.00406 0.00138  46  ALA A CA  
320 C C   . ALA A 47 ? 0.31235 0.33866 0.30329 0.00857  -0.00509 -0.00114 46  ALA A C   
321 O O   . ALA A 47 ? 0.30533 0.32459 0.28745 0.00737  -0.00766 -0.00128 46  ALA A O   
322 C CB  . ALA A 47 ? 0.27978 0.31652 0.27928 0.01594  -0.00032 0.00063  46  ALA A CB  
323 N N   . GLU A 48 ? 0.26064 0.28578 0.25038 0.00718  -0.00257 -0.00309 47  GLU A N   
324 C CA  . GLU A 48 ? 0.24807 0.26898 0.22871 0.00509  0.00026  -0.00654 47  GLU A CA  
325 C C   . GLU A 48 ? 0.25020 0.27901 0.23636 0.00720  0.00483  -0.00832 47  GLU A C   
326 O O   . GLU A 48 ? 0.26020 0.29204 0.25273 0.01107  0.00491  -0.00837 47  GLU A O   
327 C CB  . GLU A 48 ? 0.27163 0.28547 0.24657 0.00450  -0.00065 -0.00931 47  GLU A CB  
328 C CG  . GLU A 48 ? 0.33633 0.34260 0.30686 0.00148  -0.00807 -0.00781 47  GLU A CG  
329 C CD  . GLU A 48 ? 0.40431 0.40333 0.36100 -0.00105 -0.01044 -0.00740 47  GLU A CD  
330 O OE1 . GLU A 48 ? 0.31396 0.31137 0.26115 -0.00250 -0.00437 -0.00875 47  GLU A OE1 
331 O OE2 . GLU A 48 ? 0.46022 0.45563 0.41616 -0.00189 -0.01875 -0.00520 47  GLU A OE2 
332 N N   . ILE A 49 ? 0.22436 0.25562 0.20779 0.00394  0.00745  -0.00919 48  ILE A N   
333 C CA  . ILE A 49 ? 0.26834 0.30962 0.26002 0.00440  0.00948  -0.01075 48  ILE A CA  
334 C C   . ILE A 49 ? 0.27387 0.32411 0.26778 0.00149  0.01575  -0.01428 48  ILE A C   
335 O O   . ILE A 49 ? 0.22056 0.26730 0.20522 -0.00512 0.01940  -0.01371 48  ILE A O   
336 C CB  . ILE A 49 ? 0.21207 0.25038 0.20163 0.00154  0.00647  -0.00884 48  ILE A CB  
337 C CG1 . ILE A 49 ? 0.26595 0.29915 0.25455 0.00697  0.00254  -0.00660 48  ILE A CG1 
338 C CG2 . ILE A 49 ? 0.24775 0.29630 0.24613 0.00071  0.00637  -0.01098 48  ILE A CG2 
339 C CD1 . ILE A 49 ? 0.30498 0.32811 0.28544 0.00638  -0.00117 -0.00549 48  ILE A CD1 
340 N N   . SER A 50 ? 0.21022 0.27263 0.21629 0.00676  0.01706  -0.01765 49  SER A N   
341 C CA  . SER A 50 ? 0.26096 0.33863 0.27542 0.00693  0.02392  -0.02224 49  SER A CA  
342 C C   . SER A 50 ? 0.23971 0.33527 0.27185 0.00669  0.02198  -0.02357 49  SER A C   
343 O O   . SER A 50 ? 0.22268 0.31579 0.25811 0.01068  0.01434  -0.02226 49  SER A O   
344 C CB  . SER A 50 ? 0.27153 0.34694 0.28542 0.01660  0.02534  -0.02663 49  SER A CB  
345 O OG  . SER A 50 ? 0.39637 0.49015 0.42565 0.02322  0.02882  -0.03204 49  SER A OG  
346 N N   . PHE A 51 ? 0.33835 0.45279 0.38161 0.00142  0.02892  -0.02617 50  PHE A N   
347 C CA  . PHE A 51 ? 0.37164 0.50814 0.43655 -0.00012 0.02625  -0.02816 50  PHE A CA  
348 C C   . PHE A 51 ? 0.29841 0.45894 0.38295 0.00936  0.03119  -0.03467 50  PHE A C   
349 O O   . PHE A 51 ? 0.37833 0.53972 0.45774 0.01372  0.04045  -0.03799 50  PHE A O   
350 C CB  . PHE A 51 ? 0.31134 0.45428 0.37838 -0.01634 0.02950  -0.02542 50  PHE A CB  
351 C CG  . PHE A 51 ? 0.36876 0.48855 0.41976 -0.02277 0.02121  -0.02050 50  PHE A CG  
352 C CD1 . PHE A 51 ? 0.35699 0.47554 0.41319 -0.02181 0.01034  -0.02073 50  PHE A CD1 
353 C CD2 . PHE A 51 ? 0.36638 0.46362 0.39502 -0.02756 0.02317  -0.01632 50  PHE A CD2 
354 C CE1 . PHE A 51 ? 0.41306 0.50837 0.45203 -0.02513 0.00332  -0.01764 50  PHE A CE1 
355 C CE2 . PHE A 51 ? 0.43293 0.50867 0.44744 -0.03020 0.01518  -0.01287 50  PHE A CE2 
356 C CZ  . PHE A 51 ? 0.40650 0.48124 0.42596 -0.02868 0.00610  -0.01392 50  PHE A CZ  
357 N N   . GLU A 52 ? 0.29511 0.47435 0.40118 0.01374  0.02400  -0.03714 51  GLU A N   
358 C CA  . GLU A 52 ? 0.34939 0.55794 0.48072 0.02360  0.02750  -0.04404 51  GLU A CA  
359 C C   . GLU A 52 ? 0.42364 0.66230 0.58316 0.01606  0.02318  -0.04512 51  GLU A C   
360 O O   . GLU A 52 ? 0.34122 0.57864 0.50666 0.01930  0.00875  -0.04457 51  GLU A O   
361 C CB  . GLU A 52 ? 0.32127 0.52048 0.45171 0.04260  0.01897  -0.04715 51  GLU A CB  
362 C CG  . GLU A 52 ? 0.39409 0.62034 0.54781 0.05656  0.02375  -0.05565 51  GLU A CG  
363 C CD  . GLU A 52 ? 0.38813 0.60929 0.54737 0.07500  0.01011  -0.05832 51  GLU A CD  
364 O OE1 . GLU A 52 ? 0.42703 0.62973 0.57566 0.07448  -0.00318 -0.05303 51  GLU A OE1 
365 O OE2 . GLU A 52 ? 0.37910 0.61239 0.55047 0.09097  0.01288  -0.06583 51  GLU A OE2 
366 N N   . ASP A 53 ? 0.49392 0.75983 0.67025 0.00542  0.03549  -0.04662 52  ASP A N   
367 C CA  . ASP A 53 ? 0.56722 0.86650 0.77486 -0.00525 0.03245  -0.04754 52  ASP A CA  
368 C C   . ASP A 53 ? 0.56172 0.89526 0.80300 0.01151  0.02896  -0.05541 52  ASP A C   
369 O O   . ASP A 53 ? 0.58548 0.94594 0.84388 0.01840  0.04271  -0.06106 52  ASP A O   
370 C CB  . ASP A 53 ? 0.64593 0.96179 0.85850 -0.02491 0.04857  -0.04499 52  ASP A CB  
371 C CG  . ASP A 53 ? 0.71409 1.06004 0.95697 -0.04182 0.04409  -0.04406 52  ASP A CG  
372 O OD1 . ASP A 53 ? 0.79500 1.14099 1.04825 -0.03968 0.02584  -0.04487 52  ASP A OD1 
373 O OD2 . ASP A 53 ? 0.73039 1.09894 0.98521 -0.05836 0.05858  -0.04226 52  ASP A OD2 
374 N N   . ARG A 54 ? 0.51916 0.85106 0.76853 0.01957  0.01023  -0.05620 53  ARG A N   
375 C CA  . ARG A 54 ? 0.53762 0.89553 0.81495 0.03903  0.00285  -0.06334 53  ARG A CA  
376 C C   . ARG A 54 ? 0.63694 1.04568 0.95990 0.03121  0.00175  -0.06716 53  ARG A C   
377 O O   . ARG A 54 ? 0.59980 1.01559 0.92935 0.00983  -0.00097 -0.06315 53  ARG A O   
378 C CB  . ARG A 54 ? 0.57892 0.90961 0.84087 0.05169  -0.01812 -0.06172 53  ARG A CB  
379 C CG  . ARG A 54 ? 0.51622 0.82611 0.76296 0.07376  -0.01953 -0.06413 53  ARG A CG  
380 C CD  . ARG A 54 ? 0.46654 0.74075 0.68757 0.08073  -0.03752 -0.05931 53  ARG A CD  
381 N NE  . ARG A 54 ? 0.43627 0.67003 0.61920 0.07520  -0.03226 -0.05289 53  ARG A NE  
382 C CZ  . ARG A 54 ? 0.42018 0.62704 0.57873 0.06811  -0.04013 -0.04651 53  ARG A CZ  
383 N NH1 . ARG A 54 ? 0.52163 0.73334 0.68472 0.06320  -0.05330 -0.04562 53  ARG A NH1 
384 N NH2 . ARG A 54 ? 0.42878 0.60349 0.55767 0.06673  -0.03517 -0.04146 53  ARG A NH2 
385 N N   . LYS A 55 ? 0.65806 1.09294 1.00703 0.04795  0.00331  -0.07296 54  LYS A N   
386 C CA  . LYS A 55 ? 0.78781 1.25957 1.17443 0.04156  0.00103  -0.07290 54  LYS A CA  
387 C C   . LYS A 55 ? 0.81714 1.28885 1.21391 0.04066  -0.02485 -0.07156 54  LYS A C   
388 O O   . LYS A 55 ? 0.77505 1.27276 1.19892 0.02599  -0.02983 -0.06956 54  LYS A O   
389 C CB  . LYS A 55 ? 0.80933 1.30117 1.21522 0.06133  0.00967  -0.07806 54  LYS A CB  
390 C CG  . LYS A 55 ? 0.86682 1.36275 1.26439 0.06021  0.03617  -0.07981 54  LYS A CG  
391 C CD  . LYS A 55 ? 0.93497 1.44887 1.35037 0.08159  0.04321  -0.08611 54  LYS A CD  
392 C CE  . LYS A 55 ? 0.90812 1.42361 1.31114 0.08057  0.06955  -0.08827 54  LYS A CE  
393 N NZ  . LYS A 55 ? 0.94131 1.47265 1.35922 0.10259  0.07820  -0.09564 54  LYS A NZ  
394 N N   . ASP A 56 ? 0.98773 1.42806 1.36043 0.05505  -0.04167 -0.07198 55  ASP A N   
395 C CA  . ASP A 56 ? 0.94406 1.37521 1.31553 0.05604  -0.06725 -0.07050 55  ASP A CA  
396 C C   . ASP A 56 ? 0.91294 1.33941 1.27875 0.03172  -0.07478 -0.06746 55  ASP A C   
397 O O   . ASP A 56 ? 0.95668 1.37166 1.31647 0.03094  -0.09660 -0.06662 55  ASP A O   
398 C CB  . ASP A 56 ? 0.97181 1.36309 1.30964 0.07599  -0.08013 -0.07013 55  ASP A CB  
399 C CG  . ASP A 56 ? 1.06140 1.44758 1.39780 0.09924  -0.07378 -0.07317 55  ASP A CG  
400 O OD1 . ASP A 56 ? 1.05716 1.47342 1.42116 0.10289  -0.06214 -0.07670 55  ASP A OD1 
401 O OD2 . ASP A 56 ? 1.12377 1.47373 1.42980 0.11360  -0.08077 -0.07181 55  ASP A OD2 
402 N N   . GLY A 57 ? 0.74305 1.17381 1.10641 0.01193  -0.05819 -0.06576 56  GLY A N   
403 C CA  . GLY A 57 ? 0.71921 1.12825 1.06409 -0.01124 -0.06397 -0.06060 56  GLY A CA  
404 C C   . GLY A 57 ? 0.63309 0.98522 0.92520 -0.00978 -0.06517 -0.05506 56  GLY A C   
405 O O   . GLY A 57 ? 0.60610 0.93524 0.87779 -0.02753 -0.06578 -0.05091 56  GLY A O   
406 N N   . SER A 58 ? 0.55431 0.88321 0.82452 0.01061  -0.06574 -0.05491 57  SER A N   
407 C CA  . SER A 58 ? 0.53864 0.81960 0.76344 0.01227  -0.06451 -0.04961 57  SER A CA  
408 C C   . SER A 58 ? 0.44390 0.71489 0.65509 0.00846  -0.04324 -0.04688 57  SER A C   
409 O O   . SER A 58 ? 0.43991 0.73619 0.67094 0.00995  -0.02944 -0.04963 57  SER A O   
410 C CB  . SER A 58 ? 0.61417 0.87345 0.82055 0.03314  -0.07558 -0.04941 57  SER A CB  
411 O OG  . SER A 58 ? 0.50633 0.75860 0.70577 0.04597  -0.06333 -0.04929 57  SER A OG  
412 N N   . CYS A 59 ? 0.36742 0.60166 0.54388 0.00409  -0.04099 -0.04191 58  CYS A N   
413 C CA  . CYS A 59 ? 0.35155 0.57096 0.51066 0.00230  -0.02486 -0.03900 58  CYS A CA  
414 C C   . CYS A 59 ? 0.42234 0.61347 0.55645 0.01691  -0.02654 -0.03695 58  CYS A C   
415 O O   . CYS A 59 ? 0.36218 0.53342 0.47953 0.02114  -0.03761 -0.03493 58  CYS A O   
416 C CB  . CYS A 59 ? 0.38909 0.59071 0.53103 -0.01534 -0.02113 -0.03463 58  CYS A CB  
417 S SG  . CYS A 59 ? 0.80957 1.03973 0.97410 -0.03561 -0.00896 -0.03440 58  CYS A SG  
418 N N   . GLY A 60 ? 0.41560 0.60459 0.54619 0.02387  -0.01552 -0.03753 59  GLY A N   
419 C CA  . GLY A 60 ? 0.34757 0.50927 0.45515 0.03401  -0.01595 -0.03483 59  GLY A CA  
420 C C   . GLY A 60 ? 0.32130 0.46185 0.40719 0.02568  -0.00811 -0.03043 59  GLY A C   
421 O O   . GLY A 60 ? 0.32406 0.47031 0.41129 0.01600  0.00107  -0.03040 59  GLY A O   
422 N N   . VAL A 61 ? 0.24883 0.36518 0.31433 0.02926  -0.01186 -0.02629 60  VAL A N   
423 C CA  . VAL A 61 ? 0.30552 0.40405 0.35361 0.02405  -0.00599 -0.02243 60  VAL A CA  
424 C C   . VAL A 61 ? 0.33038 0.41329 0.36734 0.03193  -0.00596 -0.02010 60  VAL A C   
425 O O   . VAL A 61 ? 0.31097 0.38557 0.34207 0.03821  -0.01237 -0.01802 60  VAL A O   
426 C CB  . VAL A 61 ? 0.32115 0.40772 0.35705 0.01787  -0.00994 -0.01945 60  VAL A CB  
427 C CG1 . VAL A 61 ? 0.30583 0.37767 0.32790 0.01480  -0.00469 -0.01611 60  VAL A CG1 
428 C CG2 . VAL A 61 ? 0.34262 0.43949 0.38718 0.00806  -0.01223 -0.02140 60  VAL A CG2 
429 N N   . ALA A 62 ? 0.26966 0.34650 0.30149 0.03039  0.00049  -0.01999 61  ALA A N   
430 C CA  . ALA A 62 ? 0.26188 0.32164 0.28233 0.03350  -0.00012 -0.01684 61  ALA A CA  
431 C C   . ALA A 62 ? 0.27994 0.33150 0.29165 0.02608  0.00309  -0.01360 61  ALA A C   
432 O O   . ALA A 62 ? 0.23931 0.29432 0.25061 0.02066  0.00692  -0.01507 61  ALA A O   
433 C CB  . ALA A 62 ? 0.17591 0.23301 0.19782 0.04031  0.00109  -0.02076 61  ALA A CB  
434 N N   . TYR A 63 ? 0.22764 0.26910 0.23248 0.02580  0.00143  -0.00881 62  TYR A N   
435 C CA  . TYR A 63 ? 0.25798 0.29525 0.25899 0.02061  0.00305  -0.00611 62  TYR A CA  
436 C C   . TYR A 63 ? 0.28791 0.31652 0.28648 0.01989  0.00214  -0.00255 62  TYR A C   
437 O O   . TYR A 63 ? 0.31732 0.34021 0.31345 0.02267  0.00070  -0.00013 62  TYR A O   
438 C CB  . TYR A 63 ? 0.22775 0.26695 0.22681 0.01958  0.00284  -0.00400 62  TYR A CB  
439 C CG  . TYR A 63 ? 0.30650 0.34353 0.30175 0.02310  0.00248  -0.00066 62  TYR A CG  
440 C CD1 . TYR A 63 ? 0.27573 0.31272 0.26789 0.02696  -0.00053 -0.00168 62  TYR A CD1 
441 C CD2 . TYR A 63 ? 0.28818 0.32429 0.28261 0.02220  0.00516  0.00365  62  TYR A CD2 
442 C CE1 . TYR A 63 ? 0.31507 0.34687 0.29802 0.03014  -0.00077 0.00170  62  TYR A CE1 
443 C CE2 . TYR A 63 ? 0.36971 0.40406 0.35784 0.02460  0.00725  0.00726  62  TYR A CE2 
444 C CZ  . TYR A 63 ? 0.36656 0.39662 0.34617 0.02879  0.00432  0.00637  62  TYR A CZ  
445 O OH  . TYR A 63 ? 0.38114 0.40618 0.34877 0.03122  0.00645  0.01035  62  TYR A OH  
446 N N   . VAL A 64 ? 0.25799 0.28438 0.25647 0.01522  0.00185  -0.00177 63  VAL A N   
447 C CA  . VAL A 64 ? 0.27880 0.29867 0.27783 0.01134  -0.00017 0.00165  63  VAL A CA  
448 C C   . VAL A 64 ? 0.20771 0.23575 0.21338 0.00759  -0.00024 0.00489  63  VAL A C   
449 O O   . VAL A 64 ? 0.16855 0.19868 0.17420 0.00678  -0.00224 0.00290  63  VAL A O   
450 C CB  . VAL A 64 ? 0.26057 0.26904 0.25401 0.00986  -0.00335 -0.00219 63  VAL A CB  
451 C CG1 . VAL A 64 ? 0.30489 0.30504 0.29928 0.00301  -0.00773 0.00134  63  VAL A CG1 
452 C CG2 . VAL A 64 ? 0.29359 0.29490 0.28269 0.01609  -0.00323 -0.00544 63  VAL A CG2 
453 N N   . VAL A 65 ? 0.27899 0.31177 0.28996 0.00570  0.00196  0.00997  64  VAL A N   
454 C CA  . VAL A 65 ? 0.24560 0.29008 0.26798 0.00248  0.00190  0.01263  64  VAL A CA  
455 C C   . VAL A 65 ? 0.33545 0.37746 0.36377 -0.00622 -0.00036 0.01661  64  VAL A C   
456 O O   . VAL A 65 ? 0.34614 0.37534 0.36691 -0.00875 -0.00026 0.01868  64  VAL A O   
457 C CB  . VAL A 65 ? 0.22002 0.27692 0.24637 0.00713  0.00819  0.01479  64  VAL A CB  
458 C CG1 . VAL A 65 ? 0.24660 0.30113 0.26519 0.01423  0.00780  0.01027  64  VAL A CG1 
459 C CG2 . VAL A 65 ? 0.28526 0.33952 0.30571 0.00646  0.01391  0.01932  64  VAL A CG2 
460 N N   . GLN A 66 ? 0.32510 0.37774 0.36677 -0.01104 -0.00418 0.01758  65  GLN A N   
461 C CA  . GLN A 66 ? 0.34330 0.39493 0.39340 -0.02206 -0.00830 0.02126  65  GLN A CA  
462 C C   . GLN A 66 ? 0.30525 0.37861 0.37435 -0.02757 -0.00194 0.02790  65  GLN A C   
463 O O   . GLN A 66 ? 0.33881 0.41033 0.41341 -0.03914 -0.00230 0.03321  65  GLN A O   
464 C CB  . GLN A 66 ? 0.35661 0.40473 0.40891 -0.02553 -0.01956 0.01731  65  GLN A CB  
465 C CG  . GLN A 66 ? 0.41259 0.43926 0.44342 -0.02086 -0.02357 0.01067  65  GLN A CG  
466 C CD  . GLN A 66 ? 0.41518 0.41901 0.43252 -0.02451 -0.02611 0.00924  65  GLN A CD  
467 O OE1 . GLN A 66 ? 0.42386 0.42249 0.44607 -0.03384 -0.02951 0.01313  65  GLN A OE1 
468 N NE2 . GLN A 66 ? 0.40460 0.39479 0.40542 -0.01713 -0.02449 0.00356  65  GLN A NE2 
469 N N   . GLU A 67 ? 0.30759 0.40026 0.38554 -0.01987 0.00462  0.02773  66  GLU A N   
470 C CA  . GLU A 67 ? 0.27609 0.39366 0.37383 -0.02399 0.01280  0.03319  66  GLU A CA  
471 C C   . GLU A 67 ? 0.31256 0.42988 0.39848 -0.01979 0.02577  0.03658  66  GLU A C   
472 O O   . GLU A 67 ? 0.30935 0.42111 0.38188 -0.00803 0.02811  0.03228  66  GLU A O   
473 C CB  . GLU A 67 ? 0.27496 0.41750 0.39340 -0.01648 0.01102  0.02994  66  GLU A CB  
474 C CG  . GLU A 67 ? 0.31953 0.49314 0.45848 -0.01489 0.02371  0.03361  66  GLU A CG  
475 C CD  . GLU A 67 ? 0.38540 0.58372 0.55440 -0.02890 0.02281  0.03891  66  GLU A CD  
476 O OE1 . GLU A 67 ? 0.41500 0.59948 0.58309 -0.04234 0.01296  0.04101  66  GLU A OE1 
477 O OE2 . GLU A 67 ? 0.34603 0.57810 0.54000 -0.02656 0.03195  0.04054  66  GLU A OE2 
478 N N   . PRO A 68 ? 0.28004 0.40115 0.36820 -0.03009 0.03368  0.04452  67  PRO A N   
479 C CA  . PRO A 68 ? 0.35154 0.47175 0.42470 -0.02625 0.04649  0.04847  67  PRO A CA  
480 C C   . PRO A 68 ? 0.31496 0.46009 0.39782 -0.01460 0.05585  0.04500  67  PRO A C   
481 O O   . PRO A 68 ? 0.31244 0.48220 0.42058 -0.01274 0.05496  0.04256  67  PRO A O   
482 C CB  . PRO A 68 ? 0.29951 0.42205 0.37691 -0.04287 0.05312  0.05901  67  PRO A CB  
483 C CG  . PRO A 68 ? 0.29883 0.40862 0.38356 -0.05448 0.03950  0.05914  67  PRO A CG  
484 C CD  . PRO A 68 ? 0.21032 0.33379 0.31198 -0.04728 0.03059  0.05077  67  PRO A CD  
485 N N   . GLY A 69 ? 0.23624 0.37353 0.29782 -0.00565 0.06362  0.04421  68  GLY A N   
486 C CA  . GLY A 69 ? 0.20755 0.36123 0.27133 0.00807  0.07161  0.03900  68  GLY A CA  
487 C C   . GLY A 69 ? 0.32297 0.45427 0.35574 0.01873  0.07152  0.03486  68  GLY A C   
488 O O   . GLY A 69 ? 0.29057 0.39844 0.30310 0.01518  0.06661  0.03712  68  GLY A O   
489 N N   . ASP A 70 ? 0.33292 0.47122 0.36264 0.03262  0.07554  0.02808  69  ASP A N   
490 C CA  . ASP A 70 ? 0.26755 0.38522 0.26812 0.04296  0.07434  0.02282  69  ASP A CA  
491 C C   . ASP A 70 ? 0.34663 0.45143 0.34640 0.04936  0.06058  0.01486  69  ASP A C   
492 O O   . ASP A 70 ? 0.33996 0.45422 0.35189 0.05742  0.05895  0.00971  69  ASP A O   
493 C CB  . ASP A 70 ? 0.29332 0.42259 0.28582 0.05418  0.08827  0.01997  69  ASP A CB  
494 C CG  . ASP A 70 ? 0.47581 0.60312 0.44882 0.04906  0.10151  0.02737  69  ASP A CG  
495 O OD1 . ASP A 70 ? 0.50393 0.60938 0.45796 0.04122  0.09593  0.03259  69  ASP A OD1 
496 O OD2 . ASP A 70 ? 0.44405 0.59100 0.41896 0.05379  0.11777  0.02792  69  ASP A OD2 
497 N N   . TYR A 71 ? 0.30585 0.38940 0.29149 0.04599  0.05068  0.01402  70  TYR A N   
498 C CA  . TYR A 71 ? 0.29774 0.36980 0.28194 0.04927  0.03936  0.00763  70  TYR A CA  
499 C C   . TYR A 71 ? 0.34334 0.39738 0.30367 0.05568  0.03575  0.00245  70  TYR A C   
500 O O   . TYR A 71 ? 0.34687 0.39300 0.28998 0.05569  0.03803  0.00430  70  TYR A O   
501 C CB  . TYR A 71 ? 0.29653 0.36210 0.28729 0.04014  0.03059  0.00928  70  TYR A CB  
502 C CG  . TYR A 71 ? 0.25153 0.32913 0.26240 0.03311  0.03018  0.01288  70  TYR A CG  
503 C CD1 . TYR A 71 ? 0.28813 0.37486 0.30652 0.02616  0.03644  0.01939  70  TYR A CD1 
504 C CD2 . TYR A 71 ? 0.29170 0.36902 0.31165 0.03213  0.02252  0.01016  70  TYR A CD2 
505 C CE1 . TYR A 71 ? 0.27900 0.37552 0.31600 0.01810  0.03399  0.02230  70  TYR A CE1 
506 C CE2 . TYR A 71 ? 0.29587 0.38240 0.33212 0.02559  0.01986  0.01283  70  TYR A CE2 
507 C CZ  . TYR A 71 ? 0.24644 0.34297 0.29226 0.01839  0.02504  0.01850  70  TYR A CZ  
508 O OH  . TYR A 71 ? 0.27688 0.38080 0.33863 0.01001  0.02040  0.02087  70  TYR A OH  
509 N N   . GLU A 72 ? 0.32780 0.37302 0.28547 0.06044  0.02867  -0.00377 71  GLU A N   
510 C CA  . GLU A 72 ? 0.32106 0.34682 0.25867 0.06315  0.02135  -0.00916 71  GLU A CA  
511 C C   . GLU A 72 ? 0.33162 0.35088 0.27523 0.05437  0.01135  -0.00943 71  GLU A C   
512 O O   . GLU A 72 ? 0.29889 0.32049 0.25404 0.05166  0.00866  -0.00924 71  GLU A O   
513 C CB  . GLU A 72 ? 0.39112 0.40765 0.31824 0.07420  0.02061  -0.01609 71  GLU A CB  
514 C CG  . GLU A 72 ? 0.47944 0.50634 0.40214 0.08514  0.03304  -0.01714 71  GLU A CG  
515 C CD  . GLU A 72 ? 0.53059 0.53875 0.42364 0.09541  0.03318  -0.02430 71  GLU A CD  
516 O OE1 . GLU A 72 ? 0.62492 0.61616 0.49881 0.09125  0.02606  -0.02542 71  GLU A OE1 
517 O OE2 . GLU A 72 ? 0.61021 0.62073 0.49854 0.10874  0.04005  -0.02952 71  GLU A OE2 
518 N N   . VAL A 73 ? 0.25961 0.27198 0.19540 0.05025  0.00603  -0.00975 72  VAL A N   
519 C CA  . VAL A 73 ? 0.24434 0.25477 0.18726 0.04225  -0.00174 -0.01066 72  VAL A CA  
520 C C   . VAL A 73 ? 0.26035 0.25660 0.19054 0.04155  -0.01034 -0.01606 72  VAL A C   
521 O O   . VAL A 73 ? 0.29386 0.28320 0.21035 0.04437  -0.01406 -0.01817 72  VAL A O   
522 C CB  . VAL A 73 ? 0.32356 0.34099 0.27311 0.03847  -0.00230 -0.00732 72  VAL A CB  
523 C CG1 . VAL A 73 ? 0.30424 0.32481 0.26414 0.03174  -0.00820 -0.00926 72  VAL A CG1 
524 C CG2 . VAL A 73 ? 0.24170 0.26827 0.20150 0.03747  0.00486  -0.00207 72  VAL A CG2 
525 N N   . SER A 74 ? 0.25263 0.24205 0.18504 0.03686  -0.01457 -0.01796 73  SER A N   
526 C CA  . SER A 74 ? 0.31998 0.29305 0.24077 0.03303  -0.02379 -0.02255 73  SER A CA  
527 C C   . SER A 74 ? 0.36192 0.34288 0.29548 0.02068  -0.02863 -0.02175 73  SER A C   
528 O O   . SER A 74 ? 0.36390 0.35661 0.31193 0.01517  -0.02429 -0.01847 73  SER A O   
529 C CB  . SER A 74 ? 0.37010 0.32620 0.28236 0.03455  -0.02614 -0.02441 73  SER A CB  
530 O OG  . SER A 74 ? 0.43024 0.37745 0.32915 0.04826  -0.02333 -0.02778 73  SER A OG  
531 N N   . VAL A 75 ? 0.31741 0.29302 0.24580 0.01648  -0.03766 -0.02525 74  VAL A N   
532 C CA  . VAL A 75 ? 0.34348 0.33017 0.28750 0.00397  -0.04258 -0.02525 74  VAL A CA  
533 C C   . VAL A 75 ? 0.43399 0.40208 0.36701 -0.00475 -0.05296 -0.02886 74  VAL A C   
534 O O   . VAL A 75 ? 0.42764 0.38376 0.34698 -0.00226 -0.06240 -0.03338 74  VAL A O   
535 C CB  . VAL A 75 ? 0.38911 0.39360 0.34517 0.00565  -0.04580 -0.02563 74  VAL A CB  
536 C CG1 . VAL A 75 ? 0.36327 0.38674 0.34232 -0.00631 -0.04865 -0.02600 74  VAL A CG1 
537 C CG2 . VAL A 75 ? 0.34390 0.35882 0.30503 0.01448  -0.03691 -0.02188 74  VAL A CG2 
538 N N   . LYS A 76 ? 0.43493 0.39768 0.37099 -0.01582 -0.05197 -0.02666 75  LYS A N   
539 C CA  . LYS A 76 ? 0.42377 0.36636 0.34994 -0.02817 -0.06168 -0.02848 75  LYS A CA  
540 C C   . LYS A 76 ? 0.42558 0.38938 0.37475 -0.04592 -0.06288 -0.02656 75  LYS A C   
541 O O   . LYS A 76 ? 0.39823 0.38591 0.36646 -0.04915 -0.05278 -0.02282 75  LYS A O   
542 C CB  . LYS A 76 ? 0.41701 0.33441 0.32681 -0.02881 -0.06006 -0.02614 75  LYS A CB  
543 C CG  . LYS A 76 ? 0.53734 0.43137 0.42422 -0.01148 -0.06190 -0.03021 75  LYS A CG  
544 C CD  . LYS A 76 ? 0.57433 0.44723 0.44890 -0.00848 -0.06078 -0.02770 75  LYS A CD  
545 C CE  . LYS A 76 ? 0.59463 0.45190 0.45254 0.01173  -0.06073 -0.03248 75  LYS A CE  
546 N NZ  . LYS A 76 ? 0.70081 0.52212 0.53748 0.01288  -0.06880 -0.03353 75  LYS A NZ  
547 N N   . PHE A 77 ? 0.42320 0.37918 0.37083 -0.05715 -0.07523 -0.02976 76  PHE A N   
548 C CA  . PHE A 77 ? 0.42079 0.39707 0.39187 -0.07702 -0.07752 -0.02812 76  PHE A CA  
549 C C   . PHE A 77 ? 0.46222 0.40700 0.41574 -0.09336 -0.08459 -0.02670 76  PHE A C   
550 O O   . PHE A 77 ? 0.49438 0.40774 0.42462 -0.09165 -0.09762 -0.03140 76  PHE A O   
551 C CB  . PHE A 77 ? 0.41136 0.40757 0.39892 -0.07750 -0.08892 -0.03302 76  PHE A CB  
552 C CG  . PHE A 77 ? 0.45500 0.47956 0.47363 -0.09774 -0.09208 -0.03216 76  PHE A CG  
553 C CD1 . PHE A 77 ? 0.48659 0.55350 0.53892 -0.09826 -0.08129 -0.03024 76  PHE A CD1 
554 C CD2 . PHE A 77 ? 0.41693 0.42674 0.43204 -0.11606 -0.10623 -0.03391 76  PHE A CD2 
555 C CE1 . PHE A 77 ? 0.49182 0.59125 0.57729 -0.11613 -0.08250 -0.02996 76  PHE A CE1 
556 C CE2 . PHE A 77 ? 0.43773 0.47874 0.48616 -0.13678 -0.10868 -0.03271 76  PHE A CE2 
557 C CZ  . PHE A 77 ? 0.47747 0.56611 0.56290 -0.13642 -0.09589 -0.03072 76  PHE A CZ  
558 N N   . ASN A 78 ? 0.43659 0.38515 0.39644 -0.10830 -0.07595 -0.02019 77  ASN A N   
559 C CA  . ASN A 78 ? 0.54311 0.45507 0.48083 -0.12399 -0.08188 -0.01683 77  ASN A CA  
560 C C   . ASN A 78 ? 0.52498 0.39218 0.42635 -0.10779 -0.08844 -0.01971 77  ASN A C   
561 O O   . ASN A 78 ? 0.55881 0.38932 0.43718 -0.11225 -0.10206 -0.02296 77  ASN A O   
562 C CB  . ASN A 78 ? 0.47730 0.38850 0.42383 -0.14574 -0.09513 -0.01860 77  ASN A CB  
563 C CG  . ASN A 78 ? 0.52673 0.48703 0.51376 -0.16234 -0.08697 -0.01545 77  ASN A CG  
564 O OD1 . ASN A 78 ? 0.50152 0.48657 0.50217 -0.16114 -0.07005 -0.01071 77  ASN A OD1 
565 N ND2 . ASN A 78 ? 0.40398 0.38030 0.41119 -0.17638 -0.09915 -0.01892 77  ASN A ND2 
566 N N   . GLU A 79 ? 0.53980 0.41138 0.43726 -0.08809 -0.07886 -0.01916 78  GLU A N   
567 C CA  . GLU A 79 ? 0.61297 0.45078 0.48243 -0.07081 -0.08153 -0.02113 78  GLU A CA  
568 C C   . GLU A 79 ? 0.60808 0.42989 0.46188 -0.05537 -0.09070 -0.03010 78  GLU A C   
569 O O   . GLU A 79 ? 0.62877 0.41705 0.45670 -0.04338 -0.09595 -0.03370 78  GLU A O   
570 C CB  . GLU A 79 ? 0.55815 0.35570 0.40337 -0.08146 -0.08758 -0.01682 78  GLU A CB  
571 C CG  . GLU A 79 ? 0.66017 0.46126 0.50568 -0.08360 -0.07725 -0.00845 78  GLU A CG  
572 C CD  . GLU A 79 ? 0.71485 0.52295 0.55979 -0.05942 -0.07131 -0.01006 78  GLU A CD  
573 O OE1 . GLU A 79 ? 0.77485 0.55303 0.59854 -0.04506 -0.07779 -0.01245 78  GLU A OE1 
574 O OE2 . GLU A 79 ? 0.61836 0.46240 0.48524 -0.05456 -0.06072 -0.00937 78  GLU A OE2 
575 N N   . GLU A 80 ? 0.56787 0.41191 0.43473 -0.05390 -0.09295 -0.03423 79  GLU A N   
576 C CA  . GLU A 80 ? 0.55538 0.38136 0.40174 -0.03998 -0.10149 -0.04266 79  GLU A CA  
577 C C   . GLU A 80 ? 0.48466 0.34150 0.34448 -0.02733 -0.09475 -0.04383 79  GLU A C   
578 O O   . GLU A 80 ? 0.48179 0.37047 0.36763 -0.03517 -0.09234 -0.04092 79  GLU A O   
579 C CB  . GLU A 80 ? 0.58646 0.39232 0.42281 -0.05458 -0.11878 -0.04752 79  GLU A CB  
580 C CG  . GLU A 80 ? 0.63783 0.39622 0.44607 -0.06190 -0.12947 -0.04910 79  GLU A CG  
581 C CD  . GLU A 80 ? 0.72102 0.45994 0.52051 -0.07858 -0.14822 -0.05422 79  GLU A CD  
582 O OE1 . GLU A 80 ? 0.88027 0.59624 0.65510 -0.06669 -0.15847 -0.06351 79  GLU A OE1 
583 O OE2 . GLU A 80 ? 0.74919 0.49837 0.56737 -0.10386 -0.15239 -0.04918 79  GLU A OE2 
584 N N   . HIS A 81 ? 0.51481 0.36211 0.35677 -0.00754 -0.09104 -0.04778 80  HIS A N   
585 C CA  . HIS A 81 ? 0.48643 0.35745 0.33558 0.00372  -0.08438 -0.04770 80  HIS A CA  
586 C C   . HIS A 81 ? 0.42520 0.30447 0.27887 -0.00376 -0.09590 -0.05042 80  HIS A C   
587 O O   . HIS A 81 ? 0.53188 0.38878 0.36948 -0.00997 -0.11038 -0.05606 80  HIS A O   
588 C CB  . HIS A 81 ? 0.46215 0.31790 0.28653 0.02393  -0.07932 -0.05226 80  HIS A CB  
589 C CG  . HIS A 81 ? 0.48961 0.35199 0.31976 0.03431  -0.06606 -0.04877 80  HIS A CG  
590 N ND1 . HIS A 81 ? 0.53618 0.42838 0.38951 0.03520  -0.05434 -0.04209 80  HIS A ND1 
591 C CD2 . HIS A 81 ? 0.50946 0.35227 0.32594 0.04471  -0.06435 -0.05148 80  HIS A CD2 
592 C CE1 . HIS A 81 ? 0.46589 0.35841 0.32098 0.04410  -0.04651 -0.04058 80  HIS A CE1 
593 N NE2 . HIS A 81 ? 0.54546 0.40974 0.37967 0.05088  -0.05227 -0.04616 80  HIS A NE2 
594 N N   . ILE A 82 ? 0.43242 0.34275 0.30833 -0.00327 -0.09112 -0.04657 81  ILE A N   
595 C CA  . ILE A 82 ? 0.46521 0.38626 0.34626 -0.00566 -0.10260 -0.04896 81  ILE A CA  
596 C C   . ILE A 82 ? 0.47270 0.37957 0.32520 0.01094  -0.10273 -0.05197 81  ILE A C   
597 O O   . ILE A 82 ? 0.52323 0.42171 0.36128 0.02286  -0.09054 -0.05111 81  ILE A O   
598 C CB  . ILE A 82 ? 0.43985 0.39818 0.35610 -0.01016 -0.09826 -0.04403 81  ILE A CB  
599 C CG1 . ILE A 82 ? 0.44788 0.41789 0.36603 0.00338  -0.08456 -0.03948 81  ILE A CG1 
600 C CG2 . ILE A 82 ? 0.39707 0.37047 0.33862 -0.02587 -0.09389 -0.04082 81  ILE A CG2 
601 C CD1 . ILE A 82 ? 0.47140 0.46569 0.40875 0.00611  -0.08743 -0.03766 81  ILE A CD1 
602 N N   . PRO A 83 ? 0.51440 0.41838 0.35711 0.01217  -0.11610 -0.05540 82  PRO A N   
603 C CA  . PRO A 83 ? 0.54465 0.43126 0.35344 0.02741  -0.11539 -0.05778 82  PRO A CA  
604 C C   . PRO A 83 ? 0.52375 0.42591 0.33672 0.03812  -0.09817 -0.05073 82  PRO A C   
605 O O   . PRO A 83 ? 0.52677 0.45348 0.36594 0.03549  -0.09509 -0.04499 82  PRO A O   
606 C CB  . PRO A 83 ? 0.52339 0.40882 0.32683 0.02434  -0.13531 -0.06114 82  PRO A CB  
607 C CG  . PRO A 83 ? 0.55155 0.46261 0.39477 0.00854  -0.14388 -0.05979 82  PRO A CG  
608 C CD  . PRO A 83 ? 0.48313 0.39369 0.33959 -0.00120 -0.13464 -0.05852 82  PRO A CD  
609 N N   . ASP A 84 ? 0.59552 0.48283 0.38211 0.05025  -0.08694 -0.05159 83  ASP A N   
610 C CA  . ASP A 84 ? 0.57554 0.47389 0.36113 0.05939  -0.06963 -0.04507 83  ASP A CA  
611 C C   . ASP A 84 ? 0.52127 0.43756 0.33486 0.05668  -0.05616 -0.04040 83  ASP A C   
612 O O   . ASP A 84 ? 0.49603 0.42474 0.31551 0.06125  -0.04257 -0.03450 83  ASP A O   
613 C CB  . ASP A 84 ? 0.54287 0.45292 0.33249 0.05997  -0.07208 -0.03887 83  ASP A CB  
614 C CG  . ASP A 84 ? 0.66008 0.55248 0.42219 0.06252  -0.08868 -0.04288 83  ASP A CG  
615 O OD1 . ASP A 84 ? 0.66321 0.53129 0.39072 0.06863  -0.09062 -0.04911 83  ASP A OD1 
616 O OD2 . ASP A 84 ? 0.63490 0.53697 0.40887 0.05966  -0.10045 -0.04039 83  ASP A OD2 
617 N N   . SER A 85 ? 0.49605 0.41261 0.32501 0.04849  -0.06032 -0.04237 84  SER A N   
618 C CA  . SER A 85 ? 0.49926 0.42630 0.34643 0.04777  -0.04891 -0.03881 84  SER A CA  
619 C C   . SER A 85 ? 0.46370 0.37201 0.29199 0.05714  -0.04479 -0.04370 84  SER A C   
620 O O   . SER A 85 ? 0.51499 0.39935 0.32442 0.05691  -0.05504 -0.05050 84  SER A O   
621 C CB  . SER A 85 ? 0.40912 0.34469 0.27991 0.03409  -0.05425 -0.03740 84  SER A CB  
622 O OG  . SER A 85 ? 0.48095 0.41800 0.36026 0.03412  -0.04613 -0.03504 84  SER A OG  
623 N N   . PRO A 86 ? 0.46331 0.38137 0.29663 0.06592  -0.03100 -0.04104 85  PRO A N   
624 C CA  . PRO A 86 ? 0.41093 0.35415 0.26656 0.06529  -0.01918 -0.03332 85  PRO A CA  
625 C C   . PRO A 86 ? 0.40614 0.35900 0.25686 0.06764  -0.01302 -0.02878 85  PRO A C   
626 O O   . PRO A 86 ? 0.47000 0.41359 0.29704 0.07607  -0.00932 -0.03112 85  PRO A O   
627 C CB  . PRO A 86 ? 0.50105 0.44676 0.35827 0.07565  -0.00930 -0.03445 85  PRO A CB  
628 C CG  . PRO A 86 ? 0.47795 0.39782 0.31269 0.08321  -0.01598 -0.04308 85  PRO A CG  
629 C CD  . PRO A 86 ? 0.50821 0.41039 0.32118 0.07957  -0.02670 -0.04726 85  PRO A CD  
630 N N   . PHE A 87 ? 0.41944 0.38850 0.29003 0.06065  -0.01138 -0.02222 86  PHE A N   
631 C CA  . PHE A 87 ? 0.40412 0.37973 0.27122 0.06157  -0.00589 -0.01610 86  PHE A CA  
632 C C   . PHE A 87 ? 0.40957 0.39904 0.28655 0.06361  0.00892  -0.01081 86  PHE A C   
633 O O   . PHE A 87 ? 0.37411 0.37540 0.27329 0.05989  0.01150  -0.00916 86  PHE A O   
634 C CB  . PHE A 87 ? 0.38107 0.36466 0.26478 0.05414  -0.01294 -0.01256 86  PHE A CB  
635 C CG  . PHE A 87 ? 0.39383 0.37139 0.27553 0.05097  -0.02777 -0.01724 86  PHE A CG  
636 C CD1 . PHE A 87 ? 0.38831 0.36954 0.28545 0.04387  -0.03371 -0.02096 86  PHE A CD1 
637 C CD2 . PHE A 87 ? 0.40935 0.37855 0.27455 0.05399  -0.03637 -0.01720 86  PHE A CD2 
638 C CE1 . PHE A 87 ? 0.40251 0.38281 0.30269 0.03860  -0.04720 -0.02492 86  PHE A CE1 
639 C CE2 . PHE A 87 ? 0.47444 0.44193 0.34221 0.05057  -0.05208 -0.02183 86  PHE A CE2 
640 C CZ  . PHE A 87 ? 0.44227 0.41751 0.33006 0.04216  -0.05705 -0.02577 86  PHE A CZ  
641 N N   . VAL A 88 ? 0.34181 0.33064 0.20255 0.06835  0.01845  -0.00770 87  VAL A N   
642 C CA  . VAL A 88 ? 0.36517 0.37113 0.23876 0.06806  0.03298  -0.00208 87  VAL A CA  
643 C C   . VAL A 88 ? 0.43241 0.44205 0.31235 0.05952  0.03400  0.00698  87  VAL A C   
644 O O   . VAL A 88 ? 0.38369 0.38061 0.24325 0.05933  0.03099  0.01022  87  VAL A O   
645 C CB  . VAL A 88 ? 0.46799 0.47461 0.32241 0.07719  0.04606  -0.00345 87  VAL A CB  
646 C CG1 . VAL A 88 ? 0.32610 0.35640 0.19975 0.07460  0.06157  0.00314  87  VAL A CG1 
647 C CG2 . VAL A 88 ? 0.49308 0.49158 0.33982 0.08777  0.04320  -0.01391 87  VAL A CG2 
648 N N   . VAL A 89 ? 0.34958 0.37320 0.25527 0.05292  0.03641  0.01079  88  VAL A N   
649 C CA  . VAL A 89 ? 0.36243 0.38502 0.27509 0.04477  0.03428  0.01774  88  VAL A CA  
650 C C   . VAL A 89 ? 0.37190 0.40891 0.29857 0.03852  0.04560  0.02462  88  VAL A C   
651 O O   . VAL A 89 ? 0.33102 0.38358 0.27922 0.03760  0.04801  0.02270  88  VAL A O   
652 C CB  . VAL A 89 ? 0.42993 0.45247 0.35934 0.04135  0.02347  0.01448  88  VAL A CB  
653 C CG1 . VAL A 89 ? 0.35298 0.37119 0.28744 0.03535  0.02063  0.02013  88  VAL A CG1 
654 C CG2 . VAL A 89 ? 0.36163 0.37535 0.28278 0.04533  0.01291  0.00768  88  VAL A CG2 
655 N N   . PRO A 90 ? 0.34641 0.37888 0.26169 0.03329  0.05219  0.03314  89  PRO A N   
656 C CA  . PRO A 90 ? 0.30767 0.35431 0.23963 0.02342  0.06163  0.04065  89  PRO A CA  
657 C C   . PRO A 90 ? 0.32009 0.36024 0.26532 0.01459  0.05255  0.04346  89  PRO A C   
658 O O   . PRO A 90 ? 0.26690 0.28677 0.19845 0.01371  0.04437  0.04567  89  PRO A O   
659 C CB  . PRO A 90 ? 0.31558 0.35447 0.22364 0.02001  0.07218  0.04942  89  PRO A CB  
660 C CG  . PRO A 90 ? 0.31486 0.32739 0.19518 0.02529  0.06125  0.04853  89  PRO A CG  
661 C CD  . PRO A 90 ? 0.29894 0.31122 0.18360 0.03508  0.05040  0.03708  89  PRO A CD  
662 N N   . VAL A 91 ? 0.33626 0.39246 0.30714 0.00939  0.05282  0.04259  90  VAL A N   
663 C CA  . VAL A 91 ? 0.32664 0.37549 0.30798 0.00084  0.04464  0.04441  90  VAL A CA  
664 C C   . VAL A 91 ? 0.31965 0.37637 0.31050 -0.01243 0.05204  0.05352  90  VAL A C   
665 O O   . VAL A 91 ? 0.30328 0.38504 0.31217 -0.01476 0.06087  0.05454  90  VAL A O   
666 C CB  . VAL A 91 ? 0.34844 0.40531 0.34753 0.00340  0.03701  0.03669  90  VAL A CB  
667 C CG1 . VAL A 91 ? 0.28307 0.32838 0.28724 -0.00401 0.02825  0.03709  90  VAL A CG1 
668 C CG2 . VAL A 91 ? 0.24650 0.29800 0.23614 0.01442  0.03222  0.02884  90  VAL A CG2 
669 N N   . ALA A 92 ? 0.29509 0.33033 0.27373 -0.02086 0.04833  0.06022  91  ALA A N   
670 C CA  . ALA A 92 ? 0.34499 0.38014 0.32833 -0.03688 0.05349  0.07038  91  ALA A CA  
671 C C   . ALA A 92 ? 0.41022 0.43647 0.40642 -0.04573 0.04207  0.06915  91  ALA A C   
672 O O   . ALA A 92 ? 0.37950 0.39247 0.37262 -0.03837 0.03089  0.06152  91  ALA A O   
673 C CB  . ALA A 92 ? 0.37908 0.38783 0.33231 -0.04080 0.05597  0.07985  91  ALA A CB  
674 N N   . SER A 93 ? 0.37195 0.40679 0.38272 -0.06219 0.04546  0.07647  92  SER A N   
675 C CA  . SER A 93 ? 0.43936 0.45884 0.45643 -0.07359 0.03363  0.07672  92  SER A CA  
676 C C   . SER A 93 ? 0.48880 0.46583 0.47640 -0.07234 0.02470  0.07871  92  SER A C   
677 O O   . SER A 93 ? 0.46915 0.43039 0.43434 -0.07153 0.02963  0.08583  92  SER A O   
678 C CB  . SER A 93 ? 0.38179 0.41698 0.41829 -0.09447 0.03919  0.08619  92  SER A CB  
679 O OG  . SER A 93 ? 0.51234 0.58537 0.58279 -0.09540 0.04050  0.08177  92  SER A OG  
680 N N   . PRO A 94 ? 0.51066 0.46690 0.49536 -0.07099 0.01121  0.07237  93  PRO A N   
681 C CA  . PRO A 94 ? 0.56614 0.48252 0.52377 -0.06576 0.00220  0.07255  93  PRO A CA  
682 C C   . PRO A 94 ? 0.56808 0.45879 0.51048 -0.08207 0.00243  0.08543  93  PRO A C   
683 O O   . PRO A 94 ? 0.56276 0.46592 0.51927 -0.10074 0.00763  0.09318  93  PRO A O   
684 C CB  . PRO A 94 ? 0.53056 0.43424 0.49106 -0.06186 -0.01035 0.06204  93  PRO A CB  
685 C CG  . PRO A 94 ? 0.50746 0.43413 0.49236 -0.07432 -0.01033 0.06146  93  PRO A CG  
686 C CD  . PRO A 94 ? 0.48054 0.44637 0.48403 -0.07369 0.00298  0.06466  93  PRO A CD  
687 N N   . SER A 95 ? 0.60952 0.46430 0.52325 -0.07501 -0.00378 0.08806  94  SER A N   
688 C CA  . SER A 95 ? 0.68369 0.50102 0.57510 -0.08893 -0.00768 0.09989  94  SER A CA  
689 C C   . SER A 95 ? 0.70657 0.49089 0.59244 -0.09186 -0.02329 0.09460  94  SER A C   
690 O O   . SER A 95 ? 0.64088 0.43389 0.53975 -0.08325 -0.02951 0.08188  94  SER A O   
691 C CB  . SER A 95 ? 0.78131 0.57051 0.64037 -0.07764 -0.00963 0.10521  94  SER A CB  
692 O OG  . SER A 95 ? 0.81211 0.58040 0.66146 -0.05751 -0.02324 0.09429  94  SER A OG  
693 N N   . GLY A 96 ? 0.70742 0.44935 0.56933 -0.10365 -0.02993 0.10447  95  GLY A N   
694 C CA  . GLY A 96 ? 0.71419 0.41244 0.56075 -0.10323 -0.04669 0.09933  95  GLY A CA  
695 C C   . GLY A 96 ? 0.74793 0.45504 0.61511 -0.11697 -0.05200 0.09346  95  GLY A C   
696 O O   . GLY A 96 ? 0.86232 0.61224 0.75900 -0.12767 -0.04305 0.09436  95  GLY A O   
697 N N   . ALA B 1  ? 0.37386 0.61817 0.57994 0.06906  -0.00664 0.00440  101 ALA B N   
698 C CA  . ALA B 1  ? 0.40774 0.63282 0.59290 0.08755  -0.00666 -0.00159 101 ALA B CA  
699 C C   . ALA B 1  ? 0.33820 0.52421 0.48402 0.08181  -0.00451 -0.00138 101 ALA B C   
700 O O   . ALA B 1  ? 0.34671 0.52332 0.48419 0.06586  -0.00342 0.00293  101 ALA B O   
701 C CB  . ALA B 1  ? 0.37474 0.59258 0.56305 0.09984  -0.02531 -0.00511 101 ALA B CB  
702 N N   . ARG B 2  ? 0.24304 0.40695 0.36621 0.09487  -0.00466 -0.00637 102 ARG B N   
703 C CA  . ARG B 2  ? 0.28850 0.42266 0.37965 0.09023  -0.00060 -0.00683 102 ARG B CA  
704 C C   . ARG B 2  ? 0.32131 0.42419 0.39127 0.08371  -0.01387 -0.00610 102 ARG B C   
705 O O   . ARG B 2  ? 0.26774 0.35551 0.33026 0.09232  -0.02524 -0.00839 102 ARG B O   
706 C CB  . ARG B 2  ? 0.37328 0.49799 0.44893 0.10550  0.00600  -0.01288 102 ARG B CB  
707 C CG  . ARG B 2  ? 0.35749 0.47217 0.41307 0.09925  0.01723  -0.01230 102 ARG B CG  
708 C CD  . ARG B 2  ? 0.39437 0.53818 0.46447 0.09738  0.03369  -0.00941 102 ARG B CD  
709 N NE  . ARG B 2  ? 0.40826 0.54045 0.45879 0.08792  0.04094  -0.00640 102 ARG B NE  
710 C CZ  . ARG B 2  ? 0.48734 0.59828 0.51048 0.09339  0.04286  -0.01047 102 ARG B CZ  
711 N NH1 . ARG B 2  ? 0.49881 0.59561 0.50880 0.10791  0.03940  -0.01811 102 ARG B NH1 
712 N NH2 . ARG B 2  ? 0.43899 0.53999 0.44618 0.08428  0.04641  -0.00708 102 ARG B NH2 
713 N N   . ILE B 3  ? 0.21775 0.31040 0.27688 0.06909  -0.01196 -0.00281 103 ILE B N   
714 C CA  . ILE B 3  ? 0.26766 0.33379 0.30596 0.06149  -0.02021 -0.00209 103 ILE B CA  
715 C C   . ILE B 3  ? 0.29340 0.34218 0.31123 0.05914  -0.01476 -0.00366 103 ILE B C   
716 O O   . ILE B 3  ? 0.26814 0.32519 0.28756 0.05669  -0.00553 -0.00324 103 ILE B O   
717 C CB  . ILE B 3  ? 0.29524 0.36421 0.33797 0.04810  -0.02301 0.00145  103 ILE B CB  
718 C CG1 . ILE B 3  ? 0.25589 0.34544 0.32230 0.04877  -0.02939 0.00284  103 ILE B CG1 
719 C CG2 . ILE B 3  ? 0.28568 0.32938 0.30611 0.04191  -0.03011 0.00170  103 ILE B CG2 
720 C CD1 . ILE B 3  ? 0.19924 0.28019 0.26294 0.05672  -0.04340 0.00161  103 ILE B CD1 
721 N N   . LYS B 4  ? 0.30072 0.32453 0.29870 0.05883  -0.02155 -0.00492 104 LYS B N   
722 C CA  . LYS B 4  ? 0.29792 0.30492 0.27805 0.05372  -0.01925 -0.00629 104 LYS B CA  
723 C C   . LYS B 4  ? 0.29629 0.29074 0.26614 0.04123  -0.02276 -0.00366 104 LYS B C   
724 O O   . LYS B 4  ? 0.34261 0.32075 0.30128 0.04024  -0.03040 -0.00233 104 LYS B O   
725 C CB  . LYS B 4  ? 0.29800 0.28529 0.26276 0.06298  -0.02343 -0.01033 104 LYS B CB  
726 C CG  . LYS B 4  ? 0.35176 0.32504 0.30109 0.05784  -0.02173 -0.01263 104 LYS B CG  
727 C CD  . LYS B 4  ? 0.47016 0.41736 0.40062 0.06645  -0.02852 -0.01719 104 LYS B CD  
728 C CE  . LYS B 4  ? 0.54959 0.48363 0.46531 0.06225  -0.02843 -0.02071 104 LYS B CE  
729 N NZ  . LYS B 4  ? 0.65173 0.57380 0.55502 0.07802  -0.02919 -0.02764 104 LYS B NZ  
730 N N   . ALA B 5  ? 0.22845 0.22937 0.20024 0.03248  -0.01703 -0.00294 105 ALA B N   
731 C CA  . ALA B 5  ? 0.27553 0.26883 0.23914 0.02175  -0.01755 -0.00139 105 ALA B CA  
732 C C   . ALA B 5  ? 0.30185 0.28893 0.25812 0.01570  -0.01524 -0.00278 105 ALA B C   
733 O O   . ALA B 5  ? 0.24688 0.24314 0.20932 0.01699  -0.01157 -0.00457 105 ALA B O   
734 C CB  . ALA B 5  ? 0.20914 0.21556 0.18241 0.01747  -0.01387 -0.00043 105 ALA B CB  
735 N N   . ILE B 6  ? 0.37422 0.34535 0.31683 0.00819  -0.01814 -0.00147 106 ILE B N   
736 C CA  . ILE B 6  ? 0.35017 0.31602 0.28781 -0.00032 -0.01730 -0.00234 106 ILE B CA  
737 C C   . ILE B 6  ? 0.36698 0.33905 0.30507 -0.01208 -0.01180 -0.00053 106 ILE B C   
738 O O   . ILE B 6  ? 0.37922 0.34160 0.30598 -0.01642 -0.01199 0.00253  106 ILE B O   
739 C CB  . ILE B 6  ? 0.36947 0.30932 0.28963 -0.00138 -0.02483 -0.00194 106 ILE B CB  
740 C CG1 . ILE B 6  ? 0.33815 0.27139 0.25647 0.01376  -0.02952 -0.00497 106 ILE B CG1 
741 C CG2 . ILE B 6  ? 0.40507 0.34085 0.32268 -0.01279 -0.02517 -0.00294 106 ILE B CG2 
742 C CD1 . ILE B 6  ? 0.44007 0.36049 0.35114 0.02201  -0.03595 -0.00320 106 ILE B CD1 
743 N N   . ASN B 7  ? 0.39637 0.38441 0.34631 -0.01661 -0.00708 -0.00264 107 ASN B N   
744 C CA  . ASN B 7  ? 0.34272 0.34021 0.29533 -0.02709 -0.00020 -0.00189 107 ASN B CA  
745 C C   . ASN B 7  ? 0.36525 0.36874 0.32469 -0.03671 -0.00030 -0.00288 107 ASN B C   
746 O O   . ASN B 7  ? 0.32883 0.33641 0.29590 -0.03298 -0.00508 -0.00575 107 ASN B O   
747 C CB  . ASN B 7  ? 0.34877 0.36540 0.31385 -0.02202 0.00623  -0.00437 107 ASN B CB  
748 C CG  . ASN B 7  ? 0.43713 0.46043 0.39938 -0.02963 0.01499  -0.00426 107 ASN B CG  
749 O OD1 . ASN B 7  ? 0.48163 0.49306 0.42880 -0.03897 0.01684  -0.00077 107 ASN B OD1 
750 N ND2 . ASN B 7  ? 0.44891 0.48936 0.42323 -0.02495 0.02068  -0.00812 107 ASN B ND2 
751 N N   . THR B 8  ? 0.48646 0.49043 0.44220 -0.05015 0.00485  -0.00025 108 THR B N   
752 C CA  . THR B 8  ? 0.46026 0.46953 0.42306 -0.06364 0.00430  0.00003  108 THR B CA  
753 C C   . THR B 8  ? 0.47510 0.51542 0.45784 -0.07039 0.01531  -0.00147 108 THR B C   
754 O O   . THR B 8  ? 0.53994 0.58662 0.51903 -0.07033 0.02517  -0.00068 108 THR B O   
755 C CB  . THR B 8  ? 0.42243 0.40360 0.36301 -0.07668 0.00092  0.00562  108 THR B CB  
756 O OG1 . THR B 8  ? 0.36879 0.32243 0.29361 -0.06764 -0.01054 0.00522  108 THR B OG1 
757 C CG2 . THR B 8  ? 0.59118 0.57918 0.54094 -0.09436 0.00064  0.00654  108 THR B CG2 
758 N N   . PHE B 9  ? 0.44466 0.50489 0.44862 -0.07476 0.01294  -0.00448 109 PHE B N   
759 C CA  . PHE B 9  ? 0.50857 0.60324 0.53730 -0.08095 0.02245  -0.00665 109 PHE B CA  
760 C C   . PHE B 9  ? 0.60961 0.71376 0.65338 -0.09531 0.01600  -0.00669 109 PHE B C   
761 O O   . PHE B 9  ? 0.54650 0.63096 0.58186 -0.09572 0.00279  -0.00706 109 PHE B O   
762 C CB  . PHE B 9  ? 0.49762 0.61531 0.54509 -0.06396 0.02421  -0.01266 109 PHE B CB  
763 C CG  . PHE B 9  ? 0.48693 0.64310 0.56333 -0.06607 0.03333  -0.01654 109 PHE B CG  
764 C CD1 . PHE B 9  ? 0.59028 0.76066 0.66979 -0.07949 0.04721  -0.01443 109 PHE B CD1 
765 C CD2 . PHE B 9  ? 0.49338 0.67158 0.59289 -0.05326 0.02856  -0.02232 109 PHE B CD2 
766 C CE1 . PHE B 9  ? 0.61379 0.82463 0.72344 -0.07982 0.05727  -0.01890 109 PHE B CE1 
767 C CE2 . PHE B 9  ? 0.55706 0.77272 0.68586 -0.05200 0.03611  -0.02689 109 PHE B CE2 
768 C CZ  . PHE B 9  ? 0.61998 0.85442 0.75589 -0.06492 0.05122  -0.02567 109 PHE B CZ  
769 N N   . PHE B 10 ? 0.73233 0.86713 0.79823 -0.10743 0.02556  -0.00671 110 PHE B N   
770 C CA  . PHE B 10 ? 0.71016 0.86002 0.79560 -0.12497 0.02034  -0.00632 110 PHE B CA  
771 C C   . PHE B 10 ? 0.73136 0.92592 0.85589 -0.11712 0.02069  -0.01313 110 PHE B C   
772 O O   . PHE B 10 ? 0.74057 0.96700 0.88405 -0.11491 0.03520  -0.01509 110 PHE B O   
773 C CB  . PHE B 10 ? 0.68900 0.83697 0.76729 -0.14847 0.03166  0.00086  110 PHE B CB  
774 C CG  . PHE B 10 ? 0.83825 0.93972 0.87428 -0.15098 0.03119  0.00756  110 PHE B CG  
775 C CD1 . PHE B 10 ? 0.79449 0.85603 0.80749 -0.15376 0.01546  0.00972  110 PHE B CD1 
776 C CD2 . PHE B 10 ? 0.89075 0.98660 0.90847 -0.14767 0.04473  0.01066  110 PHE B CD2 
777 C CE1 . PHE B 10 ? 0.82626 0.84549 0.80220 -0.15286 0.01301  0.01518  110 PHE B CE1 
778 C CE2 . PHE B 10 ? 0.87166 0.92451 0.85083 -0.14822 0.04133  0.01668  110 PHE B CE2 
779 C CZ  . PHE B 10 ? 0.94455 0.96014 0.90447 -0.15031 0.02527  0.01906  110 PHE B CZ  
780 N N   . ALA B 11 ? 0.62868 0.82298 0.76208 -0.10998 0.00415  -0.01733 111 ALA B N   
781 C CA  . ALA B 11 ? 0.65534 0.88738 0.82350 -0.10018 -0.00046 -0.02377 111 ALA B CA  
782 C C   . ALA B 11 ? 0.69378 0.96112 0.89564 -0.12025 0.00000  -0.02391 111 ALA B C   
783 O O   . ALA B 11 ? 0.62219 0.87750 0.82190 -0.13639 -0.01251 -0.02219 111 ALA B O   
784 C CB  . ALA B 11 ? 0.64530 0.86033 0.80531 -0.08672 -0.01941 -0.02725 111 ALA B CB  
785 N N   . LYS B 12 ? 0.70474 1.01602 0.93826 -0.11920 0.01420  -0.02645 112 LYS B N   
786 C CA  . LYS B 12 ? 0.70538 1.05631 0.97311 -0.14085 0.02129  -0.02533 112 LYS B CA  
787 C C   . LYS B 12 ? 0.73661 1.12027 1.04343 -0.14137 0.00370  -0.03091 112 LYS B C   
788 O O   . LYS B 12 ? 0.68580 1.06922 0.99674 -0.12049 -0.01046 -0.03657 112 LYS B O   
789 C CB  . LYS B 12 ? 0.70127 1.08864 0.98691 -0.13681 0.04568  -0.02690 112 LYS B CB  
790 C CG  . LYS B 12 ? 0.69511 1.10270 0.99459 -0.16018 0.06115  -0.02097 112 LYS B CG  
791 C CD  . LYS B 12 ? 0.68446 1.10764 0.98241 -0.14962 0.08574  -0.02158 112 LYS B CD  
792 C CE  . LYS B 12 ? 0.73779 1.18053 1.05034 -0.16736 0.10131  -0.01531 112 LYS B CE  
793 N NZ  . LYS B 12 ? 0.67993 1.13928 0.99091 -0.15460 0.12460  -0.01726 112 LYS B NZ  
794 N N   . ASN B 13 ? 0.78201 1.18848 1.11418 -0.16530 0.00354  -0.02812 113 ASN B N   
795 C CA  . ASN B 13 ? 0.78783 1.22393 1.15957 -0.16414 -0.01172 -0.03179 113 ASN B CA  
796 C C   . ASN B 13 ? 0.82779 1.30620 1.23708 -0.16695 0.00594  -0.02992 113 ASN B C   
797 O O   . ASN B 13 ? 0.86635 1.34375 1.26567 -0.17756 0.02773  -0.02434 113 ASN B O   
798 C CB  . ASN B 13 ? 0.82663 1.23903 1.19147 -0.18602 -0.03219 -0.02949 113 ASN B CB  
799 C CG  . ASN B 13 ? 0.76656 1.20754 1.17159 -0.18491 -0.05093 -0.03387 113 ASN B CG  
800 O OD1 . ASN B 13 ? 0.75626 1.21922 1.18054 -0.16277 -0.05959 -0.03946 113 ASN B OD1 
801 N ND2 . ASN B 13 ? 0.73004 1.16796 1.14638 -0.20865 -0.05832 -0.03113 113 ASN B ND2 
802 O O   . HOH C .  ? 0.52990 0.49044 0.36429 0.11312  0.02448  -0.04098 201 HOH A O   
803 O O   . HOH C .  ? 0.68523 0.44857 0.61163 -0.14084 -0.05810 0.08014  202 HOH A O   
804 O O   . HOH C .  ? 0.41026 0.37901 0.32632 0.07367  -0.00721 -0.02613 203 HOH A O   
805 O O   . HOH C .  ? 0.25424 0.26783 0.25178 0.00585  0.00376  0.01719  204 HOH A O   
806 O O   . HOH C .  ? 0.35426 0.32226 0.31341 0.01984  -0.00500 0.02466  205 HOH A O   
807 O O   . HOH C .  ? 0.37054 0.30614 0.30640 -0.07837 -0.05017 -0.01199 206 HOH A O   
808 O O   . HOH C .  ? 0.25172 0.33595 0.32133 0.00898  -0.03703 0.00872  207 HOH A O   
809 O O   . HOH C .  ? 0.45072 0.32172 0.36088 -0.11744 -0.13695 -0.04223 208 HOH A O   
810 O O   . HOH C .  ? 0.56263 0.49742 0.49546 -0.10164 -0.03642 -0.00046 209 HOH A O   
811 O O   . HOH C .  ? 0.36868 0.43570 0.42823 -0.00931 -0.03520 0.00983  210 HOH A O   
812 O O   . HOH D .  ? 0.31170 0.63911 0.59011 0.04737  0.01440  0.01420  201 HOH B O   
# 
